data_3DBJ
#
_entry.id   3DBJ
#
_cell.length_a   102.597
_cell.length_b   102.597
_cell.length_c   128.860
_cell.angle_alpha   90.00
_cell.angle_beta   90.00
_cell.angle_gamma   120.00
#
_symmetry.space_group_name_H-M   'P 3'
#
loop_
_entity.id
_entity.type
_entity.pdbx_description
1 polymer Allophycocyanin
2 polymer Allophycocyanin
3 non-polymer PHYCOCYANOBILIN
4 water water
#
loop_
_entity_poly.entity_id
_entity_poly.type
_entity_poly.pdbx_seq_one_letter_code
_entity_poly.pdbx_strand_id
1 'polypeptide(L)'
;MSVVTKSIVNADAEARYLSPGELDRIKNFVSTGERRLRIAQTLTENRERIVKQAGDQLFQKRPDVVSPGGNAYGEEMTAT
CLRDLDYYLRLVTYGIVAGDVTPIEEIGLVGVREMYNSLGTPIPAVAEGIRAMKNVACSLLSAEDAAEAGSYFDFVIGAM
Q
;
A,C,E,G
2 'polypeptide(L)'
;MQDAITAVINASDVQGKYLDTAAMEKLKAYFATGELRVRAASVISANAANIVKEAVAKSLLYSDITRPGG(MEN)MYTTR
RYAACIRDLDYYLRYATYAMLAGDPSILDERVLNGLKETYNSLGVPIAATVQAIQAMKEVTASLVGADAGKEMGIYFDYI
CSGLS
;
B,D,F,H
#
loop_
_chem_comp.id
_chem_comp.type
_chem_comp.name
_chem_comp.formula
CYC non-polymer PHYCOCYANOBILIN 'C33 H40 N4 O6'
#
# COMPACT_ATOMS: atom_id res chain seq x y z
N SER A 2 18.23 -4.62 12.73
CA SER A 2 18.16 -4.24 14.18
C SER A 2 19.14 -5.06 15.01
N VAL A 3 18.97 -5.02 16.33
CA VAL A 3 19.82 -5.80 17.23
C VAL A 3 19.11 -7.13 17.50
N VAL A 4 17.78 -7.11 17.28
CA VAL A 4 16.95 -8.30 17.45
C VAL A 4 17.51 -9.29 16.44
N THR A 5 17.60 -8.82 15.20
CA THR A 5 18.10 -9.62 14.11
C THR A 5 19.58 -10.00 14.30
N LYS A 6 20.41 -9.05 14.76
CA LYS A 6 21.83 -9.35 14.97
C LYS A 6 22.08 -10.27 16.16
N SER A 7 21.13 -10.35 17.07
CA SER A 7 21.28 -11.21 18.25
C SER A 7 20.93 -12.65 17.87
N ILE A 8 19.76 -12.83 17.25
CA ILE A 8 19.31 -14.14 16.83
C ILE A 8 20.42 -14.85 16.09
N VAL A 9 20.98 -14.19 15.09
CA VAL A 9 22.06 -14.76 14.30
C VAL A 9 23.20 -15.27 15.17
N ASN A 10 23.75 -14.39 16.01
CA ASN A 10 24.85 -14.75 16.90
C ASN A 10 24.45 -15.93 17.78
N ALA A 11 23.22 -15.89 18.28
CA ALA A 11 22.72 -16.94 19.15
C ALA A 11 22.59 -18.30 18.48
N ASP A 12 22.12 -18.31 17.23
CA ASP A 12 21.95 -19.55 16.48
C ASP A 12 23.32 -20.16 16.15
N ALA A 13 24.36 -19.33 16.19
CA ALA A 13 25.71 -19.76 15.91
C ALA A 13 26.25 -20.56 17.09
N GLU A 14 25.76 -20.27 18.28
CA GLU A 14 26.21 -21.01 19.45
C GLU A 14 25.10 -22.00 19.84
N ALA A 15 24.11 -22.11 18.95
CA ALA A 15 22.95 -23.00 19.12
C ALA A 15 22.29 -22.88 20.48
N ARG A 16 21.93 -21.65 20.87
CA ARG A 16 21.30 -21.45 22.17
C ARG A 16 20.29 -20.31 22.22
N TYR A 17 19.43 -20.34 23.25
CA TYR A 17 18.42 -19.31 23.43
C TYR A 17 19.15 -18.00 23.75
N LEU A 18 18.59 -16.87 23.32
CA LEU A 18 19.24 -15.58 23.56
C LEU A 18 19.64 -15.43 25.03
N SER A 19 20.87 -14.97 25.26
CA SER A 19 21.37 -14.76 26.62
C SER A 19 20.62 -13.62 27.26
N PRO A 20 20.56 -13.59 28.60
CA PRO A 20 19.83 -12.47 29.21
C PRO A 20 20.32 -11.09 28.74
N GLY A 21 21.63 -10.97 28.55
CA GLY A 21 22.22 -9.71 28.12
C GLY A 21 21.72 -9.24 26.76
N GLU A 22 21.56 -10.17 25.83
CA GLU A 22 21.06 -9.83 24.52
C GLU A 22 19.65 -9.30 24.69
N LEU A 23 18.80 -10.05 25.40
CA LEU A 23 17.41 -9.64 25.64
C LEU A 23 17.38 -8.28 26.30
N ASP A 24 18.30 -8.04 27.22
CA ASP A 24 18.37 -6.77 27.91
C ASP A 24 18.54 -5.69 26.83
N ARG A 25 19.24 -6.04 25.75
CA ARG A 25 19.47 -5.10 24.66
C ARG A 25 18.25 -4.86 23.78
N ILE A 26 17.68 -5.92 23.21
CA ILE A 26 16.51 -5.74 22.38
C ILE A 26 15.41 -5.07 23.18
N LYS A 27 15.49 -5.19 24.51
CA LYS A 27 14.50 -4.58 25.38
C LYS A 27 14.67 -3.08 25.40
N ASN A 28 15.90 -2.63 25.70
CA ASN A 28 16.18 -1.21 25.76
C ASN A 28 16.32 -0.57 24.39
N PHE A 29 16.14 -1.37 23.35
CA PHE A 29 16.26 -0.83 21.99
C PHE A 29 14.86 -0.56 21.45
N VAL A 30 13.90 -1.35 21.90
CA VAL A 30 12.52 -1.17 21.47
C VAL A 30 11.96 0.05 22.19
N SER A 31 12.61 0.42 23.29
CA SER A 31 12.17 1.55 24.09
C SER A 31 12.68 2.84 23.51
N THR A 32 13.61 2.73 22.56
CA THR A 32 14.19 3.90 21.94
C THR A 32 13.47 4.18 20.62
N GLY A 33 12.60 3.25 20.25
CA GLY A 33 11.87 3.35 19.00
C GLY A 33 11.12 4.62 18.67
N GLU A 34 10.14 4.97 19.49
CA GLU A 34 9.33 6.17 19.25
C GLU A 34 10.20 7.32 18.74
N ARG A 35 11.30 7.55 19.45
CA ARG A 35 12.24 8.61 19.09
C ARG A 35 12.82 8.36 17.71
N ARG A 36 13.50 7.23 17.54
CA ARG A 36 14.11 6.88 16.27
C ARG A 36 13.21 7.27 15.09
N LEU A 37 11.97 6.81 15.12
CA LEU A 37 11.03 7.10 14.06
C LEU A 37 10.81 8.61 13.90
N ARG A 38 10.85 9.35 15.00
CA ARG A 38 10.67 10.79 14.96
C ARG A 38 11.77 11.40 14.11
N ILE A 39 13.00 10.96 14.36
CA ILE A 39 14.18 11.43 13.63
C ILE A 39 14.07 11.13 12.14
N ALA A 40 13.69 9.90 11.81
CA ALA A 40 13.55 9.51 10.42
C ALA A 40 12.47 10.35 9.77
N GLN A 41 11.35 10.50 10.46
CA GLN A 41 10.23 11.28 9.96
C GLN A 41 10.62 12.72 9.65
N THR A 42 11.39 13.34 10.53
CA THR A 42 11.78 14.71 10.32
C THR A 42 12.70 14.85 9.10
N LEU A 43 13.63 13.91 8.93
CA LEU A 43 14.53 14.01 7.78
C LEU A 43 13.77 13.77 6.49
N THR A 44 12.81 12.85 6.55
CA THR A 44 12.04 12.54 5.36
C THR A 44 11.02 13.61 4.96
N GLU A 45 10.81 14.62 5.80
CA GLU A 45 9.88 15.70 5.46
C GLU A 45 10.67 16.86 4.86
N ASN A 46 11.96 16.87 5.14
CA ASN A 46 12.85 17.92 4.65
C ASN A 46 13.87 17.36 3.66
N ARG A 47 13.70 16.10 3.29
CA ARG A 47 14.60 15.45 2.33
C ARG A 47 14.84 16.33 1.11
N GLU A 48 13.78 17.01 0.68
CA GLU A 48 13.79 17.88 -0.49
C GLU A 48 14.85 18.99 -0.38
N ARG A 49 14.76 19.77 0.69
CA ARG A 49 15.71 20.85 0.91
C ARG A 49 17.10 20.34 1.29
N ILE A 50 17.16 19.48 2.32
CA ILE A 50 18.43 18.92 2.80
C ILE A 50 19.37 18.49 1.68
N VAL A 51 18.81 18.01 0.57
CA VAL A 51 19.62 17.58 -0.56
C VAL A 51 20.04 18.76 -1.43
N LYS A 52 19.13 19.71 -1.63
CA LYS A 52 19.41 20.86 -2.48
C LYS A 52 20.57 21.72 -2.01
N GLN A 53 20.44 22.36 -0.85
CA GLN A 53 21.54 23.20 -0.38
C GLN A 53 22.79 22.38 -0.15
N ALA A 54 22.61 21.18 0.38
CA ALA A 54 23.75 20.29 0.59
C ALA A 54 24.36 20.06 -0.77
N GLY A 55 23.51 20.14 -1.79
CA GLY A 55 23.96 19.95 -3.16
C GLY A 55 24.78 21.15 -3.62
N ASP A 56 24.36 22.35 -3.21
CA ASP A 56 25.09 23.56 -3.58
C ASP A 56 26.41 23.57 -2.82
N GLN A 57 26.33 23.41 -1.50
CA GLN A 57 27.51 23.39 -0.67
C GLN A 57 28.62 22.53 -1.25
N LEU A 58 28.25 21.46 -1.95
CA LEU A 58 29.26 20.58 -2.54
C LEU A 58 29.85 21.15 -3.81
N PHE A 59 28.97 21.60 -4.71
CA PHE A 59 29.39 22.16 -5.98
C PHE A 59 30.25 23.39 -5.79
N GLN A 60 30.20 23.96 -4.60
CA GLN A 60 31.02 25.14 -4.32
C GLN A 60 32.43 24.67 -3.96
N LYS A 61 32.50 23.69 -3.07
CA LYS A 61 33.78 23.16 -2.61
C LYS A 61 34.54 22.38 -3.68
N ARG A 62 33.81 21.82 -4.64
CA ARG A 62 34.40 21.04 -5.72
C ARG A 62 33.86 21.41 -7.10
N PRO A 63 34.09 22.66 -7.55
CA PRO A 63 33.63 23.13 -8.86
C PRO A 63 34.08 22.28 -10.06
N ASP A 64 35.08 21.43 -9.84
CA ASP A 64 35.55 20.51 -10.86
C ASP A 64 34.50 19.45 -11.17
N VAL A 65 33.66 19.15 -10.18
CA VAL A 65 32.58 18.18 -10.36
C VAL A 65 31.57 18.68 -11.37
N VAL A 66 31.28 19.98 -11.34
CA VAL A 66 30.17 20.55 -12.11
C VAL A 66 30.57 21.44 -13.29
N SER A 67 31.82 21.35 -13.72
CA SER A 67 32.30 22.14 -14.85
C SER A 67 32.76 21.23 -15.99
N PRO A 68 33.35 21.79 -17.07
CA PRO A 68 33.79 20.91 -18.15
C PRO A 68 34.77 19.82 -17.72
N GLY A 69 34.49 18.59 -18.14
CA GLY A 69 35.34 17.47 -17.79
C GLY A 69 35.19 16.68 -16.51
N GLY A 70 34.27 17.12 -15.66
CA GLY A 70 34.04 16.45 -14.38
C GLY A 70 32.74 15.69 -14.56
N ASN A 71 32.54 14.67 -13.73
CA ASN A 71 31.40 13.78 -13.87
C ASN A 71 30.04 14.47 -14.05
N ALA A 72 29.61 15.21 -13.04
CA ALA A 72 28.29 15.83 -13.05
C ALA A 72 28.31 17.14 -13.83
N TYR A 73 27.92 17.08 -15.10
CA TYR A 73 28.09 18.20 -16.01
C TYR A 73 26.84 18.42 -16.85
N GLY A 74 26.36 19.65 -16.87
CA GLY A 74 25.12 19.99 -17.56
C GLY A 74 23.99 19.49 -16.69
N GLU A 75 22.81 20.11 -16.78
CA GLU A 75 21.67 19.67 -15.96
C GLU A 75 21.54 18.16 -16.04
N GLU A 76 21.97 17.59 -17.16
CA GLU A 76 21.91 16.16 -17.39
C GLU A 76 22.55 15.23 -16.37
N MET A 77 23.88 15.32 -16.28
CA MET A 77 24.65 14.60 -15.30
C MET A 77 24.45 15.07 -13.87
N THR A 78 24.42 16.39 -13.67
CA THR A 78 24.24 16.94 -12.34
C THR A 78 22.94 16.47 -11.70
N ALA A 79 21.88 16.41 -12.49
CA ALA A 79 20.57 15.99 -11.99
C ALA A 79 20.64 14.62 -11.34
N THR A 80 21.44 13.73 -11.92
CA THR A 80 21.58 12.38 -11.39
C THR A 80 22.49 12.40 -10.16
N CYS A 81 23.50 13.26 -10.15
CA CYS A 81 24.39 13.34 -9.00
C CYS A 81 23.55 13.59 -7.77
N LEU A 82 22.65 14.56 -7.86
CA LEU A 82 21.80 14.85 -6.72
C LEU A 82 21.00 13.58 -6.41
N ARG A 83 20.42 12.97 -7.43
CA ARG A 83 19.70 11.71 -7.26
C ARG A 83 20.48 10.75 -6.37
N ASP A 84 21.75 10.54 -6.71
CA ASP A 84 22.61 9.67 -5.91
C ASP A 84 22.60 10.08 -4.44
N LEU A 85 22.57 11.39 -4.20
CA LEU A 85 22.60 11.92 -2.84
C LEU A 85 21.29 11.67 -2.09
N ASP A 86 20.18 11.69 -2.82
CA ASP A 86 18.88 11.44 -2.20
C ASP A 86 18.80 9.96 -1.89
N TYR A 87 19.45 9.14 -2.71
CA TYR A 87 19.49 7.70 -2.51
C TYR A 87 20.02 7.44 -1.11
N TYR A 88 21.17 8.02 -0.83
CA TYR A 88 21.79 7.85 0.48
C TYR A 88 21.00 8.46 1.64
N LEU A 89 20.26 9.54 1.43
CA LEU A 89 19.51 10.08 2.56
C LEU A 89 18.52 8.99 2.97
N ARG A 90 17.82 8.44 1.97
CA ARG A 90 16.83 7.39 2.22
C ARG A 90 17.43 6.22 2.98
N LEU A 91 18.66 5.83 2.65
CA LEU A 91 19.30 4.73 3.34
C LEU A 91 19.68 5.11 4.77
N VAL A 92 19.84 6.40 5.04
CA VAL A 92 20.18 6.84 6.39
C VAL A 92 18.94 6.65 7.28
N THR A 93 17.77 7.08 6.82
CA THR A 93 16.58 6.93 7.62
C THR A 93 16.38 5.46 7.93
N TYR A 94 16.80 4.60 7.01
CA TYR A 94 16.66 3.15 7.20
C TYR A 94 17.52 2.68 8.38
N GLY A 95 18.81 2.97 8.30
CA GLY A 95 19.71 2.57 9.35
C GLY A 95 19.22 3.05 10.71
N ILE A 96 18.75 4.29 10.75
CA ILE A 96 18.25 4.90 11.95
C ILE A 96 17.09 4.10 12.54
N VAL A 97 16.04 3.87 11.77
CA VAL A 97 14.90 3.11 12.25
C VAL A 97 15.27 1.72 12.76
N ALA A 98 16.27 1.12 12.11
CA ALA A 98 16.76 -0.22 12.45
C ALA A 98 17.67 -0.21 13.69
N GLY A 99 18.38 0.88 13.90
CA GLY A 99 19.28 0.95 15.03
C GLY A 99 20.50 0.16 14.63
N ASP A 100 20.61 -0.10 13.34
CA ASP A 100 21.70 -0.86 12.77
C ASP A 100 22.20 -0.14 11.54
N VAL A 101 23.36 -0.56 11.03
CA VAL A 101 23.93 0.05 9.84
C VAL A 101 23.85 -0.88 8.65
N THR A 102 23.56 -2.15 8.91
CA THR A 102 23.49 -3.14 7.85
C THR A 102 22.67 -2.69 6.64
N PRO A 103 21.41 -2.26 6.84
CA PRO A 103 20.64 -1.83 5.66
C PRO A 103 21.43 -0.92 4.69
N ILE A 104 22.23 -0.02 5.24
CA ILE A 104 23.03 0.85 4.41
C ILE A 104 24.08 0.01 3.68
N GLU A 105 24.78 -0.85 4.43
CA GLU A 105 25.81 -1.71 3.84
C GLU A 105 25.28 -2.51 2.66
N GLU A 106 24.29 -3.34 2.92
CA GLU A 106 23.72 -4.19 1.87
C GLU A 106 23.08 -3.45 0.71
N ILE A 107 22.45 -2.32 0.99
CA ILE A 107 21.78 -1.60 -0.08
C ILE A 107 22.68 -0.67 -0.93
N GLY A 108 23.64 0.00 -0.28
CA GLY A 108 24.50 0.90 -1.04
C GLY A 108 25.96 1.08 -0.62
N LEU A 109 26.61 0.00 -0.19
CA LEU A 109 27.97 0.09 0.31
C LEU A 109 28.80 -1.09 -0.18
N VAL A 110 28.15 -2.23 -0.39
CA VAL A 110 28.83 -3.44 -0.85
C VAL A 110 29.27 -3.28 -2.31
N GLY A 111 30.35 -2.53 -2.52
CA GLY A 111 30.93 -2.39 -3.85
C GLY A 111 30.63 -1.05 -4.48
N VAL A 112 30.50 -0.03 -3.64
CA VAL A 112 30.19 1.31 -4.12
C VAL A 112 31.31 1.72 -5.07
N ARG A 113 32.53 1.45 -4.63
CA ARG A 113 33.72 1.77 -5.39
C ARG A 113 33.76 1.07 -6.74
N GLU A 114 33.49 -0.23 -6.75
CA GLU A 114 33.49 -0.96 -8.01
C GLU A 114 32.56 -0.26 -9.01
N MET A 115 31.38 0.13 -8.52
CA MET A 115 30.38 0.83 -9.33
C MET A 115 30.83 2.17 -9.82
N TYR A 116 31.20 3.04 -8.88
CA TYR A 116 31.62 4.38 -9.24
C TYR A 116 32.87 4.44 -10.12
N ASN A 117 33.83 3.55 -9.90
CA ASN A 117 35.07 3.55 -10.71
C ASN A 117 34.75 3.33 -12.18
N SER A 118 33.77 2.47 -12.43
CA SER A 118 33.29 2.13 -13.76
C SER A 118 32.68 3.39 -14.40
N LEU A 119 32.08 4.26 -13.58
CA LEU A 119 31.46 5.49 -14.06
C LEU A 119 32.41 6.67 -14.03
N GLY A 120 33.61 6.45 -13.51
CA GLY A 120 34.61 7.50 -13.44
C GLY A 120 34.32 8.68 -12.52
N THR A 121 33.47 8.46 -11.53
CA THR A 121 33.11 9.54 -10.60
C THR A 121 33.99 9.50 -9.36
N PRO A 122 34.48 10.68 -8.93
CA PRO A 122 35.33 10.77 -7.75
C PRO A 122 34.56 10.38 -6.50
N ILE A 123 35.08 9.41 -5.75
CA ILE A 123 34.45 8.97 -4.51
C ILE A 123 34.64 10.02 -3.40
N PRO A 124 35.84 10.60 -3.29
CA PRO A 124 36.03 11.59 -2.24
C PRO A 124 35.07 12.74 -2.43
N ALA A 125 34.68 12.98 -3.68
CA ALA A 125 33.74 14.04 -3.99
C ALA A 125 32.36 13.64 -3.49
N VAL A 126 32.04 12.36 -3.65
CA VAL A 126 30.75 11.84 -3.22
C VAL A 126 30.70 11.93 -1.71
N ALA A 127 31.82 11.59 -1.08
CA ALA A 127 31.94 11.62 0.38
C ALA A 127 31.62 13.01 0.93
N GLU A 128 32.06 14.04 0.22
CA GLU A 128 31.79 15.40 0.64
C GLU A 128 30.32 15.74 0.41
N GLY A 129 29.68 15.02 -0.51
CA GLY A 129 28.27 15.25 -0.81
C GLY A 129 27.38 14.71 0.29
N ILE A 130 27.86 13.66 0.95
CA ILE A 130 27.10 13.04 2.03
C ILE A 130 27.39 13.82 3.32
N ARG A 131 28.62 14.30 3.44
CA ARG A 131 29.02 15.09 4.61
C ARG A 131 28.12 16.31 4.68
N ALA A 132 28.11 17.09 3.61
CA ALA A 132 27.27 18.28 3.57
C ALA A 132 25.86 17.99 4.09
N MET A 133 25.26 16.89 3.62
CA MET A 133 23.92 16.50 4.04
C MET A 133 23.83 16.36 5.55
N LYS A 134 24.76 15.60 6.12
CA LYS A 134 24.81 15.36 7.57
C LYS A 134 24.72 16.67 8.34
N ASN A 135 25.11 17.78 7.72
CA ASN A 135 25.05 19.06 8.41
C ASN A 135 23.71 19.74 8.19
N VAL A 136 23.18 19.67 6.97
CA VAL A 136 21.88 20.26 6.68
C VAL A 136 20.81 19.56 7.55
N ALA A 137 20.81 18.22 7.54
CA ALA A 137 19.85 17.43 8.31
C ALA A 137 20.03 17.59 9.82
N CYS A 138 21.28 17.54 10.28
CA CYS A 138 21.55 17.68 11.69
C CYS A 138 21.08 19.03 12.25
N SER A 139 21.00 20.03 11.39
CA SER A 139 20.56 21.36 11.82
C SER A 139 19.08 21.37 12.17
N LEU A 140 18.34 20.37 11.68
CA LEU A 140 16.92 20.25 11.93
C LEU A 140 16.62 19.39 13.15
N LEU A 141 17.66 18.87 13.78
CA LEU A 141 17.48 17.99 14.93
C LEU A 141 17.94 18.56 16.26
N SER A 142 17.45 17.96 17.34
CA SER A 142 17.80 18.38 18.69
C SER A 142 19.24 17.97 18.94
N ALA A 143 19.82 18.50 20.02
CA ALA A 143 21.20 18.21 20.38
C ALA A 143 21.54 16.72 20.35
N GLU A 144 20.64 15.88 20.86
CA GLU A 144 20.85 14.44 20.89
C GLU A 144 20.41 13.73 19.62
N ASP A 145 19.20 14.02 19.15
CA ASP A 145 18.70 13.40 17.92
C ASP A 145 19.69 13.66 16.79
N ALA A 146 20.62 14.58 17.02
CA ALA A 146 21.61 14.92 16.02
C ALA A 146 22.86 14.07 16.16
N ALA A 147 23.27 13.80 17.40
CA ALA A 147 24.47 13.00 17.64
C ALA A 147 24.28 11.61 17.06
N GLU A 148 23.19 10.96 17.46
CA GLU A 148 22.89 9.62 17.00
C GLU A 148 22.70 9.58 15.48
N ALA A 149 21.88 10.48 14.95
CA ALA A 149 21.63 10.52 13.52
C ALA A 149 22.94 10.78 12.82
N GLY A 150 23.87 11.42 13.54
CA GLY A 150 25.18 11.73 12.99
C GLY A 150 25.99 10.51 12.60
N SER A 151 25.94 9.49 13.46
CA SER A 151 26.66 8.25 13.21
C SER A 151 26.44 7.74 11.79
N TYR A 152 25.20 7.42 11.47
CA TYR A 152 24.84 6.89 10.16
C TYR A 152 25.39 7.68 8.96
N PHE A 153 25.67 8.96 9.16
CA PHE A 153 26.22 9.74 8.05
C PHE A 153 27.73 9.51 8.03
N ASP A 154 28.35 9.46 9.19
CA ASP A 154 29.80 9.26 9.27
C ASP A 154 30.21 7.87 8.78
N PHE A 155 29.41 6.86 9.11
CA PHE A 155 29.74 5.51 8.68
C PHE A 155 29.82 5.43 7.17
N VAL A 156 28.93 6.13 6.49
CA VAL A 156 28.95 6.12 5.03
C VAL A 156 30.24 6.75 4.53
N ILE A 157 30.39 8.06 4.71
CA ILE A 157 31.57 8.78 4.26
C ILE A 157 32.87 7.98 4.50
N GLY A 158 32.95 7.33 5.65
CA GLY A 158 34.13 6.55 5.98
C GLY A 158 34.37 5.36 5.09
N ALA A 159 33.33 4.93 4.40
CA ALA A 159 33.44 3.80 3.50
C ALA A 159 33.70 4.32 2.09
N MET A 160 33.45 5.61 1.89
CA MET A 160 33.61 6.24 0.60
C MET A 160 35.11 6.42 0.20
N GLN A 161 36.00 5.93 1.05
CA GLN A 161 37.41 6.08 0.83
C GLN A 161 38.20 4.81 0.47
N MET B 1 18.94 -12.84 7.45
CA MET B 1 17.65 -13.02 8.17
C MET B 1 16.86 -11.72 8.23
N GLN B 2 15.54 -11.83 8.36
CA GLN B 2 14.72 -10.64 8.43
C GLN B 2 13.86 -10.65 9.68
N ASP B 3 13.53 -9.44 10.14
CA ASP B 3 12.67 -9.28 11.28
C ASP B 3 11.57 -8.32 10.84
N ALA B 4 10.56 -8.14 11.68
CA ALA B 4 9.46 -7.26 11.35
C ALA B 4 9.91 -5.92 10.78
N ILE B 5 10.97 -5.34 11.34
CA ILE B 5 11.44 -4.03 10.87
C ILE B 5 12.20 -4.13 9.54
N THR B 6 13.30 -4.86 9.53
CA THR B 6 14.11 -5.02 8.32
C THR B 6 13.18 -5.43 7.19
N ALA B 7 12.07 -6.05 7.57
CA ALA B 7 11.08 -6.49 6.61
C ALA B 7 10.40 -5.27 6.00
N VAL B 8 9.99 -4.33 6.86
CA VAL B 8 9.31 -3.11 6.44
C VAL B 8 10.15 -2.24 5.50
N ILE B 9 11.41 -2.01 5.87
CA ILE B 9 12.30 -1.19 5.05
C ILE B 9 12.61 -1.81 3.70
N ASN B 10 12.90 -3.11 3.69
CA ASN B 10 13.19 -3.79 2.43
C ASN B 10 12.07 -3.62 1.41
N ALA B 11 10.82 -3.72 1.86
CA ALA B 11 9.66 -3.59 0.98
C ALA B 11 9.49 -2.17 0.46
N SER B 12 9.96 -1.19 1.23
CA SER B 12 9.88 0.23 0.83
C SER B 12 11.07 0.58 -0.05
N ASP B 13 12.18 -0.13 0.13
CA ASP B 13 13.38 0.11 -0.65
C ASP B 13 13.28 -0.43 -2.08
N VAL B 14 12.44 -1.44 -2.25
CA VAL B 14 12.24 -2.04 -3.56
C VAL B 14 11.51 -1.07 -4.45
N GLN B 15 10.73 -0.19 -3.82
CA GLN B 15 9.97 0.81 -4.56
C GLN B 15 10.69 2.13 -4.61
N GLY B 16 11.70 2.28 -3.78
CA GLY B 16 12.45 3.51 -3.77
C GLY B 16 11.92 4.60 -2.85
N LYS B 17 10.75 4.36 -2.27
CA LYS B 17 10.10 5.32 -1.37
C LYS B 17 10.75 5.45 0.01
N TYR B 18 10.60 6.63 0.62
CA TYR B 18 11.10 6.85 1.97
C TYR B 18 10.08 6.14 2.82
N LEU B 19 10.39 5.94 4.09
CA LEU B 19 9.48 5.27 5.01
C LEU B 19 8.07 5.82 4.88
N ASP B 20 7.14 4.96 4.45
CA ASP B 20 5.78 5.38 4.16
C ASP B 20 5.05 5.81 5.44
N THR B 21 3.80 6.24 5.28
CA THR B 21 2.90 6.40 6.43
C THR B 21 2.41 5.14 7.12
N ALA B 22 2.09 4.14 6.31
CA ALA B 22 1.64 2.86 6.83
C ALA B 22 2.87 2.14 7.37
N ALA B 23 4.01 2.39 6.71
CA ALA B 23 5.28 1.78 7.10
C ALA B 23 5.70 2.24 8.48
N MET B 24 5.57 3.54 8.74
CA MET B 24 5.93 4.08 10.04
C MET B 24 5.16 3.40 11.19
N GLU B 25 3.95 2.92 10.90
CA GLU B 25 3.14 2.27 11.92
C GLU B 25 3.57 0.84 12.20
N LYS B 26 3.83 0.07 11.15
CA LYS B 26 4.26 -1.31 11.35
C LYS B 26 5.44 -1.28 12.33
N LEU B 27 6.34 -0.33 12.11
CA LEU B 27 7.52 -0.17 12.97
C LEU B 27 7.09 0.19 14.39
N LYS B 28 6.01 0.95 14.50
CA LYS B 28 5.49 1.34 15.81
C LYS B 28 4.86 0.11 16.46
N ALA B 29 3.95 -0.53 15.72
CA ALA B 29 3.28 -1.71 16.21
C ALA B 29 4.33 -2.64 16.80
N TYR B 30 5.33 -2.98 16.00
CA TYR B 30 6.39 -3.85 16.47
C TYR B 30 6.98 -3.30 17.77
N PHE B 31 7.46 -2.06 17.73
CA PHE B 31 8.05 -1.45 18.91
C PHE B 31 7.15 -1.55 20.14
N ALA B 32 5.85 -1.38 19.96
CA ALA B 32 4.91 -1.44 21.08
C ALA B 32 4.81 -2.84 21.68
N THR B 33 4.98 -3.85 20.86
CA THR B 33 4.90 -5.24 21.30
C THR B 33 6.24 -5.81 21.76
N GLY B 34 7.32 -5.07 21.52
CA GLY B 34 8.64 -5.52 21.92
C GLY B 34 8.79 -6.26 23.25
N GLU B 35 8.57 -5.55 24.36
CA GLU B 35 8.71 -6.15 25.68
C GLU B 35 8.11 -7.54 25.82
N LEU B 36 6.79 -7.63 25.69
CA LEU B 36 6.08 -8.90 25.84
C LEU B 36 6.74 -10.04 25.07
N ARG B 37 7.46 -9.71 24.01
CA ARG B 37 8.16 -10.72 23.23
C ARG B 37 9.37 -11.16 24.03
N VAL B 38 10.16 -10.19 24.45
CA VAL B 38 11.35 -10.47 25.24
C VAL B 38 10.90 -11.18 26.52
N ARG B 39 9.82 -10.70 27.12
CA ARG B 39 9.32 -11.32 28.33
C ARG B 39 8.98 -12.78 28.09
N ALA B 40 8.17 -13.04 27.07
CA ALA B 40 7.75 -14.40 26.76
C ALA B 40 8.97 -15.27 26.45
N ALA B 41 9.90 -14.72 25.67
CA ALA B 41 11.11 -15.45 25.29
C ALA B 41 11.86 -15.97 26.51
N SER B 42 12.05 -15.12 27.51
CA SER B 42 12.77 -15.53 28.72
C SER B 42 12.11 -16.74 29.38
N VAL B 43 10.79 -16.73 29.47
CA VAL B 43 10.03 -17.83 30.05
C VAL B 43 10.26 -19.15 29.31
N ILE B 44 10.05 -19.16 27.99
CA ILE B 44 10.25 -20.38 27.23
C ILE B 44 11.70 -20.77 27.15
N SER B 45 12.57 -19.99 27.76
CA SER B 45 13.99 -20.32 27.77
C SER B 45 14.28 -21.05 29.07
N ALA B 46 13.51 -20.69 30.09
CA ALA B 46 13.63 -21.27 31.41
C ALA B 46 13.04 -22.67 31.48
N ASN B 47 11.96 -22.90 30.73
CA ASN B 47 11.29 -24.20 30.75
C ASN B 47 11.64 -25.09 29.56
N ALA B 48 12.53 -24.61 28.71
CA ALA B 48 12.62 -25.10 27.34
C ALA B 48 12.57 -26.63 27.30
N ALA B 49 13.18 -27.26 28.30
CA ALA B 49 13.38 -28.70 28.28
C ALA B 49 12.12 -29.44 28.71
N ASN B 50 11.47 -28.93 29.76
CA ASN B 50 10.15 -29.42 30.15
C ASN B 50 9.06 -29.17 29.13
N ILE B 51 9.16 -28.06 28.39
CA ILE B 51 8.16 -27.75 27.38
C ILE B 51 8.24 -28.76 26.23
N VAL B 52 9.17 -29.69 26.34
CA VAL B 52 9.35 -30.73 25.34
C VAL B 52 8.93 -32.04 25.98
N LYS B 53 9.35 -32.24 27.22
CA LYS B 53 9.03 -33.44 27.99
C LYS B 53 7.53 -33.73 27.91
N GLU B 54 6.75 -32.81 28.45
CA GLU B 54 5.30 -32.92 28.46
C GLU B 54 4.69 -33.22 27.11
N ALA B 55 5.11 -32.46 26.09
CA ALA B 55 4.61 -32.65 24.74
C ALA B 55 4.81 -34.09 24.29
N VAL B 56 6.01 -34.60 24.47
CA VAL B 56 6.33 -35.96 24.10
C VAL B 56 5.36 -36.92 24.78
N ALA B 57 5.21 -36.77 26.09
CA ALA B 57 4.32 -37.63 26.88
C ALA B 57 2.88 -37.59 26.41
N LYS B 58 2.44 -36.42 25.98
CA LYS B 58 1.07 -36.27 25.53
C LYS B 58 0.80 -36.84 24.14
N SER B 59 1.83 -36.92 23.30
CA SER B 59 1.60 -37.39 21.95
C SER B 59 2.45 -38.53 21.39
N LEU B 60 3.70 -38.63 21.80
CA LEU B 60 4.57 -39.66 21.26
C LEU B 60 4.81 -40.90 22.09
N LEU B 61 4.83 -40.78 23.41
CA LEU B 61 5.10 -41.94 24.25
C LEU B 61 4.01 -43.01 24.34
N TYR B 62 4.41 -44.17 24.86
CA TYR B 62 3.55 -45.33 25.05
C TYR B 62 2.63 -45.62 23.87
N SER B 63 3.18 -45.55 22.67
CA SER B 63 2.39 -45.81 21.47
C SER B 63 3.19 -46.68 20.50
N ASP B 64 2.57 -47.01 19.36
CA ASP B 64 3.21 -47.85 18.34
C ASP B 64 4.51 -47.29 17.78
N ILE B 65 4.62 -45.97 17.74
CA ILE B 65 5.77 -45.31 17.14
C ILE B 65 6.87 -45.08 18.16
N THR B 66 6.99 -46.00 19.12
CA THR B 66 8.14 -46.03 20.01
C THR B 66 8.58 -47.47 20.28
N ARG B 67 7.62 -48.37 20.39
CA ARG B 67 7.90 -49.80 20.41
C ARG B 67 8.62 -50.24 19.14
N PRO B 68 9.25 -51.42 19.19
CA PRO B 68 9.96 -51.96 18.04
C PRO B 68 9.23 -51.78 16.71
N GLY B 69 9.86 -51.04 15.79
CA GLY B 69 9.27 -50.81 14.49
C GLY B 69 8.70 -49.44 14.16
N GLY B 70 8.67 -48.56 15.16
CA GLY B 70 7.97 -47.29 15.03
C GLY B 70 8.73 -46.04 14.63
N MEN B 71 10.02 -46.21 14.34
CA MEN B 71 10.80 -45.16 13.66
C MEN B 71 11.40 -44.16 14.64
O MEN B 71 12.21 -43.32 14.26
CB MEN B 71 9.91 -44.38 12.70
CG MEN B 71 10.46 -43.00 12.41
OD1 MEN B 71 9.74 -42.00 12.52
ND2 MEN B 71 11.73 -42.93 12.04
CE2 MEN B 71 12.88 -42.32 11.14
N MET B 72 11.00 -44.27 15.90
CA MET B 72 11.73 -43.65 17.02
C MET B 72 12.27 -44.71 17.97
N TYR B 73 11.75 -45.93 17.85
CA TYR B 73 12.32 -47.07 18.56
C TYR B 73 13.81 -47.10 18.28
N THR B 74 14.60 -47.16 19.35
CA THR B 74 16.05 -47.12 19.23
C THR B 74 16.64 -45.97 20.04
N THR B 75 17.59 -46.30 20.92
CA THR B 75 18.17 -45.31 21.82
C THR B 75 18.79 -44.15 21.05
N ARG B 76 18.97 -44.34 19.74
CA ARG B 76 19.51 -43.29 18.88
C ARG B 76 18.35 -42.49 18.28
N ARG B 77 17.27 -43.19 17.96
CA ARG B 77 16.09 -42.57 17.39
C ARG B 77 15.45 -41.62 18.40
N TYR B 78 15.14 -42.13 19.59
CA TYR B 78 14.52 -41.32 20.65
C TYR B 78 15.25 -39.98 20.83
N ALA B 79 16.57 -40.04 21.03
CA ALA B 79 17.38 -38.85 21.24
C ALA B 79 17.32 -37.92 20.04
N ALA B 80 17.13 -38.49 18.86
CA ALA B 80 17.07 -37.71 17.63
C ALA B 80 15.75 -36.96 17.47
N CYS B 81 14.68 -37.50 18.05
CA CYS B 81 13.38 -36.85 17.95
C CYS B 81 13.23 -35.71 18.97
N ILE B 82 13.85 -35.87 20.13
CA ILE B 82 13.80 -34.81 21.13
C ILE B 82 14.67 -33.70 20.55
N ARG B 83 15.81 -34.07 19.98
CA ARG B 83 16.76 -33.14 19.36
C ARG B 83 16.06 -32.22 18.37
N ASP B 84 15.13 -32.78 17.61
CA ASP B 84 14.37 -32.03 16.62
C ASP B 84 13.37 -31.10 17.30
N LEU B 85 12.61 -31.66 18.24
CA LEU B 85 11.64 -30.88 18.97
C LEU B 85 12.36 -29.69 19.58
N ASP B 86 13.53 -29.94 20.16
CA ASP B 86 14.31 -28.87 20.76
C ASP B 86 14.58 -27.77 19.74
N TYR B 87 14.83 -28.18 18.50
CA TYR B 87 15.09 -27.22 17.43
C TYR B 87 13.85 -26.37 17.23
N TYR B 88 12.73 -27.04 16.96
CA TYR B 88 11.47 -26.36 16.71
C TYR B 88 11.07 -25.30 17.75
N LEU B 89 11.47 -25.49 19.01
CA LEU B 89 11.13 -24.52 20.05
C LEU B 89 12.13 -23.37 20.04
N ARG B 90 13.38 -23.68 19.74
CA ARG B 90 14.41 -22.66 19.69
C ARG B 90 14.21 -21.75 18.47
N TYR B 91 13.68 -22.29 17.39
CA TYR B 91 13.46 -21.46 16.21
C TYR B 91 12.11 -20.77 16.29
N ALA B 92 11.10 -21.48 16.80
CA ALA B 92 9.81 -20.85 16.93
C ALA B 92 10.07 -19.57 17.73
N THR B 93 10.72 -19.73 18.87
CA THR B 93 11.02 -18.61 19.77
C THR B 93 11.77 -17.43 19.10
N TYR B 94 12.68 -17.71 18.17
CA TYR B 94 13.41 -16.64 17.48
C TYR B 94 12.41 -15.88 16.62
N ALA B 95 11.75 -16.62 15.74
CA ALA B 95 10.75 -16.09 14.81
C ALA B 95 9.82 -15.14 15.56
N MET B 96 9.45 -15.53 16.77
CA MET B 96 8.56 -14.73 17.62
C MET B 96 9.24 -13.42 18.01
N LEU B 97 10.50 -13.50 18.45
CA LEU B 97 11.26 -12.30 18.81
C LEU B 97 11.42 -11.37 17.61
N ALA B 98 11.69 -11.96 16.45
CA ALA B 98 11.89 -11.19 15.22
C ALA B 98 10.59 -10.63 14.62
N GLY B 99 9.47 -11.23 15.00
CA GLY B 99 8.19 -10.79 14.45
C GLY B 99 8.28 -10.99 12.94
N ASP B 100 8.68 -12.20 12.54
CA ASP B 100 8.63 -12.58 11.13
C ASP B 100 9.12 -14.02 11.00
N PRO B 101 8.56 -14.74 10.03
CA PRO B 101 8.87 -16.17 9.90
C PRO B 101 10.17 -16.39 9.11
N SER B 102 10.82 -15.31 8.72
CA SER B 102 12.09 -15.40 7.98
C SER B 102 13.16 -16.47 8.32
N ILE B 103 13.48 -16.68 9.60
CA ILE B 103 14.49 -17.68 9.95
C ILE B 103 13.91 -19.05 9.65
N LEU B 104 12.64 -19.25 10.01
CA LEU B 104 11.99 -20.54 9.79
C LEU B 104 12.13 -21.02 8.34
N ASP B 105 11.74 -20.19 7.37
CA ASP B 105 11.86 -20.55 5.95
C ASP B 105 13.31 -20.58 5.49
N GLU B 106 14.17 -19.90 6.22
CA GLU B 106 15.58 -19.84 5.86
C GLU B 106 16.38 -21.03 6.40
N ARG B 107 16.46 -21.14 7.73
CA ARG B 107 17.23 -22.20 8.37
C ARG B 107 16.42 -23.31 9.03
N VAL B 108 15.32 -23.69 8.40
CA VAL B 108 14.43 -24.70 8.96
C VAL B 108 13.73 -25.49 7.85
N LEU B 109 12.84 -24.82 7.12
CA LEU B 109 11.79 -25.50 6.38
C LEU B 109 12.28 -25.92 5.00
N ASN B 110 13.53 -25.57 4.68
CA ASN B 110 14.09 -25.84 3.36
C ASN B 110 14.42 -27.32 3.18
N GLY B 111 13.54 -28.04 2.49
CA GLY B 111 13.81 -29.41 2.12
C GLY B 111 13.57 -30.37 3.28
N LEU B 112 13.11 -29.84 4.40
CA LEU B 112 12.88 -30.64 5.58
C LEU B 112 11.95 -31.77 5.21
N LYS B 113 10.87 -31.44 4.50
CA LYS B 113 9.91 -32.44 4.07
C LYS B 113 10.64 -33.59 3.34
N GLU B 114 11.59 -33.24 2.49
CA GLU B 114 12.36 -34.23 1.73
C GLU B 114 13.11 -35.33 2.46
N THR B 115 14.09 -34.91 3.24
CA THR B 115 14.83 -35.80 4.10
C THR B 115 13.85 -36.63 4.89
N TYR B 116 12.82 -36.00 5.44
CA TYR B 116 11.82 -36.74 6.21
C TYR B 116 11.16 -37.88 5.40
N ASN B 117 10.47 -37.54 4.31
CA ASN B 117 9.84 -38.58 3.49
C ASN B 117 10.93 -39.61 3.18
N SER B 118 12.15 -39.08 3.04
CA SER B 118 13.34 -39.86 2.72
C SER B 118 13.86 -40.86 3.77
N LEU B 119 13.90 -40.43 5.03
CA LEU B 119 14.38 -41.29 6.11
C LEU B 119 13.24 -42.13 6.67
N GLY B 120 12.02 -41.63 6.54
CA GLY B 120 10.88 -42.36 7.05
C GLY B 120 10.28 -41.69 8.28
N VAL B 121 10.88 -40.59 8.70
CA VAL B 121 10.38 -39.86 9.85
C VAL B 121 8.91 -39.57 9.58
N PRO B 122 7.91 -39.89 10.47
CA PRO B 122 6.47 -39.69 10.31
C PRO B 122 6.05 -38.23 10.47
N ILE B 123 5.79 -37.71 9.34
CA ILE B 123 5.36 -36.31 9.32
C ILE B 123 4.23 -36.01 10.32
N ALA B 124 3.09 -36.66 10.12
CA ALA B 124 1.90 -36.50 10.96
C ALA B 124 2.15 -36.49 12.46
N ALA B 125 3.06 -37.36 12.91
CA ALA B 125 3.40 -37.48 14.32
C ALA B 125 4.28 -36.32 14.82
N THR B 126 5.27 -35.92 14.01
CA THR B 126 6.12 -34.83 14.45
C THR B 126 5.31 -33.54 14.53
N VAL B 127 4.29 -33.41 13.70
CA VAL B 127 3.45 -32.22 13.73
C VAL B 127 2.61 -32.24 15.00
N GLN B 128 2.10 -33.41 15.36
CA GLN B 128 1.30 -33.56 16.58
C GLN B 128 2.16 -33.27 17.79
N ALA B 129 3.44 -33.62 17.70
CA ALA B 129 4.35 -33.39 18.80
C ALA B 129 4.52 -31.90 19.01
N ILE B 130 4.72 -31.15 17.93
CA ILE B 130 4.93 -29.71 18.07
C ILE B 130 3.63 -29.02 18.41
N GLN B 131 2.53 -29.54 17.86
CA GLN B 131 1.22 -28.96 18.13
C GLN B 131 1.00 -29.02 19.64
N ALA B 132 1.55 -30.06 20.26
CA ALA B 132 1.46 -30.27 21.70
C ALA B 132 2.35 -29.28 22.46
N MET B 133 3.40 -28.79 21.82
CA MET B 133 4.29 -27.83 22.44
C MET B 133 3.60 -26.46 22.55
N LYS B 134 2.71 -26.20 21.60
CA LYS B 134 1.94 -24.97 21.56
C LYS B 134 1.10 -24.86 22.83
N GLU B 135 0.36 -25.93 23.12
CA GLU B 135 -0.47 -26.00 24.30
C GLU B 135 0.43 -25.81 25.51
N VAL B 136 1.36 -26.73 25.71
CA VAL B 136 2.26 -26.63 26.86
C VAL B 136 2.94 -25.27 26.99
N THR B 137 3.29 -24.65 25.86
CA THR B 137 3.93 -23.35 25.93
C THR B 137 2.95 -22.25 26.24
N ALA B 138 1.79 -22.28 25.59
CA ALA B 138 0.77 -21.26 25.81
C ALA B 138 0.37 -21.18 27.28
N SER B 139 0.67 -22.24 28.05
CA SER B 139 0.30 -22.27 29.46
C SER B 139 1.23 -21.51 30.38
N LEU B 140 2.49 -21.34 30.00
CA LEU B 140 3.44 -20.63 30.85
C LEU B 140 3.78 -19.21 30.42
N VAL B 141 3.67 -18.91 29.13
CA VAL B 141 3.98 -17.57 28.66
C VAL B 141 2.78 -16.65 28.63
N GLY B 142 1.59 -17.23 28.56
CA GLY B 142 0.39 -16.42 28.52
C GLY B 142 -0.38 -16.60 27.23
N ALA B 143 -1.58 -16.02 27.18
CA ALA B 143 -2.42 -16.12 26.00
C ALA B 143 -1.91 -15.17 24.92
N ASP B 144 -1.55 -13.95 25.32
CA ASP B 144 -1.04 -12.95 24.39
C ASP B 144 0.15 -13.40 23.55
N ALA B 145 1.22 -13.85 24.23
CA ALA B 145 2.44 -14.30 23.58
C ALA B 145 2.23 -15.70 23.01
N GLY B 146 1.31 -16.42 23.62
CA GLY B 146 1.01 -17.78 23.18
C GLY B 146 0.40 -17.77 21.80
N LYS B 147 -0.44 -16.78 21.52
CA LYS B 147 -1.07 -16.66 20.22
C LYS B 147 0.03 -16.24 19.25
N GLU B 148 1.02 -15.53 19.78
CA GLU B 148 2.14 -15.10 18.95
C GLU B 148 3.09 -16.26 18.76
N MET B 149 3.25 -17.08 19.79
CA MET B 149 4.12 -18.24 19.65
C MET B 149 3.37 -19.26 18.77
N GLY B 150 2.06 -19.30 18.94
CA GLY B 150 1.24 -20.21 18.16
C GLY B 150 1.47 -20.05 16.67
N ILE B 151 1.20 -18.87 16.14
CA ILE B 151 1.35 -18.67 14.71
C ILE B 151 2.67 -19.18 14.17
N TYR B 152 3.80 -18.89 14.82
CA TYR B 152 5.06 -19.39 14.28
C TYR B 152 5.12 -20.90 14.49
N PHE B 153 4.47 -21.39 15.54
CA PHE B 153 4.45 -22.82 15.77
C PHE B 153 3.71 -23.47 14.60
N ASP B 154 2.55 -22.90 14.24
CA ASP B 154 1.74 -23.44 13.14
C ASP B 154 2.44 -23.22 11.81
N TYR B 155 3.43 -22.33 11.78
CA TYR B 155 4.15 -22.06 10.55
C TYR B 155 5.07 -23.23 10.28
N ILE B 156 5.77 -23.68 11.32
CA ILE B 156 6.68 -24.80 11.20
C ILE B 156 5.92 -26.04 10.77
N CYS B 157 4.64 -26.12 11.15
CA CYS B 157 3.82 -27.26 10.77
C CYS B 157 3.45 -27.22 9.30
N SER B 158 2.81 -26.13 8.87
CA SER B 158 2.41 -26.03 7.48
C SER B 158 3.58 -26.21 6.53
N GLY B 159 4.79 -26.07 7.07
CA GLY B 159 5.99 -26.21 6.25
C GLY B 159 6.48 -27.64 6.25
N LEU B 160 5.55 -28.58 6.16
CA LEU B 160 5.89 -29.99 6.04
C LEU B 160 4.88 -30.74 5.17
N SER B 161 4.08 -29.98 4.43
CA SER B 161 2.98 -30.55 3.64
C SER B 161 2.71 -29.72 2.39
N SER C 2 -39.05 11.53 -24.95
CA SER C 2 -38.70 10.73 -23.75
C SER C 2 -37.24 10.28 -23.77
N VAL C 3 -36.90 9.33 -22.90
CA VAL C 3 -35.54 8.79 -22.86
C VAL C 3 -35.54 7.52 -23.75
N VAL C 4 -36.73 6.97 -23.96
CA VAL C 4 -36.91 5.79 -24.81
C VAL C 4 -36.45 6.25 -26.18
N THR C 5 -37.02 7.36 -26.61
CA THR C 5 -36.71 7.96 -27.90
C THR C 5 -35.24 8.43 -27.97
N LYS C 6 -34.74 9.06 -26.90
CA LYS C 6 -33.34 9.53 -26.91
C LYS C 6 -32.32 8.40 -26.84
N SER C 7 -32.75 7.23 -26.36
CA SER C 7 -31.85 6.09 -26.26
C SER C 7 -31.73 5.40 -27.62
N ILE C 8 -32.87 5.10 -28.22
CA ILE C 8 -32.91 4.45 -29.53
C ILE C 8 -31.98 5.17 -30.49
N VAL C 9 -32.15 6.49 -30.58
CA VAL C 9 -31.32 7.30 -31.46
C VAL C 9 -29.83 7.07 -31.22
N ASN C 10 -29.40 7.25 -29.97
CA ASN C 10 -27.99 7.08 -29.61
C ASN C 10 -27.55 5.67 -29.98
N ALA C 11 -28.40 4.69 -29.69
CA ALA C 11 -28.08 3.30 -29.97
C ALA C 11 -27.92 2.97 -31.45
N ASP C 12 -28.79 3.55 -32.28
CA ASP C 12 -28.73 3.32 -33.73
C ASP C 12 -27.47 3.96 -34.32
N ALA C 13 -26.91 4.92 -33.61
CA ALA C 13 -25.71 5.60 -34.04
C ALA C 13 -24.50 4.70 -33.85
N GLU C 14 -24.57 3.78 -32.89
CA GLU C 14 -23.46 2.87 -32.69
C GLU C 14 -23.87 1.52 -33.25
N ALA C 15 -25.00 1.51 -33.96
CA ALA C 15 -25.56 0.31 -34.61
C ALA C 15 -25.65 -0.89 -33.68
N ARG C 16 -26.27 -0.71 -32.51
CA ARG C 16 -26.39 -1.81 -31.57
C ARG C 16 -27.65 -1.80 -30.72
N TYR C 17 -27.98 -2.96 -30.14
CA TYR C 17 -29.16 -3.09 -29.29
C TYR C 17 -28.93 -2.23 -28.05
N LEU C 18 -30.00 -1.66 -27.49
CA LEU C 18 -29.85 -0.81 -26.32
C LEU C 18 -29.02 -1.49 -25.23
N SER C 19 -28.08 -0.75 -24.65
CA SER C 19 -27.22 -1.28 -23.59
C SER C 19 -28.06 -1.52 -22.35
N PRO C 20 -27.61 -2.42 -21.47
CA PRO C 20 -28.43 -2.65 -20.26
C PRO C 20 -28.72 -1.35 -19.49
N GLY C 21 -27.73 -0.46 -19.44
CA GLY C 21 -27.89 0.79 -18.73
C GLY C 21 -29.01 1.67 -19.26
N GLU C 22 -29.13 1.72 -20.57
CA GLU C 22 -30.18 2.51 -21.20
C GLU C 22 -31.52 1.91 -20.77
N LEU C 23 -31.68 0.61 -20.96
CA LEU C 23 -32.90 -0.08 -20.58
C LEU C 23 -33.22 0.13 -19.11
N ASP C 24 -32.20 0.05 -18.26
CA ASP C 24 -32.33 0.40 -16.85
C ASP C 24 -32.99 1.76 -16.68
N ARG C 25 -32.72 2.67 -17.62
CA ARG C 25 -33.29 4.01 -17.58
C ARG C 25 -34.74 4.06 -18.04
N ILE C 26 -35.03 3.59 -19.25
CA ILE C 26 -36.40 3.60 -19.73
C ILE C 26 -37.28 2.82 -18.75
N LYS C 27 -36.67 1.92 -17.99
CA LYS C 27 -37.40 1.12 -17.03
C LYS C 27 -37.82 1.97 -15.85
N ASN C 28 -36.86 2.67 -15.25
CA ASN C 28 -37.15 3.52 -14.10
C ASN C 28 -37.79 4.83 -14.49
N PHE C 29 -38.03 5.02 -15.77
CA PHE C 29 -38.65 6.25 -16.24
C PHE C 29 -40.14 6.01 -16.45
N VAL C 30 -40.47 4.78 -16.83
CA VAL C 30 -41.87 4.42 -17.06
C VAL C 30 -42.53 4.27 -15.69
N SER C 31 -41.71 4.09 -14.67
CA SER C 31 -42.21 3.90 -13.31
C SER C 31 -42.50 5.23 -12.67
N THR C 32 -42.04 6.30 -13.31
CA THR C 32 -42.24 7.63 -12.77
C THR C 32 -43.46 8.27 -13.46
N GLY C 33 -43.97 7.56 -14.45
CA GLY C 33 -45.10 8.05 -15.23
C GLY C 33 -46.34 8.53 -14.51
N GLU C 34 -46.99 7.63 -13.77
CA GLU C 34 -48.21 7.98 -13.07
C GLU C 34 -48.13 9.38 -12.47
N ARG C 35 -47.03 9.63 -11.76
CA ARG C 35 -46.77 10.91 -11.13
C ARG C 35 -46.71 12.02 -12.17
N ARG C 36 -45.77 11.91 -13.10
CA ARG C 36 -45.61 12.91 -14.15
C ARG C 36 -46.96 13.41 -14.67
N LEU C 37 -47.81 12.48 -15.07
CA LEU C 37 -49.12 12.84 -15.58
C LEU C 37 -49.95 13.60 -14.55
N ARG C 38 -49.78 13.27 -13.27
CA ARG C 38 -50.51 13.94 -12.21
C ARG C 38 -50.14 15.42 -12.23
N ILE C 39 -48.84 15.69 -12.33
CA ILE C 39 -48.30 17.04 -12.36
C ILE C 39 -48.84 17.82 -13.55
N ALA C 40 -48.81 17.20 -14.73
CA ALA C 40 -49.31 17.86 -15.94
C ALA C 40 -50.79 18.15 -15.78
N GLN C 41 -51.53 17.16 -15.28
CA GLN C 41 -52.96 17.28 -15.07
C GLN C 41 -53.31 18.45 -14.14
N THR C 42 -52.57 18.59 -13.06
CA THR C 42 -52.85 19.67 -12.12
C THR C 42 -52.58 21.05 -12.74
N LEU C 43 -51.52 21.18 -13.52
CA LEU C 43 -51.23 22.48 -14.13
C LEU C 43 -52.26 22.79 -15.18
N THR C 44 -52.69 21.77 -15.91
CA THR C 44 -53.67 21.99 -16.96
C THR C 44 -55.09 22.26 -16.47
N GLU C 45 -55.34 22.11 -15.17
CA GLU C 45 -56.67 22.39 -14.61
C GLU C 45 -56.68 23.81 -14.06
N ASN C 46 -55.49 24.32 -13.79
CA ASN C 46 -55.33 25.66 -13.25
C ASN C 46 -54.65 26.59 -14.26
N ARG C 47 -54.44 26.10 -15.47
CA ARG C 47 -53.79 26.88 -16.53
C ARG C 47 -54.39 28.28 -16.63
N GLU C 48 -55.71 28.34 -16.45
CA GLU C 48 -56.47 29.58 -16.51
C GLU C 48 -55.98 30.65 -15.55
N ARG C 49 -55.94 30.29 -14.27
CA ARG C 49 -55.48 31.22 -13.24
C ARG C 49 -53.97 31.44 -13.30
N ILE C 50 -53.20 30.35 -13.29
CA ILE C 50 -51.73 30.42 -13.34
C ILE C 50 -51.20 31.45 -14.33
N VAL C 51 -51.90 31.64 -15.44
CA VAL C 51 -51.48 32.61 -16.45
C VAL C 51 -51.92 34.02 -16.09
N LYS C 52 -53.13 34.15 -15.54
CA LYS C 52 -53.66 35.47 -15.19
C LYS C 52 -52.84 36.22 -14.16
N GLN C 53 -52.75 35.71 -12.93
CA GLN C 53 -51.99 36.42 -11.92
C GLN C 53 -50.52 36.53 -12.33
N ALA C 54 -50.00 35.46 -12.92
CA ALA C 54 -48.62 35.46 -13.39
C ALA C 54 -48.55 36.58 -14.41
N GLY C 55 -49.68 36.84 -15.06
CA GLY C 55 -49.74 37.91 -16.04
C GLY C 55 -49.69 39.26 -15.37
N ASP C 56 -50.34 39.38 -14.22
CA ASP C 56 -50.34 40.64 -13.49
C ASP C 56 -48.94 40.85 -12.92
N GLN C 57 -48.46 39.85 -12.19
CA GLN C 57 -47.13 39.93 -11.59
C GLN C 57 -46.09 40.47 -12.56
N LEU C 58 -46.26 40.19 -13.86
CA LEU C 58 -45.29 40.65 -14.85
C LEU C 58 -45.50 42.12 -15.19
N PHE C 59 -46.75 42.48 -15.48
CA PHE C 59 -47.10 43.84 -15.84
C PHE C 59 -46.78 44.82 -14.72
N GLN C 60 -46.58 44.29 -13.52
CA GLN C 60 -46.25 45.16 -12.40
C GLN C 60 -44.75 45.43 -12.44
N LYS C 61 -43.97 44.37 -12.60
CA LYS C 61 -42.51 44.48 -12.64
C LYS C 61 -41.99 45.19 -13.87
N ARG C 62 -42.75 45.15 -14.96
CA ARG C 62 -42.35 45.79 -16.22
C ARG C 62 -43.47 46.61 -16.86
N PRO C 63 -43.93 47.67 -16.18
CA PRO C 63 -45.00 48.53 -16.69
C PRO C 63 -44.74 49.14 -18.08
N ASP C 64 -43.49 49.08 -18.52
CA ASP C 64 -43.13 49.55 -19.86
C ASP C 64 -43.71 48.63 -20.93
N VAL C 65 -43.94 47.38 -20.57
CA VAL C 65 -44.54 46.41 -21.49
C VAL C 65 -45.98 46.79 -21.83
N VAL C 66 -46.70 47.29 -20.84
CA VAL C 66 -48.14 47.51 -20.96
C VAL C 66 -48.61 48.96 -21.02
N SER C 67 -47.68 49.88 -21.28
CA SER C 67 -48.01 51.30 -21.37
C SER C 67 -47.70 51.84 -22.79
N PRO C 68 -47.82 53.15 -23.01
CA PRO C 68 -47.53 53.66 -24.35
C PRO C 68 -46.13 53.34 -24.84
N GLY C 69 -46.05 52.83 -26.07
CA GLY C 69 -44.76 52.48 -26.65
C GLY C 69 -44.10 51.13 -26.43
N GLY C 70 -44.72 50.30 -25.61
CA GLY C 70 -44.17 48.98 -25.31
C GLY C 70 -45.05 48.02 -26.10
N ASN C 71 -44.52 46.83 -26.35
CA ASN C 71 -45.19 45.87 -27.22
C ASN C 71 -46.66 45.71 -26.87
N ALA C 72 -46.93 45.09 -25.72
CA ALA C 72 -48.29 44.70 -25.35
C ALA C 72 -49.08 45.90 -24.83
N TYR C 73 -49.83 46.55 -25.73
CA TYR C 73 -50.46 47.82 -25.41
C TYR C 73 -51.92 47.83 -25.86
N GLY C 74 -52.82 48.17 -24.93
CA GLY C 74 -54.24 48.13 -25.20
C GLY C 74 -54.68 46.68 -25.08
N GLU C 75 -55.94 46.43 -24.74
CA GLU C 75 -56.41 45.05 -24.62
C GLU C 75 -55.97 44.24 -25.83
N GLU C 76 -55.82 44.92 -26.97
CA GLU C 76 -55.40 44.31 -28.21
C GLU C 76 -54.12 43.51 -28.22
N MET C 77 -53.00 44.20 -28.01
CA MET C 77 -51.69 43.58 -27.89
C MET C 77 -51.51 42.77 -26.62
N THR C 78 -51.98 43.30 -25.50
CA THR C 78 -51.82 42.60 -24.22
C THR C 78 -52.50 41.23 -24.25
N ALA C 79 -53.67 41.17 -24.87
CA ALA C 79 -54.42 39.91 -24.96
C ALA C 79 -53.59 38.79 -25.58
N THR C 80 -52.79 39.16 -26.58
CA THR C 80 -51.95 38.18 -27.25
C THR C 80 -50.72 37.86 -26.40
N CYS C 81 -50.21 38.85 -25.67
CA CYS C 81 -49.05 38.60 -24.83
C CYS C 81 -49.37 37.46 -23.90
N LEU C 82 -50.54 37.54 -23.26
CA LEU C 82 -50.94 36.48 -22.36
C LEU C 82 -51.01 35.17 -23.17
N ARG C 83 -51.64 35.23 -24.34
CA ARG C 83 -51.70 34.07 -25.23
C ARG C 83 -50.33 33.41 -25.35
N ASP C 84 -49.31 34.20 -25.64
CA ASP C 84 -47.95 33.70 -25.75
C ASP C 84 -47.56 32.92 -24.49
N LEU C 85 -48.01 33.41 -23.34
CA LEU C 85 -47.67 32.79 -22.06
C LEU C 85 -48.39 31.48 -21.84
N ASP C 86 -49.61 31.37 -22.37
CA ASP C 86 -50.37 30.13 -22.24
C ASP C 86 -49.75 29.11 -23.18
N TYR C 87 -49.20 29.59 -24.29
CA TYR C 87 -48.53 28.72 -25.26
C TYR C 87 -47.46 27.95 -24.52
N TYR C 88 -46.59 28.68 -23.83
CA TYR C 88 -45.52 28.05 -23.08
C TYR C 88 -45.97 27.17 -21.93
N LEU C 89 -47.09 27.47 -21.27
CA LEU C 89 -47.50 26.59 -20.18
C LEU C 89 -47.77 25.22 -20.81
N ARG C 90 -48.52 25.22 -21.91
CA ARG C 90 -48.85 23.99 -22.62
C ARG C 90 -47.60 23.20 -22.99
N LEU C 91 -46.55 23.88 -23.42
CA LEU C 91 -45.32 23.18 -23.78
C LEU C 91 -44.60 22.64 -22.55
N VAL C 92 -44.87 23.21 -21.38
CA VAL C 92 -44.24 22.72 -20.16
C VAL C 92 -44.87 21.36 -19.80
N THR C 93 -46.19 21.27 -19.84
CA THR C 93 -46.83 20.01 -19.51
C THR C 93 -46.32 18.94 -20.45
N TYR C 94 -45.98 19.32 -21.68
CA TYR C 94 -45.47 18.38 -22.67
C TYR C 94 -44.12 17.82 -22.22
N GLY C 95 -43.17 18.72 -21.97
CA GLY C 95 -41.86 18.29 -21.54
C GLY C 95 -41.94 17.37 -20.33
N ILE C 96 -42.80 17.74 -19.39
CA ILE C 96 -43.00 16.97 -18.17
C ILE C 96 -43.44 15.55 -18.48
N VAL C 97 -44.53 15.39 -19.22
CA VAL C 97 -45.02 14.06 -19.57
C VAL C 97 -43.98 13.20 -20.27
N ALA C 98 -43.16 13.86 -21.10
CA ALA C 98 -42.08 13.21 -21.86
C ALA C 98 -40.86 12.87 -21.01
N GLY C 99 -40.60 13.69 -19.99
CA GLY C 99 -39.44 13.45 -19.15
C GLY C 99 -38.26 13.95 -19.94
N ASP C 100 -38.56 14.74 -20.97
CA ASP C 100 -37.56 15.32 -21.84
C ASP C 100 -37.89 16.78 -22.05
N VAL C 101 -36.95 17.52 -22.64
CA VAL C 101 -37.16 18.93 -22.90
C VAL C 101 -37.32 19.21 -24.38
N THR C 102 -36.96 18.22 -25.20
CA THR C 102 -37.05 18.36 -26.64
C THR C 102 -38.38 18.96 -27.12
N PRO C 103 -39.53 18.37 -26.75
CA PRO C 103 -40.78 18.97 -27.22
C PRO C 103 -40.83 20.51 -27.09
N ILE C 104 -40.30 21.03 -26.00
CA ILE C 104 -40.28 22.48 -25.82
C ILE C 104 -39.34 23.09 -26.88
N GLU C 105 -38.14 22.53 -27.01
CA GLU C 105 -37.16 23.02 -27.98
C GLU C 105 -37.75 23.12 -29.39
N GLU C 106 -38.17 21.98 -29.92
CA GLU C 106 -38.71 21.94 -31.28
C GLU C 106 -39.99 22.75 -31.48
N ILE C 107 -40.84 22.80 -30.48
CA ILE C 107 -42.08 23.53 -30.66
C ILE C 107 -42.00 25.05 -30.45
N GLY C 108 -41.22 25.49 -29.47
CA GLY C 108 -41.12 26.92 -29.21
C GLY C 108 -39.82 27.52 -28.71
N LEU C 109 -38.68 27.05 -29.20
CA LEU C 109 -37.38 27.59 -28.79
C LEU C 109 -36.36 27.75 -29.94
N VAL C 110 -36.50 26.89 -30.95
CA VAL C 110 -35.65 26.96 -32.13
C VAL C 110 -35.90 28.25 -32.92
N GLY C 111 -35.34 29.35 -32.42
CA GLY C 111 -35.43 30.62 -33.11
C GLY C 111 -36.50 31.52 -32.52
N VAL C 112 -36.72 31.41 -31.22
CA VAL C 112 -37.68 32.25 -30.52
C VAL C 112 -37.24 33.69 -30.76
N ARG C 113 -35.95 33.92 -30.59
CA ARG C 113 -35.36 35.23 -30.77
C ARG C 113 -35.57 35.79 -32.16
N GLU C 114 -35.31 34.98 -33.19
CA GLU C 114 -35.49 35.44 -34.56
C GLU C 114 -36.93 35.96 -34.72
N MET C 115 -37.89 35.21 -34.16
CA MET C 115 -39.30 35.56 -34.23
C MET C 115 -39.63 36.83 -33.48
N TYR C 116 -39.31 36.85 -32.20
CA TYR C 116 -39.60 38.01 -31.37
C TYR C 116 -38.91 39.30 -31.82
N ASN C 117 -37.66 39.21 -32.30
CA ASN C 117 -36.93 40.41 -32.75
C ASN C 117 -37.68 41.12 -33.88
N SER C 118 -38.26 40.30 -34.76
CA SER C 118 -39.05 40.76 -35.90
C SER C 118 -40.28 41.52 -35.38
N LEU C 119 -40.79 41.10 -34.23
CA LEU C 119 -41.98 41.70 -33.63
C LEU C 119 -41.64 42.81 -32.67
N GLY C 120 -40.34 42.99 -32.42
CA GLY C 120 -39.87 44.03 -31.51
C GLY C 120 -40.23 43.87 -30.04
N THR C 121 -40.49 42.65 -29.62
CA THR C 121 -40.84 42.39 -28.23
C THR C 121 -39.63 42.01 -27.40
N PRO C 122 -39.51 42.60 -26.20
CA PRO C 122 -38.39 42.32 -25.31
C PRO C 122 -38.40 40.86 -24.85
N ILE C 123 -37.30 40.16 -25.08
CA ILE C 123 -37.19 38.76 -24.67
C ILE C 123 -37.02 38.66 -23.15
N PRO C 124 -36.18 39.54 -22.56
CA PRO C 124 -36.01 39.46 -21.10
C PRO C 124 -37.35 39.66 -20.41
N ALA C 125 -38.23 40.40 -21.06
CA ALA C 125 -39.55 40.65 -20.50
C ALA C 125 -40.36 39.37 -20.57
N VAL C 126 -40.21 38.64 -21.67
CA VAL C 126 -40.93 37.40 -21.87
C VAL C 126 -40.44 36.41 -20.83
N ALA C 127 -39.11 36.41 -20.62
CA ALA C 127 -38.48 35.52 -19.65
C ALA C 127 -39.07 35.70 -18.26
N GLU C 128 -39.37 36.95 -17.90
CA GLU C 128 -39.96 37.22 -16.60
C GLU C 128 -41.41 36.76 -16.57
N GLY C 129 -42.02 36.67 -17.76
CA GLY C 129 -43.40 36.23 -17.87
C GLY C 129 -43.53 34.73 -17.64
N ILE C 130 -42.48 34.00 -17.98
CA ILE C 130 -42.47 32.56 -17.79
C ILE C 130 -42.03 32.26 -16.36
N ARG C 131 -41.14 33.08 -15.83
CA ARG C 131 -40.66 32.93 -14.45
C ARG C 131 -41.86 33.03 -13.54
N ALA C 132 -42.58 34.14 -13.63
CA ALA C 132 -43.75 34.34 -12.78
C ALA C 132 -44.63 33.07 -12.77
N MET C 133 -44.89 32.49 -13.95
CA MET C 133 -45.71 31.29 -14.06
C MET C 133 -45.15 30.17 -13.21
N LYS C 134 -43.85 29.89 -13.36
CA LYS C 134 -43.18 28.84 -12.61
C LYS C 134 -43.47 28.95 -11.12
N ASN C 135 -43.81 30.15 -10.65
CA ASN C 135 -44.09 30.31 -9.23
C ASN C 135 -45.57 30.09 -8.92
N VAL C 136 -46.45 30.59 -9.79
CA VAL C 136 -47.88 30.38 -9.61
C VAL C 136 -48.18 28.88 -9.65
N ALA C 137 -47.67 28.19 -10.68
CA ALA C 137 -47.87 26.75 -10.85
C ALA C 137 -47.21 25.93 -9.75
N CYS C 138 -45.97 26.26 -9.42
CA CYS C 138 -45.26 25.54 -8.38
C CYS C 138 -45.96 25.60 -7.03
N SER C 139 -46.74 26.66 -6.80
CA SER C 139 -47.46 26.83 -5.56
C SER C 139 -48.58 25.80 -5.41
N LEU C 140 -48.99 25.21 -6.54
CA LEU C 140 -50.05 24.21 -6.55
C LEU C 140 -49.51 22.80 -6.45
N LEU C 141 -48.20 22.67 -6.36
CA LEU C 141 -47.58 21.35 -6.32
C LEU C 141 -46.90 21.01 -4.99
N SER C 142 -46.68 19.73 -4.79
CA SER C 142 -46.03 19.23 -3.59
C SER C 142 -44.56 19.61 -3.64
N ALA C 143 -43.87 19.48 -2.51
CA ALA C 143 -42.45 19.83 -2.42
C ALA C 143 -41.61 19.27 -3.57
N GLU C 144 -41.85 18.01 -3.93
CA GLU C 144 -41.10 17.36 -5.00
C GLU C 144 -41.69 17.61 -6.38
N ASP C 145 -42.99 17.42 -6.53
CA ASP C 145 -43.64 17.65 -7.82
C ASP C 145 -43.34 19.07 -8.29
N ALA C 146 -42.84 19.89 -7.38
CA ALA C 146 -42.50 21.26 -7.71
C ALA C 146 -41.06 21.40 -8.19
N ALA C 147 -40.15 20.66 -7.57
CA ALA C 147 -38.74 20.73 -7.96
C ALA C 147 -38.59 20.30 -9.41
N GLU C 148 -39.10 19.11 -9.71
CA GLU C 148 -39.01 18.56 -11.06
C GLU C 148 -39.73 19.45 -12.07
N ALA C 149 -40.97 19.82 -11.77
CA ALA C 149 -41.73 20.66 -12.68
C ALA C 149 -40.99 21.97 -12.84
N GLY C 150 -40.19 22.31 -11.85
CA GLY C 150 -39.43 23.56 -11.88
C GLY C 150 -38.42 23.61 -13.01
N SER C 151 -37.74 22.50 -13.24
CA SER C 151 -36.74 22.39 -14.30
C SER C 151 -37.27 22.97 -15.61
N TYR C 152 -38.31 22.34 -16.15
CA TYR C 152 -38.91 22.75 -17.41
C TYR C 152 -39.20 24.24 -17.54
N PHE C 153 -39.39 24.93 -16.42
CA PHE C 153 -39.64 26.35 -16.50
C PHE C 153 -38.31 27.08 -16.60
N ASP C 154 -37.31 26.61 -15.85
CA ASP C 154 -35.99 27.23 -15.87
C ASP C 154 -35.30 27.06 -17.22
N PHE C 155 -35.45 25.89 -17.83
CA PHE C 155 -34.81 25.65 -19.12
C PHE C 155 -35.28 26.66 -20.14
N VAL C 156 -36.57 27.00 -20.11
CA VAL C 156 -37.09 27.97 -21.04
C VAL C 156 -36.45 29.33 -20.81
N ILE C 157 -36.76 29.97 -19.68
CA ILE C 157 -36.21 31.28 -19.35
C ILE C 157 -34.72 31.40 -19.73
N GLY C 158 -33.97 30.33 -19.47
CA GLY C 158 -32.54 30.34 -19.78
C GLY C 158 -32.22 30.46 -21.26
N ALA C 159 -33.20 30.14 -22.10
CA ALA C 159 -33.01 30.21 -23.54
C ALA C 159 -33.52 31.56 -24.02
N MET C 160 -34.31 32.22 -23.18
CA MET C 160 -34.89 33.51 -23.53
C MET C 160 -33.89 34.64 -23.29
N GLN C 161 -32.60 34.35 -23.49
CA GLN C 161 -31.55 35.32 -23.27
C GLN C 161 -30.54 35.30 -24.41
N MET D 1 -37.27 11.18 -34.58
CA MET D 1 -38.02 9.91 -34.34
C MET D 1 -39.17 10.12 -33.36
N GLN D 2 -40.18 9.27 -33.44
CA GLN D 2 -41.30 9.39 -32.53
C GLN D 2 -41.55 8.10 -31.78
N ASP D 3 -42.12 8.24 -30.60
CA ASP D 3 -42.47 7.09 -29.79
C ASP D 3 -43.93 7.30 -29.41
N ALA D 4 -44.53 6.29 -28.79
CA ALA D 4 -45.93 6.36 -28.40
C ALA D 4 -46.28 7.68 -27.71
N ILE D 5 -45.40 8.17 -26.84
CA ILE D 5 -45.68 9.42 -26.12
C ILE D 5 -45.53 10.66 -26.99
N THR D 6 -44.31 10.89 -27.49
CA THR D 6 -44.03 12.05 -28.34
C THR D 6 -45.07 12.08 -29.44
N ALA D 7 -45.62 10.91 -29.75
CA ALA D 7 -46.66 10.79 -30.76
C ALA D 7 -47.93 11.46 -30.25
N VAL D 8 -48.32 11.15 -29.01
CA VAL D 8 -49.52 11.71 -28.38
C VAL D 8 -49.50 13.23 -28.28
N ILE D 9 -48.40 13.78 -27.78
CA ILE D 9 -48.27 15.23 -27.62
C ILE D 9 -48.28 15.97 -28.95
N ASN D 10 -47.54 15.47 -29.93
CA ASN D 10 -47.51 16.11 -31.24
C ASN D 10 -48.90 16.28 -31.83
N ALA D 11 -49.74 15.24 -31.70
CA ALA D 11 -51.12 15.28 -32.23
C ALA D 11 -52.00 16.26 -31.50
N SER D 12 -51.69 16.51 -30.22
CA SER D 12 -52.46 17.46 -29.41
C SER D 12 -51.93 18.88 -29.63
N ASP D 13 -50.65 18.99 -29.98
CA ASP D 13 -50.02 20.29 -30.23
C ASP D 13 -50.44 20.89 -31.57
N VAL D 14 -50.82 20.04 -32.51
CA VAL D 14 -51.25 20.49 -33.81
C VAL D 14 -52.59 21.19 -33.69
N GLN D 15 -53.34 20.81 -32.66
CA GLN D 15 -54.65 21.41 -32.43
C GLN D 15 -54.58 22.51 -31.40
N GLY D 16 -53.46 22.58 -30.68
CA GLY D 16 -53.30 23.62 -29.69
C GLY D 16 -53.83 23.27 -28.31
N LYS D 17 -54.50 22.13 -28.19
CA LYS D 17 -55.07 21.68 -26.92
C LYS D 17 -54.04 21.18 -25.89
N TYR D 18 -54.39 21.30 -24.61
CA TYR D 18 -53.55 20.79 -23.54
C TYR D 18 -53.81 19.31 -23.60
N LEU D 19 -53.00 18.52 -22.91
CA LEU D 19 -53.19 17.07 -22.94
C LEU D 19 -54.64 16.68 -22.64
N ASP D 20 -55.33 16.18 -23.66
CA ASP D 20 -56.75 15.86 -23.53
C ASP D 20 -56.94 14.65 -22.62
N THR D 21 -58.21 14.28 -22.41
CA THR D 21 -58.54 13.19 -21.51
C THR D 21 -58.12 11.84 -22.09
N ALA D 22 -58.43 11.64 -23.37
CA ALA D 22 -58.12 10.40 -24.05
C ALA D 22 -56.60 10.34 -24.17
N ALA D 23 -56.00 11.51 -24.33
CA ALA D 23 -54.55 11.62 -24.48
C ALA D 23 -53.84 11.16 -23.21
N MET D 24 -54.36 11.59 -22.06
CA MET D 24 -53.77 11.20 -20.78
C MET D 24 -53.72 9.69 -20.61
N GLU D 25 -54.67 8.97 -21.23
CA GLU D 25 -54.70 7.51 -21.13
C GLU D 25 -53.68 6.82 -22.02
N LYS D 26 -53.56 7.26 -23.27
CA LYS D 26 -52.60 6.65 -24.16
C LYS D 26 -51.25 6.64 -23.44
N LEU D 27 -50.94 7.77 -22.80
CA LEU D 27 -49.69 7.91 -22.06
C LEU D 27 -49.65 6.92 -20.90
N LYS D 28 -50.81 6.67 -20.30
CA LYS D 28 -50.90 5.71 -19.21
C LYS D 28 -50.70 4.30 -19.77
N ALA D 29 -51.50 3.97 -20.77
CA ALA D 29 -51.42 2.67 -21.42
C ALA D 29 -49.96 2.37 -21.67
N TYR D 30 -49.28 3.27 -22.38
CA TYR D 30 -47.89 3.07 -22.68
C TYR D 30 -47.11 2.81 -21.39
N PHE D 31 -47.18 3.73 -20.45
CA PHE D 31 -46.48 3.58 -19.18
C PHE D 31 -46.74 2.22 -18.54
N ALA D 32 -47.98 1.74 -18.59
CA ALA D 32 -48.31 0.46 -17.98
C ALA D 32 -47.62 -0.73 -18.65
N THR D 33 -47.41 -0.61 -19.96
CA THR D 33 -46.77 -1.67 -20.73
C THR D 33 -45.24 -1.56 -20.78
N GLY D 34 -44.71 -0.44 -20.31
CA GLY D 34 -43.27 -0.22 -20.33
C GLY D 34 -42.37 -1.40 -20.02
N GLU D 35 -42.40 -1.90 -18.79
CA GLU D 35 -41.55 -3.00 -18.38
C GLU D 35 -41.46 -4.14 -19.38
N LEU D 36 -42.58 -4.80 -19.62
CA LEU D 36 -42.64 -5.94 -20.53
C LEU D 36 -41.93 -5.67 -21.86
N ARG D 37 -41.87 -4.40 -22.26
CA ARG D 37 -41.18 -4.02 -23.49
C ARG D 37 -39.69 -4.15 -23.24
N VAL D 38 -39.24 -3.49 -22.18
CA VAL D 38 -37.83 -3.52 -21.81
C VAL D 38 -37.44 -4.98 -21.56
N ARG D 39 -38.31 -5.71 -20.87
CA ARG D 39 -38.03 -7.11 -20.59
C ARG D 39 -37.85 -7.91 -21.89
N ALA D 40 -38.82 -7.79 -22.79
CA ALA D 40 -38.75 -8.50 -24.05
C ALA D 40 -37.52 -8.08 -24.84
N ALA D 41 -37.24 -6.78 -24.86
CA ALA D 41 -36.09 -6.26 -25.59
C ALA D 41 -34.79 -6.94 -25.17
N SER D 42 -34.58 -7.07 -23.85
CA SER D 42 -33.37 -7.70 -23.34
C SER D 42 -33.20 -9.11 -23.89
N VAL D 43 -34.28 -9.88 -23.91
CA VAL D 43 -34.27 -11.24 -24.42
C VAL D 43 -33.85 -11.31 -25.89
N ILE D 44 -34.52 -10.55 -26.75
CA ILE D 44 -34.18 -10.57 -28.17
C ILE D 44 -32.83 -9.94 -28.42
N SER D 45 -32.17 -9.47 -27.38
CA SER D 45 -30.85 -8.88 -27.55
C SER D 45 -29.83 -9.97 -27.25
N ALA D 46 -30.23 -10.88 -26.37
CA ALA D 46 -29.40 -12.00 -25.96
C ALA D 46 -29.34 -13.08 -27.01
N ASN D 47 -30.43 -13.28 -27.74
CA ASN D 47 -30.49 -14.32 -28.77
C ASN D 47 -30.30 -13.81 -30.18
N ALA D 48 -30.06 -12.50 -30.31
CA ALA D 48 -30.32 -11.80 -31.56
C ALA D 48 -29.79 -12.60 -32.75
N ALA D 49 -28.65 -13.25 -32.56
CA ALA D 49 -27.94 -13.89 -33.66
C ALA D 49 -28.55 -15.24 -34.02
N ASN D 50 -28.89 -16.01 -32.99
CA ASN D 50 -29.66 -17.24 -33.20
C ASN D 50 -31.06 -17.01 -33.73
N ILE D 51 -31.69 -15.90 -33.36
CA ILE D 51 -33.03 -15.61 -33.84
C ILE D 51 -33.01 -15.31 -35.33
N VAL D 52 -31.82 -15.36 -35.92
CA VAL D 52 -31.65 -15.14 -37.34
C VAL D 52 -31.26 -16.47 -37.96
N LYS D 53 -30.35 -17.18 -37.28
CA LYS D 53 -29.87 -18.49 -37.73
C LYS D 53 -31.05 -19.38 -38.09
N GLU D 54 -31.86 -19.68 -37.09
CA GLU D 54 -33.03 -20.53 -37.25
C GLU D 54 -33.94 -20.11 -38.39
N ALA D 55 -34.27 -18.82 -38.43
CA ALA D 55 -35.14 -18.29 -39.48
C ALA D 55 -34.58 -18.62 -40.86
N VAL D 56 -33.29 -18.36 -41.06
CA VAL D 56 -32.65 -18.65 -42.33
C VAL D 56 -32.83 -20.12 -42.69
N ALA D 57 -32.52 -20.99 -41.73
CA ALA D 57 -32.63 -22.44 -41.94
C ALA D 57 -34.04 -22.88 -42.29
N LYS D 58 -35.02 -22.22 -41.70
CA LYS D 58 -36.40 -22.58 -41.95
C LYS D 58 -36.93 -22.11 -43.30
N SER D 59 -36.37 -21.04 -43.84
CA SER D 59 -36.89 -20.50 -45.08
C SER D 59 -35.96 -20.26 -46.26
N LEU D 60 -34.70 -19.92 -45.99
CA LEU D 60 -33.78 -19.62 -47.08
C LEU D 60 -32.77 -20.69 -47.49
N LEU D 61 -32.31 -21.49 -46.53
CA LEU D 61 -31.32 -22.50 -46.87
C LEU D 61 -31.78 -23.70 -47.69
N TYR D 62 -30.80 -24.44 -48.21
CA TYR D 62 -31.01 -25.62 -49.02
C TYR D 62 -32.11 -25.49 -50.08
N SER D 63 -32.14 -24.35 -50.76
CA SER D 63 -33.15 -24.10 -51.77
C SER D 63 -32.52 -23.47 -53.01
N ASP D 64 -33.33 -23.23 -54.03
CA ASP D 64 -32.86 -22.65 -55.28
C ASP D 64 -32.20 -21.27 -55.14
N ILE D 65 -32.61 -20.49 -54.15
CA ILE D 65 -32.04 -19.15 -54.00
C ILE D 65 -30.78 -19.09 -53.12
N THR D 66 -30.00 -20.15 -53.13
CA THR D 66 -28.77 -20.20 -52.35
C THR D 66 -27.77 -21.06 -53.15
N ARG D 67 -28.28 -21.59 -54.25
CA ARG D 67 -27.50 -22.42 -55.18
C ARG D 67 -27.14 -21.48 -56.33
N PRO D 68 -26.09 -21.81 -57.10
CA PRO D 68 -25.71 -20.92 -58.21
C PRO D 68 -26.89 -20.35 -58.97
N GLY D 69 -27.00 -19.02 -58.96
CA GLY D 69 -28.09 -18.35 -59.67
C GLY D 69 -29.22 -17.73 -58.86
N GLY D 70 -29.21 -17.94 -57.54
CA GLY D 70 -30.38 -17.70 -56.71
C GLY D 70 -30.31 -16.50 -55.78
N MEN D 71 -29.38 -15.59 -56.06
CA MEN D 71 -29.41 -14.26 -55.47
C MEN D 71 -28.88 -14.12 -54.04
O MEN D 71 -28.58 -13.02 -53.59
CB MEN D 71 -30.85 -13.79 -55.29
CG MEN D 71 -30.94 -12.35 -54.79
OD1 MEN D 71 -31.57 -12.08 -53.76
ND2 MEN D 71 -30.30 -11.44 -55.51
CE2 MEN D 71 -29.78 -10.18 -54.92
N MET D 72 -28.79 -15.25 -53.35
CA MET D 72 -27.99 -15.39 -52.14
C MET D 72 -26.71 -16.19 -52.40
N TYR D 73 -26.61 -16.73 -53.61
CA TYR D 73 -25.42 -17.48 -54.01
C TYR D 73 -24.26 -16.52 -54.11
N THR D 74 -23.18 -16.87 -53.41
CA THR D 74 -21.96 -16.08 -53.35
C THR D 74 -21.65 -15.75 -51.89
N THR D 75 -20.40 -15.92 -51.50
CA THR D 75 -20.00 -15.61 -50.14
C THR D 75 -20.24 -14.14 -49.76
N ARG D 76 -20.45 -13.28 -50.75
CA ARG D 76 -20.72 -11.88 -50.47
C ARG D 76 -22.23 -11.69 -50.30
N ARG D 77 -22.98 -12.42 -51.11
CA ARG D 77 -24.44 -12.35 -51.08
C ARG D 77 -24.96 -12.88 -49.74
N TYR D 78 -24.58 -14.09 -49.38
CA TYR D 78 -25.00 -14.72 -48.14
C TYR D 78 -24.84 -13.74 -46.95
N ALA D 79 -23.63 -13.21 -46.79
CA ALA D 79 -23.33 -12.28 -45.70
C ALA D 79 -24.19 -11.04 -45.75
N ALA D 80 -24.57 -10.65 -46.96
CA ALA D 80 -25.40 -9.47 -47.16
C ALA D 80 -26.85 -9.70 -46.76
N CYS D 81 -27.32 -10.93 -46.86
CA CYS D 81 -28.70 -11.22 -46.51
C CYS D 81 -28.88 -11.39 -45.00
N ILE D 82 -27.86 -11.91 -44.34
CA ILE D 82 -27.93 -12.06 -42.89
C ILE D 82 -27.85 -10.63 -42.36
N ARG D 83 -26.96 -9.83 -42.96
CA ARG D 83 -26.76 -8.43 -42.58
C ARG D 83 -28.08 -7.66 -42.54
N ASP D 84 -28.93 -7.95 -43.52
CA ASP D 84 -30.24 -7.31 -43.63
C ASP D 84 -31.18 -7.82 -42.54
N LEU D 85 -31.25 -9.14 -42.41
CA LEU D 85 -32.10 -9.75 -41.41
C LEU D 85 -31.71 -9.15 -40.06
N ASP D 86 -30.41 -9.05 -39.81
CA ASP D 86 -29.94 -8.47 -38.56
C ASP D 86 -30.52 -7.08 -38.36
N TYR D 87 -30.63 -6.33 -39.44
CA TYR D 87 -31.18 -4.98 -39.39
C TYR D 87 -32.63 -5.07 -38.93
N TYR D 88 -33.42 -5.83 -39.69
CA TYR D 88 -34.84 -6.01 -39.42
C TYR D 88 -35.18 -6.36 -37.96
N LEU D 89 -34.30 -7.08 -37.28
CA LEU D 89 -34.55 -7.44 -35.88
C LEU D 89 -34.17 -6.31 -34.95
N ARG D 90 -33.11 -5.60 -35.30
CA ARG D 90 -32.66 -4.48 -34.50
C ARG D 90 -33.62 -3.31 -34.60
N TYR D 91 -34.29 -3.15 -35.73
CA TYR D 91 -35.24 -2.06 -35.88
C TYR D 91 -36.61 -2.48 -35.38
N ALA D 92 -36.99 -3.72 -35.66
CA ALA D 92 -38.27 -4.18 -35.16
C ALA D 92 -38.25 -3.93 -33.66
N THR D 93 -37.20 -4.41 -33.01
CA THR D 93 -37.04 -4.27 -31.56
C THR D 93 -37.12 -2.82 -31.04
N TYR D 94 -36.59 -1.85 -31.80
CA TYR D 94 -36.66 -0.44 -31.38
C TYR D 94 -38.12 -0.01 -31.41
N ALA D 95 -38.73 -0.16 -32.59
CA ALA D 95 -40.13 0.19 -32.83
C ALA D 95 -40.98 -0.31 -31.69
N MET D 96 -40.68 -1.53 -31.22
CA MET D 96 -41.41 -2.16 -30.13
C MET D 96 -41.20 -1.36 -28.84
N LEU D 97 -39.95 -1.02 -28.54
CA LEU D 97 -39.64 -0.24 -27.34
C LEU D 97 -40.32 1.12 -27.40
N ALA D 98 -40.31 1.75 -28.57
CA ALA D 98 -40.90 3.06 -28.76
C ALA D 98 -42.43 3.05 -28.81
N GLY D 99 -43.01 1.90 -29.09
CA GLY D 99 -44.45 1.81 -29.19
C GLY D 99 -44.87 2.75 -30.29
N ASP D 100 -44.22 2.62 -31.44
CA ASP D 100 -44.50 3.49 -32.58
C ASP D 100 -43.68 3.07 -33.82
N PRO D 101 -44.36 2.83 -34.95
CA PRO D 101 -43.64 2.43 -36.15
C PRO D 101 -42.72 3.50 -36.76
N SER D 102 -42.68 4.69 -36.15
CA SER D 102 -41.86 5.83 -36.62
C SER D 102 -40.45 5.54 -37.20
N ILE D 103 -39.55 4.91 -36.43
CA ILE D 103 -38.21 4.62 -36.95
C ILE D 103 -38.28 3.80 -38.22
N LEU D 104 -39.12 2.76 -38.22
CA LEU D 104 -39.27 1.90 -39.39
C LEU D 104 -39.51 2.70 -40.67
N ASP D 105 -40.54 3.56 -40.68
CA ASP D 105 -40.83 4.38 -41.86
C ASP D 105 -39.77 5.44 -42.10
N GLU D 106 -39.03 5.78 -41.05
CA GLU D 106 -38.01 6.80 -41.16
C GLU D 106 -36.67 6.26 -41.67
N ARG D 107 -36.06 5.36 -40.90
CA ARG D 107 -34.76 4.80 -41.25
C ARG D 107 -34.76 3.37 -41.72
N VAL D 108 -35.76 2.96 -42.48
CA VAL D 108 -35.79 1.59 -42.96
C VAL D 108 -36.45 1.44 -44.33
N LEU D 109 -37.77 1.53 -44.33
CA LEU D 109 -38.58 1.35 -45.52
C LEU D 109 -38.53 2.34 -46.67
N ASN D 110 -37.99 3.54 -46.43
CA ASN D 110 -37.92 4.55 -47.49
C ASN D 110 -37.15 4.06 -48.72
N GLY D 111 -37.87 3.83 -49.81
CA GLY D 111 -37.26 3.37 -51.05
C GLY D 111 -36.62 1.99 -51.00
N LEU D 112 -36.79 1.28 -49.89
CA LEU D 112 -36.21 -0.04 -49.75
C LEU D 112 -36.70 -0.89 -50.92
N LYS D 113 -38.00 -0.81 -51.18
CA LYS D 113 -38.59 -1.57 -52.28
C LYS D 113 -37.81 -1.28 -53.58
N GLU D 114 -37.46 -0.02 -53.80
CA GLU D 114 -36.73 0.39 -55.00
C GLU D 114 -35.40 -0.27 -55.33
N THR D 115 -34.44 -0.03 -54.45
CA THR D 115 -33.15 -0.67 -54.52
C THR D 115 -33.36 -2.16 -54.71
N TYR D 116 -34.24 -2.76 -53.94
CA TYR D 116 -34.51 -4.20 -54.08
C TYR D 116 -34.95 -4.60 -55.50
N ASN D 117 -36.07 -4.06 -55.99
CA ASN D 117 -36.50 -4.40 -57.34
C ASN D 117 -35.30 -4.13 -58.26
N SER D 118 -34.53 -3.11 -57.87
CA SER D 118 -33.35 -2.66 -58.60
C SER D 118 -32.13 -3.59 -58.65
N LEU D 119 -31.78 -4.19 -57.52
CA LEU D 119 -30.64 -5.09 -57.46
C LEU D 119 -31.06 -6.51 -57.80
N GLY D 120 -32.34 -6.83 -57.59
CA GLY D 120 -32.83 -8.16 -57.89
C GLY D 120 -33.12 -8.95 -56.63
N VAL D 121 -32.87 -8.33 -55.47
CA VAL D 121 -33.15 -8.99 -54.20
C VAL D 121 -34.60 -9.46 -54.25
N PRO D 122 -34.83 -10.75 -54.05
CA PRO D 122 -36.19 -11.32 -54.08
C PRO D 122 -37.05 -10.88 -52.90
N ILE D 123 -38.02 -10.02 -53.16
CA ILE D 123 -38.93 -9.51 -52.14
C ILE D 123 -39.62 -10.63 -51.33
N ALA D 124 -40.40 -11.44 -52.02
CA ALA D 124 -41.14 -12.55 -51.44
C ALA D 124 -40.36 -13.41 -50.46
N ALA D 125 -39.10 -13.68 -50.78
CA ALA D 125 -38.23 -14.50 -49.93
C ALA D 125 -37.75 -13.76 -48.68
N THR D 126 -37.37 -12.48 -48.82
CA THR D 126 -36.92 -11.75 -47.66
C THR D 126 -38.06 -11.57 -46.68
N VAL D 127 -39.29 -11.49 -47.18
CA VAL D 127 -40.44 -11.36 -46.30
C VAL D 127 -40.66 -12.66 -45.55
N GLN D 128 -40.49 -13.79 -46.25
CA GLN D 128 -40.66 -15.10 -45.61
C GLN D 128 -39.58 -15.31 -44.56
N ALA D 129 -38.41 -14.74 -44.82
CA ALA D 129 -37.31 -14.86 -43.88
C ALA D 129 -37.67 -14.13 -42.59
N ILE D 130 -38.19 -12.92 -42.69
CA ILE D 130 -38.52 -12.15 -41.50
C ILE D 130 -39.75 -12.72 -40.84
N GLN D 131 -40.69 -13.21 -41.65
CA GLN D 131 -41.91 -13.80 -41.12
C GLN D 131 -41.50 -14.95 -40.20
N ALA D 132 -40.40 -15.61 -40.56
CA ALA D 132 -39.85 -16.73 -39.80
C ALA D 132 -39.18 -16.25 -38.51
N MET D 133 -38.74 -14.99 -38.48
CA MET D 133 -38.12 -14.44 -37.29
C MET D 133 -39.19 -14.16 -36.23
N LYS D 134 -40.41 -13.88 -36.69
CA LYS D 134 -41.55 -13.63 -35.82
C LYS D 134 -41.80 -14.88 -34.97
N GLU D 135 -41.91 -16.01 -35.65
CA GLU D 135 -42.13 -17.29 -34.99
C GLU D 135 -40.99 -17.51 -34.01
N VAL D 136 -39.77 -17.62 -34.53
CA VAL D 136 -38.62 -17.85 -33.67
C VAL D 136 -38.53 -16.86 -32.50
N THR D 137 -38.90 -15.61 -32.73
CA THR D 137 -38.83 -14.64 -31.66
C THR D 137 -39.97 -14.81 -30.67
N ALA D 138 -41.18 -15.01 -31.19
CA ALA D 138 -42.33 -15.17 -30.32
C ALA D 138 -42.14 -16.33 -29.34
N SER D 139 -41.21 -17.21 -29.64
CA SER D 139 -40.97 -18.37 -28.78
C SER D 139 -40.12 -18.09 -27.55
N LEU D 140 -39.28 -17.07 -27.59
CA LEU D 140 -38.43 -16.76 -26.44
C LEU D 140 -38.86 -15.57 -25.61
N VAL D 141 -39.57 -14.63 -26.22
CA VAL D 141 -39.99 -13.44 -25.48
C VAL D 141 -41.37 -13.59 -24.87
N GLY D 142 -42.17 -14.48 -25.43
CA GLY D 142 -43.51 -14.68 -24.91
C GLY D 142 -44.58 -14.33 -25.92
N ALA D 143 -45.83 -14.65 -25.59
CA ALA D 143 -46.94 -14.35 -26.48
C ALA D 143 -47.29 -12.87 -26.41
N ASP D 144 -47.29 -12.32 -25.20
CA ASP D 144 -47.61 -10.91 -25.00
C ASP D 144 -46.75 -9.94 -25.81
N ALA D 145 -45.43 -10.05 -25.65
CA ALA D 145 -44.48 -9.20 -26.34
C ALA D 145 -44.33 -9.64 -27.78
N GLY D 146 -44.59 -10.92 -28.01
CA GLY D 146 -44.49 -11.50 -29.34
C GLY D 146 -45.52 -10.89 -30.27
N LYS D 147 -46.72 -10.66 -29.74
CA LYS D 147 -47.79 -10.06 -30.52
C LYS D 147 -47.39 -8.62 -30.75
N GLU D 148 -46.64 -8.06 -29.81
CA GLU D 148 -46.17 -6.69 -29.93
C GLU D 148 -45.00 -6.65 -30.90
N MET D 149 -44.15 -7.67 -30.85
CA MET D 149 -43.03 -7.72 -31.78
C MET D 149 -43.59 -8.05 -33.15
N GLY D 150 -44.61 -8.90 -33.15
CA GLY D 150 -45.25 -9.28 -34.40
C GLY D 150 -45.69 -8.10 -35.23
N ILE D 151 -46.58 -7.27 -34.69
CA ILE D 151 -47.07 -6.13 -35.43
C ILE D 151 -45.96 -5.33 -36.11
N TYR D 152 -44.89 -4.99 -35.39
CA TYR D 152 -43.84 -4.22 -36.05
C TYR D 152 -43.12 -5.10 -37.06
N PHE D 153 -43.09 -6.40 -36.80
CA PHE D 153 -42.46 -7.32 -37.75
C PHE D 153 -43.28 -7.28 -39.04
N ASP D 154 -44.60 -7.36 -38.90
CA ASP D 154 -45.49 -7.33 -40.06
C ASP D 154 -45.49 -5.96 -40.72
N TYR D 155 -45.01 -4.96 -39.99
CA TYR D 155 -44.98 -3.61 -40.54
C TYR D 155 -43.86 -3.54 -41.55
N ILE D 156 -42.71 -4.08 -41.17
CA ILE D 156 -41.56 -4.10 -42.05
C ILE D 156 -41.88 -4.86 -43.33
N CYS D 157 -42.76 -5.85 -43.22
CA CYS D 157 -43.17 -6.62 -44.38
C CYS D 157 -44.07 -5.82 -45.33
N SER D 158 -45.18 -5.32 -44.81
CA SER D 158 -46.09 -4.55 -45.65
C SER D 158 -45.38 -3.39 -46.33
N GLY D 159 -44.22 -3.01 -45.80
CA GLY D 159 -43.47 -1.90 -46.36
C GLY D 159 -42.50 -2.38 -47.42
N LEU D 160 -42.95 -3.31 -48.25
CA LEU D 160 -42.12 -3.84 -49.31
C LEU D 160 -43.03 -4.21 -50.47
N SER D 161 -44.27 -3.73 -50.38
CA SER D 161 -45.29 -4.00 -51.38
C SER D 161 -46.20 -2.77 -51.54
N SER E 2 36.38 15.87 19.65
CA SER E 2 35.01 16.09 20.22
C SER E 2 34.12 16.87 19.26
N VAL E 3 33.00 17.36 19.77
CA VAL E 3 32.08 18.16 18.94
C VAL E 3 32.45 19.64 19.18
N VAL E 4 33.12 19.89 20.29
CA VAL E 4 33.58 21.23 20.65
C VAL E 4 34.53 21.60 19.54
N THR E 5 35.49 20.71 19.31
CA THR E 5 36.50 20.87 18.28
C THR E 5 35.88 20.90 16.87
N LYS E 6 34.92 20.01 16.59
CA LYS E 6 34.30 19.97 15.27
C LYS E 6 33.39 21.17 15.00
N SER E 7 32.92 21.82 16.06
CA SER E 7 32.06 22.99 15.92
C SER E 7 32.90 24.23 15.60
N ILE E 8 33.92 24.46 16.43
CA ILE E 8 34.81 25.60 16.25
C ILE E 8 35.26 25.67 14.80
N VAL E 9 35.77 24.57 14.29
CA VAL E 9 36.23 24.50 12.91
C VAL E 9 35.18 24.98 11.92
N ASN E 10 34.00 24.36 11.98
CA ASN E 10 32.90 24.71 11.08
C ASN E 10 32.57 26.20 11.23
N ALA E 11 32.55 26.66 12.47
CA ALA E 11 32.22 28.05 12.76
C ALA E 11 33.24 29.06 12.21
N ASP E 12 34.53 28.72 12.29
CA ASP E 12 35.58 29.61 11.80
C ASP E 12 35.53 29.68 10.26
N ALA E 13 34.91 28.67 9.66
CA ALA E 13 34.78 28.61 8.22
C ALA E 13 33.74 29.61 7.74
N GLU E 14 32.77 29.91 8.59
CA GLU E 14 31.77 30.89 8.21
C GLU E 14 32.08 32.20 8.94
N ALA E 15 33.25 32.23 9.57
CA ALA E 15 33.75 33.39 10.31
C ALA E 15 32.75 33.95 11.30
N ARG E 16 32.21 33.11 12.18
CA ARG E 16 31.22 33.56 13.14
C ARG E 16 31.24 32.83 14.47
N TYR E 17 30.65 33.45 15.50
CA TYR E 17 30.58 32.87 16.83
C TYR E 17 29.69 31.62 16.72
N LEU E 18 29.98 30.60 17.54
CA LEU E 18 29.20 29.38 17.49
C LEU E 18 27.69 29.66 17.56
N SER E 19 26.92 29.02 16.70
CA SER E 19 25.46 29.20 16.67
C SER E 19 24.86 28.62 17.93
N PRO E 20 23.68 29.09 18.34
CA PRO E 20 23.11 28.52 19.57
C PRO E 20 22.99 26.98 19.50
N GLY E 21 22.66 26.46 18.32
CA GLY E 21 22.50 25.02 18.14
C GLY E 21 23.77 24.23 18.42
N GLU E 22 24.90 24.76 17.99
CA GLU E 22 26.18 24.12 18.22
C GLU E 22 26.40 24.07 19.73
N LEU E 23 26.27 25.21 20.39
CA LEU E 23 26.44 25.31 21.84
C LEU E 23 25.50 24.34 22.54
N ASP E 24 24.28 24.23 22.03
CA ASP E 24 23.31 23.32 22.61
C ASP E 24 23.93 21.92 22.58
N ARG E 25 24.74 21.67 21.56
CA ARG E 25 25.38 20.35 21.42
C ARG E 25 26.54 20.15 22.37
N ILE E 26 27.54 21.03 22.35
CA ILE E 26 28.68 20.87 23.24
C ILE E 26 28.17 20.85 24.67
N LYS E 27 26.99 21.43 24.90
CA LYS E 27 26.41 21.47 26.23
C LYS E 27 25.92 20.08 26.64
N ASN E 28 25.11 19.47 25.79
CA ASN E 28 24.57 18.15 26.07
C ASN E 28 25.59 17.03 25.83
N PHE E 29 26.79 17.40 25.43
CA PHE E 29 27.81 16.41 25.18
C PHE E 29 28.73 16.33 26.39
N VAL E 30 28.89 17.45 27.07
CA VAL E 30 29.74 17.50 28.26
C VAL E 30 28.96 16.83 29.39
N SER E 31 27.65 16.72 29.22
CA SER E 31 26.80 16.12 30.23
C SER E 31 26.80 14.62 30.10
N THR E 32 27.34 14.13 29.00
CA THR E 32 27.38 12.70 28.74
C THR E 32 28.75 12.16 29.15
N GLY E 33 29.64 13.08 29.49
CA GLY E 33 31.00 12.73 29.87
C GLY E 33 31.23 11.67 30.92
N GLU E 34 30.77 11.91 32.15
CA GLU E 34 30.96 10.96 33.24
C GLU E 34 30.80 9.52 32.75
N ARG E 35 29.70 9.27 32.04
CA ARG E 35 29.39 7.97 31.49
C ARG E 35 30.48 7.52 30.52
N ARG E 36 30.69 8.30 29.46
CA ARG E 36 31.70 7.98 28.46
C ARG E 36 32.98 7.43 29.10
N LEU E 37 33.52 8.18 30.06
CA LEU E 37 34.74 7.78 30.73
C LEU E 37 34.57 6.43 31.43
N ARG E 38 33.37 6.18 31.95
CA ARG E 38 33.10 4.91 32.64
C ARG E 38 33.30 3.77 31.66
N ILE E 39 32.75 3.93 30.46
CA ILE E 39 32.84 2.94 29.39
C ILE E 39 34.29 2.69 29.00
N ALA E 40 35.04 3.77 28.81
CA ALA E 40 36.45 3.64 28.43
C ALA E 40 37.21 2.93 29.54
N GLN E 41 36.95 3.34 30.77
CA GLN E 41 37.59 2.75 31.94
C GLN E 41 37.36 1.26 32.03
N THR E 42 36.12 0.83 31.80
CA THR E 42 35.82 -0.58 31.91
C THR E 42 36.53 -1.39 30.81
N LEU E 43 36.61 -0.87 29.59
CA LEU E 43 37.28 -1.61 28.53
C LEU E 43 38.77 -1.66 28.80
N THR E 44 39.31 -0.57 29.32
CA THR E 44 40.73 -0.53 29.60
C THR E 44 41.19 -1.37 30.80
N GLU E 45 40.25 -1.91 31.58
CA GLU E 45 40.60 -2.75 32.72
C GLU E 45 40.55 -4.21 32.28
N ASN E 46 39.82 -4.45 31.20
CA ASN E 46 39.66 -5.80 30.68
C ASN E 46 40.32 -5.94 29.31
N ARG E 47 41.06 -4.90 28.90
CA ARG E 47 41.75 -4.91 27.60
C ARG E 47 42.53 -6.20 27.40
N GLU E 48 43.13 -6.69 28.48
CA GLU E 48 43.92 -7.91 28.50
C GLU E 48 43.17 -9.14 27.99
N ARG E 49 42.03 -9.41 28.63
CA ARG E 49 41.21 -10.55 28.24
C ARG E 49 40.50 -10.30 26.90
N ILE E 50 39.78 -9.18 26.79
CA ILE E 50 39.04 -8.84 25.58
C ILE E 50 39.80 -9.11 24.29
N VAL E 51 41.12 -8.95 24.33
CA VAL E 51 41.95 -9.18 23.15
C VAL E 51 42.28 -10.67 22.99
N LYS E 52 42.54 -11.34 24.10
CA LYS E 52 42.90 -12.76 24.07
C LYS E 52 41.83 -13.66 23.45
N GLN E 53 40.67 -13.78 24.11
CA GLN E 53 39.63 -14.64 23.56
C GLN E 53 39.20 -14.14 22.20
N ALA E 54 39.09 -12.84 22.04
CA ALA E 54 38.72 -12.26 20.76
C ALA E 54 39.79 -12.72 19.78
N GLY E 55 40.99 -12.95 20.31
CA GLY E 55 42.09 -13.39 19.48
C GLY E 55 41.89 -14.84 19.08
N ASP E 56 41.36 -15.65 19.99
CA ASP E 56 41.11 -17.06 19.70
C ASP E 56 39.95 -17.13 18.71
N GLN E 57 38.84 -16.49 19.06
CA GLN E 57 37.67 -16.48 18.21
C GLN E 57 38.02 -16.20 16.75
N LEU E 58 39.05 -15.41 16.51
CA LEU E 58 39.44 -15.10 15.13
C LEU E 58 40.23 -16.24 14.50
N PHE E 59 41.23 -16.74 15.22
CA PHE E 59 42.07 -17.82 14.71
C PHE E 59 41.26 -19.08 14.44
N GLN E 60 40.06 -19.14 15.01
CA GLN E 60 39.21 -20.30 14.77
C GLN E 60 38.50 -20.11 13.44
N LYS E 61 37.92 -18.93 13.24
CA LYS E 61 37.19 -18.62 12.02
C LYS E 61 38.07 -18.52 10.78
N ARG E 62 39.35 -18.19 10.98
CA ARG E 62 40.30 -18.03 9.88
C ARG E 62 41.64 -18.74 10.14
N PRO E 63 41.63 -20.06 10.29
CA PRO E 63 42.85 -20.84 10.55
C PRO E 63 43.98 -20.64 9.52
N ASP E 64 43.63 -20.07 8.37
CA ASP E 64 44.63 -19.74 7.35
C ASP E 64 45.56 -18.63 7.82
N VAL E 65 45.06 -17.78 8.72
CA VAL E 65 45.86 -16.71 9.28
C VAL E 65 47.01 -17.26 10.11
N VAL E 66 46.75 -18.33 10.85
CA VAL E 66 47.68 -18.83 11.85
C VAL E 66 48.37 -20.15 11.52
N SER E 67 48.31 -20.57 10.26
CA SER E 67 48.95 -21.82 9.84
C SER E 67 50.05 -21.53 8.80
N PRO E 68 50.64 -22.58 8.20
CA PRO E 68 51.68 -22.32 7.21
C PRO E 68 51.24 -21.45 6.04
N GLY E 69 52.03 -20.43 5.74
CA GLY E 69 51.70 -19.53 4.65
C GLY E 69 50.81 -18.31 4.83
N GLY E 70 50.27 -18.14 6.03
CA GLY E 70 49.39 -17.02 6.31
C GLY E 70 50.21 -16.08 7.18
N ASN E 71 49.85 -14.81 7.17
CA ASN E 71 50.63 -13.78 7.83
C ASN E 71 51.11 -14.21 9.21
N ALA E 72 50.17 -14.27 10.16
CA ALA E 72 50.52 -14.47 11.56
C ALA E 72 50.85 -15.93 11.84
N TYR E 73 52.14 -16.26 11.78
CA TYR E 73 52.57 -17.65 11.82
C TYR E 73 53.72 -17.84 12.80
N GLY E 74 53.55 -18.78 13.72
CA GLY E 74 54.54 -19.01 14.77
C GLY E 74 54.29 -17.95 15.84
N GLU E 75 54.65 -18.23 17.09
CA GLU E 75 54.44 -17.24 18.15
C GLU E 75 54.95 -15.88 17.70
N GLU E 76 55.96 -15.90 16.83
CA GLU E 76 56.55 -14.69 16.28
C GLU E 76 55.65 -13.66 15.63
N MET E 77 55.06 -14.05 14.50
CA MET E 77 54.09 -13.25 13.80
C MET E 77 52.77 -13.10 14.53
N THR E 78 52.26 -14.18 15.08
CA THR E 78 50.99 -14.14 15.78
C THR E 78 51.01 -13.14 16.94
N ALA E 79 52.12 -13.11 17.67
CA ALA E 79 52.26 -12.21 18.80
C ALA E 79 52.01 -10.76 18.41
N THR E 80 52.47 -10.39 17.23
CA THR E 80 52.29 -9.02 16.74
C THR E 80 50.85 -8.83 16.24
N CYS E 81 50.26 -9.86 15.66
CA CYS E 81 48.90 -9.75 15.18
C CYS E 81 48.02 -9.30 16.34
N LEU E 82 48.17 -9.96 17.47
CA LEU E 82 47.39 -9.58 18.63
C LEU E 82 47.73 -8.12 18.97
N ARG E 83 49.01 -7.80 19.00
CA ARG E 83 49.46 -6.43 19.22
C ARG E 83 48.63 -5.45 18.40
N ASP E 84 48.52 -5.71 17.10
CA ASP E 84 47.72 -4.87 16.21
C ASP E 84 46.31 -4.69 16.74
N LEU E 85 45.76 -5.76 17.32
CA LEU E 85 44.39 -5.74 17.84
C LEU E 85 44.27 -4.91 19.11
N ASP E 86 45.31 -4.90 19.93
CA ASP E 86 45.29 -4.11 21.15
C ASP E 86 45.43 -2.65 20.76
N TYR E 87 46.15 -2.40 19.67
CA TYR E 87 46.34 -1.05 19.16
C TYR E 87 44.96 -0.44 18.94
N TYR E 88 44.12 -1.15 18.19
CA TYR E 88 42.78 -0.69 17.92
C TYR E 88 41.88 -0.60 19.14
N LEU E 89 42.05 -1.45 20.15
CA LEU E 89 41.17 -1.32 21.30
C LEU E 89 41.45 0.06 21.90
N ARG E 90 42.73 0.38 22.07
CA ARG E 90 43.15 1.66 22.63
C ARG E 90 42.55 2.84 21.84
N LEU E 91 42.50 2.73 20.52
CA LEU E 91 41.94 3.81 19.73
C LEU E 91 40.42 3.89 19.88
N VAL E 92 39.80 2.79 20.29
CA VAL E 92 38.35 2.82 20.50
C VAL E 92 38.04 3.64 21.76
N THR E 93 38.78 3.39 22.84
CA THR E 93 38.51 4.13 24.06
C THR E 93 38.70 5.60 23.77
N TYR E 94 39.60 5.92 22.86
CA TYR E 94 39.86 7.33 22.51
C TYR E 94 38.63 7.94 21.86
N GLY E 95 38.15 7.33 20.78
CA GLY E 95 36.98 7.83 20.10
C GLY E 95 35.82 8.03 21.06
N ILE E 96 35.64 7.05 21.95
CA ILE E 96 34.58 7.08 22.94
C ILE E 96 34.68 8.32 23.83
N VAL E 97 35.81 8.51 24.48
CA VAL E 97 36.01 9.67 25.36
C VAL E 97 35.78 11.00 24.64
N ALA E 98 36.15 11.03 23.35
CA ALA E 98 36.01 12.22 22.50
C ALA E 98 34.57 12.44 22.02
N GLY E 99 33.84 11.35 21.84
CA GLY E 99 32.48 11.46 21.35
C GLY E 99 32.60 11.72 19.86
N ASP E 100 33.79 11.43 19.34
CA ASP E 100 34.09 11.62 17.94
C ASP E 100 34.83 10.39 17.43
N VAL E 101 34.98 10.29 16.12
CA VAL E 101 35.67 9.16 15.54
C VAL E 101 37.02 9.58 14.96
N THR E 102 37.21 10.88 14.81
CA THR E 102 38.45 11.39 14.25
C THR E 102 39.71 10.75 14.84
N PRO E 103 39.88 10.78 16.17
CA PRO E 103 41.10 10.16 16.71
C PRO E 103 41.44 8.79 16.10
N ILE E 104 40.41 7.98 15.85
CA ILE E 104 40.64 6.68 15.24
C ILE E 104 41.14 6.90 13.80
N GLU E 105 40.44 7.75 13.05
CA GLU E 105 40.82 8.04 11.67
C GLU E 105 42.28 8.46 11.54
N GLU E 106 42.63 9.56 12.19
CA GLU E 106 44.00 10.07 12.11
C GLU E 106 45.06 9.15 12.67
N ILE E 107 44.75 8.41 13.72
CA ILE E 107 45.75 7.54 14.31
C ILE E 107 45.95 6.19 13.63
N GLY E 108 44.85 5.57 13.18
CA GLY E 108 44.98 4.26 12.55
C GLY E 108 44.03 3.87 11.43
N LEU E 109 43.68 4.80 10.54
CA LEU E 109 42.79 4.49 9.41
C LEU E 109 43.19 5.15 8.09
N VAL E 110 43.85 6.31 8.20
CA VAL E 110 44.34 7.02 7.03
C VAL E 110 45.44 6.23 6.31
N GLY E 111 45.04 5.22 5.56
CA GLY E 111 45.98 4.44 4.78
C GLY E 111 46.33 3.12 5.46
N VAL E 112 45.37 2.56 6.18
CA VAL E 112 45.56 1.26 6.83
C VAL E 112 45.90 0.27 5.74
N ARG E 113 45.12 0.34 4.65
CA ARG E 113 45.29 -0.53 3.51
C ARG E 113 46.66 -0.41 2.88
N GLU E 114 47.12 0.82 2.65
CA GLU E 114 48.44 1.01 2.04
C GLU E 114 49.49 0.27 2.88
N MET E 115 49.38 0.39 4.22
CA MET E 115 50.29 -0.25 5.15
C MET E 115 50.20 -1.76 5.11
N TYR E 116 49.00 -2.27 5.34
CA TYR E 116 48.81 -3.73 5.36
C TYR E 116 49.14 -4.43 4.05
N ASN E 117 48.82 -3.81 2.91
CA ASN E 117 49.10 -4.42 1.60
C ASN E 117 50.59 -4.69 1.42
N SER E 118 51.39 -3.74 1.92
CA SER E 118 52.84 -3.81 1.89
C SER E 118 53.30 -5.01 2.72
N LEU E 119 52.56 -5.33 3.79
CA LEU E 119 52.89 -6.43 4.68
C LEU E 119 52.22 -7.73 4.27
N GLY E 120 51.37 -7.65 3.26
CA GLY E 120 50.67 -8.83 2.77
C GLY E 120 49.65 -9.47 3.70
N THR E 121 49.12 -8.69 4.62
CA THR E 121 48.14 -9.22 5.57
C THR E 121 46.72 -8.95 5.09
N PRO E 122 45.86 -9.98 5.20
CA PRO E 122 44.47 -9.85 4.78
C PRO E 122 43.72 -8.85 5.63
N ILE E 123 43.13 -7.84 5.00
CA ILE E 123 42.37 -6.82 5.72
C ILE E 123 41.03 -7.40 6.22
N PRO E 124 40.33 -8.20 5.38
CA PRO E 124 39.07 -8.75 5.84
C PRO E 124 39.30 -9.60 7.09
N ALA E 125 40.49 -10.16 7.21
CA ALA E 125 40.83 -10.97 8.35
C ALA E 125 40.98 -10.07 9.57
N VAL E 126 41.59 -8.90 9.35
CA VAL E 126 41.80 -7.95 10.42
C VAL E 126 40.45 -7.46 10.89
N ALA E 127 39.56 -7.21 9.92
CA ALA E 127 38.21 -6.73 10.19
C ALA E 127 37.46 -7.69 11.13
N GLU E 128 37.67 -8.99 10.94
CA GLU E 128 37.03 -9.99 11.78
C GLU E 128 37.69 -9.98 13.16
N GLY E 129 38.93 -9.52 13.23
CA GLY E 129 39.65 -9.46 14.50
C GLY E 129 39.13 -8.34 15.38
N ILE E 130 38.65 -7.28 14.74
CA ILE E 130 38.11 -6.14 15.47
C ILE E 130 36.65 -6.44 15.82
N ARG E 131 35.97 -7.15 14.93
CA ARG E 131 34.57 -7.52 15.15
C ARG E 131 34.51 -8.36 16.43
N ALA E 132 35.27 -9.44 16.45
CA ALA E 132 35.30 -10.30 17.63
C ALA E 132 35.42 -9.48 18.91
N MET E 133 36.35 -8.51 18.92
CA MET E 133 36.57 -7.64 20.09
C MET E 133 35.29 -6.95 20.50
N LYS E 134 34.63 -6.30 19.54
CA LYS E 134 33.39 -5.58 19.78
C LYS E 134 32.38 -6.44 20.53
N ASN E 135 32.51 -7.76 20.43
CA ASN E 135 31.58 -8.63 21.13
C ASN E 135 32.08 -8.96 22.53
N VAL E 136 33.39 -9.22 22.67
CA VAL E 136 33.96 -9.50 23.98
C VAL E 136 33.76 -8.28 24.89
N ALA E 137 34.11 -7.10 24.40
CA ALA E 137 33.98 -5.87 25.16
C ALA E 137 32.52 -5.51 25.44
N CYS E 138 31.68 -5.60 24.42
CA CYS E 138 30.26 -5.29 24.59
C CYS E 138 29.59 -6.16 25.66
N SER E 139 30.12 -7.36 25.88
CA SER E 139 29.56 -8.27 26.87
C SER E 139 29.78 -7.75 28.29
N LEU E 140 30.73 -6.85 28.45
CA LEU E 140 31.07 -6.28 29.75
C LEU E 140 30.32 -4.97 30.01
N LEU E 141 29.50 -4.56 29.05
CA LEU E 141 28.78 -3.31 29.19
C LEU E 141 27.26 -3.45 29.32
N SER E 142 26.63 -2.40 29.81
CA SER E 142 25.20 -2.37 29.99
C SER E 142 24.55 -2.28 28.63
N ALA E 143 23.24 -2.50 28.58
CA ALA E 143 22.49 -2.47 27.33
C ALA E 143 22.79 -1.25 26.47
N GLU E 144 22.87 -0.08 27.10
CA GLU E 144 23.15 1.17 26.39
C GLU E 144 24.63 1.45 26.20
N ASP E 145 25.42 1.34 27.28
CA ASP E 145 26.85 1.56 27.17
C ASP E 145 27.45 0.67 26.09
N ALA E 146 26.66 -0.32 25.66
CA ALA E 146 27.09 -1.25 24.64
C ALA E 146 26.73 -0.76 23.24
N ALA E 147 25.55 -0.18 23.09
CA ALA E 147 25.12 0.31 21.80
C ALA E 147 26.07 1.39 21.31
N GLU E 148 26.27 2.41 22.14
CA GLU E 148 27.15 3.52 21.80
C GLU E 148 28.59 3.04 21.56
N ALA E 149 29.12 2.26 22.50
CA ALA E 149 30.49 1.76 22.36
C ALA E 149 30.56 0.92 21.11
N GLY E 150 29.41 0.38 20.69
CA GLY E 150 29.36 -0.44 19.51
C GLY E 150 29.73 0.29 18.23
N SER E 151 29.25 1.52 18.11
CA SER E 151 29.52 2.36 16.96
C SER E 151 31.00 2.34 16.60
N TYR E 152 31.82 2.85 17.52
CA TYR E 152 33.27 2.92 17.30
C TYR E 152 33.93 1.63 16.80
N PHE E 153 33.32 0.49 17.06
CA PHE E 153 33.91 -0.75 16.58
C PHE E 153 33.45 -0.95 15.15
N ASP E 154 32.18 -0.64 14.86
CA ASP E 154 31.65 -0.81 13.51
C ASP E 154 32.31 0.15 12.51
N PHE E 155 32.56 1.38 12.93
CA PHE E 155 33.17 2.34 12.04
C PHE E 155 34.51 1.83 11.55
N VAL E 156 35.26 1.19 12.43
CA VAL E 156 36.56 0.66 12.03
C VAL E 156 36.38 -0.42 10.98
N ILE E 157 35.82 -1.56 11.39
CA ILE E 157 35.60 -2.68 10.47
C ILE E 157 35.13 -2.22 9.08
N GLY E 158 34.24 -1.23 9.06
CA GLY E 158 33.72 -0.73 7.80
C GLY E 158 34.75 -0.06 6.92
N ALA E 159 35.85 0.34 7.52
CA ALA E 159 36.92 0.99 6.77
C ALA E 159 37.94 -0.05 6.37
N MET E 160 37.88 -1.21 7.03
CA MET E 160 38.81 -2.29 6.75
C MET E 160 38.38 -3.09 5.53
N GLN E 161 37.75 -2.41 4.57
CA GLN E 161 37.27 -3.06 3.36
C GLN E 161 37.63 -2.25 2.12
N MET F 1 42.98 21.09 14.64
CA MET F 1 42.86 21.86 15.92
C MET F 1 42.76 20.92 17.12
N GLN F 2 43.15 21.41 18.29
CA GLN F 2 43.07 20.59 19.48
C GLN F 2 42.26 21.27 20.56
N ASP F 3 41.67 20.46 21.42
CA ASP F 3 40.91 20.97 22.54
C ASP F 3 41.46 20.23 23.76
N ALA F 4 41.03 20.63 24.95
CA ALA F 4 41.48 20.02 26.18
C ALA F 4 41.49 18.49 26.12
N ILE F 5 40.44 17.91 25.54
CA ILE F 5 40.35 16.45 25.46
C ILE F 5 41.28 15.84 24.42
N THR F 6 41.09 16.20 23.15
CA THR F 6 41.92 15.69 22.06
C THR F 6 43.37 15.89 22.45
N ALA F 7 43.60 16.88 23.30
CA ALA F 7 44.94 17.18 23.79
C ALA F 7 45.41 16.04 24.70
N VAL F 8 44.54 15.62 25.63
CA VAL F 8 44.85 14.54 26.57
C VAL F 8 45.17 13.21 25.89
N ILE F 9 44.31 12.81 24.96
CA ILE F 9 44.49 11.55 24.25
C ILE F 9 45.75 11.53 23.40
N ASN F 10 46.00 12.61 22.66
CA ASN F 10 47.20 12.67 21.84
C ASN F 10 48.47 12.43 22.64
N ALA F 11 48.54 13.02 23.83
CA ALA F 11 49.71 12.88 24.69
C ALA F 11 49.88 11.47 25.24
N SER F 12 48.76 10.75 25.38
CA SER F 12 48.78 9.37 25.85
C SER F 12 49.05 8.42 24.69
N ASP F 13 48.66 8.83 23.50
CA ASP F 13 48.86 8.01 22.31
C ASP F 13 50.32 8.00 21.84
N VAL F 14 51.05 9.05 22.17
CA VAL F 14 52.45 9.17 21.79
C VAL F 14 53.25 8.16 22.58
N GLN F 15 52.75 7.80 23.75
CA GLN F 15 53.43 6.85 24.62
C GLN F 15 52.86 5.46 24.46
N GLY F 16 51.71 5.36 23.80
CA GLY F 16 51.10 4.07 23.59
C GLY F 16 50.20 3.58 24.71
N LYS F 17 50.17 4.32 25.81
CA LYS F 17 49.35 3.95 26.97
C LYS F 17 47.83 4.17 26.78
N TYR F 18 47.04 3.39 27.51
CA TYR F 18 45.60 3.55 27.48
C TYR F 18 45.39 4.77 28.36
N LEU F 19 44.19 5.33 28.35
CA LEU F 19 43.93 6.52 29.15
C LEU F 19 44.38 6.32 30.60
N ASP F 20 45.43 7.03 30.98
CA ASP F 20 46.01 6.87 32.32
C ASP F 20 45.07 7.42 33.38
N THR F 21 45.50 7.31 34.64
CA THR F 21 44.65 7.74 35.76
C THR F 21 44.54 9.26 35.82
N ALA F 22 45.67 9.93 35.67
CA ALA F 22 45.71 11.38 35.73
C ALA F 22 44.98 11.89 34.49
N ALA F 23 45.09 11.13 33.41
CA ALA F 23 44.44 11.48 32.15
C ALA F 23 42.92 11.48 32.29
N MET F 24 42.41 10.45 32.95
CA MET F 24 40.98 10.34 33.16
C MET F 24 40.41 11.56 33.89
N GLU F 25 41.22 12.20 34.73
CA GLU F 25 40.77 13.38 35.47
C GLU F 25 40.74 14.64 34.63
N LYS F 26 41.79 14.88 33.84
CA LYS F 26 41.81 16.07 33.01
C LYS F 26 40.51 16.09 32.22
N LEU F 27 40.12 14.92 31.70
CA LEU F 27 38.89 14.79 30.93
C LEU F 27 37.69 15.10 31.81
N LYS F 28 37.77 14.74 33.08
CA LYS F 28 36.69 15.02 34.02
C LYS F 28 36.66 16.52 34.30
N ALA F 29 37.81 17.05 34.70
CA ALA F 29 37.93 18.47 34.98
C ALA F 29 37.26 19.24 33.85
N TYR F 30 37.70 18.98 32.63
CA TYR F 30 37.13 19.66 31.48
C TYR F 30 35.61 19.48 31.49
N PHE F 31 35.15 18.24 31.49
CA PHE F 31 33.71 17.98 31.50
C PHE F 31 32.97 18.75 32.58
N ALA F 32 33.56 18.86 33.77
CA ALA F 32 32.92 19.58 34.86
C ALA F 32 32.76 21.08 34.59
N THR F 33 33.71 21.64 33.86
CA THR F 33 33.71 23.06 33.54
C THR F 33 32.96 23.39 32.25
N GLY F 34 32.58 22.36 31.50
CA GLY F 34 31.86 22.57 30.25
C GLY F 34 30.82 23.66 30.18
N GLU F 35 29.72 23.50 30.92
CA GLU F 35 28.65 24.48 30.91
C GLU F 35 29.09 25.93 30.98
N LEU F 36 29.72 26.30 32.09
CA LEU F 36 30.17 27.68 32.30
C LEU F 36 30.92 28.24 31.09
N ARG F 37 31.53 27.37 30.30
CA ARG F 37 32.24 27.80 29.10
C ARG F 37 31.20 28.18 28.07
N VAL F 38 30.28 27.25 27.82
CA VAL F 38 29.22 27.49 26.86
C VAL F 38 28.42 28.71 27.32
N ARG F 39 28.14 28.78 28.62
CA ARG F 39 27.40 29.90 29.15
C ARG F 39 28.12 31.23 28.85
N ALA F 40 29.39 31.29 29.23
CA ALA F 40 30.19 32.49 29.01
C ALA F 40 30.25 32.84 27.52
N ALA F 41 30.46 31.81 26.70
CA ALA F 41 30.55 32.01 25.25
C ALA F 41 29.33 32.72 24.71
N SER F 42 28.14 32.28 25.10
CA SER F 42 26.91 32.91 24.63
C SER F 42 26.87 34.41 24.94
N VAL F 43 27.28 34.77 26.14
CA VAL F 43 27.31 36.17 26.57
C VAL F 43 28.24 37.02 25.69
N ILE F 44 29.49 36.59 25.53
CA ILE F 44 30.42 37.34 24.71
C ILE F 44 30.06 37.30 23.24
N SER F 45 28.99 36.59 22.91
CA SER F 45 28.57 36.52 21.53
C SER F 45 27.49 37.57 21.33
N ALA F 46 26.77 37.83 22.42
CA ALA F 46 25.69 38.80 22.42
C ALA F 46 26.21 40.23 22.46
N ASN F 47 27.33 40.44 23.14
CA ASN F 47 27.89 41.78 23.27
C ASN F 47 29.05 42.06 22.34
N ALA F 48 29.38 41.07 21.50
CA ALA F 48 30.70 40.99 20.89
C ALA F 48 31.15 42.34 20.36
N ALA F 49 30.20 43.11 19.84
CA ALA F 49 30.52 44.34 19.13
C ALA F 49 30.79 45.49 20.10
N ASN F 50 29.95 45.60 21.12
CA ASN F 50 30.21 46.51 22.22
C ASN F 50 31.46 46.20 23.03
N ILE F 51 31.80 44.93 23.16
CA ILE F 51 32.98 44.54 23.91
C ILE F 51 34.24 45.00 23.18
N VAL F 52 34.04 45.63 22.03
CA VAL F 52 35.15 46.13 21.23
C VAL F 52 35.07 47.64 21.30
N LYS F 53 33.85 48.18 21.16
CA LYS F 53 33.60 49.62 21.21
C LYS F 53 34.29 50.23 22.42
N GLU F 54 33.86 49.80 23.60
CA GLU F 54 34.39 50.30 24.85
C GLU F 54 35.90 50.21 24.94
N ALA F 55 36.46 49.06 24.59
CA ALA F 55 37.90 48.86 24.63
C ALA F 55 38.61 49.94 23.80
N VAL F 56 38.14 50.14 22.57
CA VAL F 56 38.73 51.14 21.69
C VAL F 56 38.72 52.50 22.38
N ALA F 57 37.56 52.89 22.92
CA ALA F 57 37.41 54.17 23.59
C ALA F 57 38.33 54.33 24.78
N LYS F 58 38.58 53.25 25.49
CA LYS F 58 39.42 53.31 26.65
C LYS F 58 40.91 53.38 26.33
N SER F 59 41.31 52.87 25.17
CA SER F 59 42.73 52.85 24.86
C SER F 59 43.22 53.44 23.54
N LEU F 60 42.41 53.36 22.49
CA LEU F 60 42.86 53.86 21.20
C LEU F 60 42.36 55.21 20.72
N LEU F 61 41.14 55.58 21.10
CA LEU F 61 40.59 56.85 20.64
C LEU F 61 41.19 58.13 21.25
N TYR F 62 40.87 59.25 20.60
CA TYR F 62 41.32 60.58 21.00
C TYR F 62 42.79 60.65 21.40
N SER F 63 43.65 60.00 20.64
CA SER F 63 45.08 59.99 20.92
C SER F 63 45.88 60.21 19.66
N ASP F 64 47.21 60.25 19.79
CA ASP F 64 48.10 60.46 18.66
C ASP F 64 47.99 59.41 17.56
N ILE F 65 47.64 58.17 17.91
CA ILE F 65 47.55 57.12 16.89
C ILE F 65 46.19 56.99 16.21
N THR F 66 45.49 58.10 16.07
CA THR F 66 44.18 58.12 15.41
C THR F 66 44.05 59.48 14.71
N ARG F 67 45.06 60.30 14.92
CA ARG F 67 45.16 61.63 14.32
C ARG F 67 46.13 61.47 13.15
N PRO F 68 46.09 62.37 12.17
CA PRO F 68 47.00 62.24 11.03
C PRO F 68 48.40 61.79 11.41
N GLY F 69 48.81 60.63 10.89
CA GLY F 69 50.14 60.10 11.16
C GLY F 69 50.26 58.91 12.10
N GLY F 70 49.16 58.49 12.69
CA GLY F 70 49.19 57.59 13.83
C GLY F 70 48.74 56.16 13.60
N MEN F 71 48.69 55.76 12.33
CA MEN F 71 48.59 54.35 11.97
C MEN F 71 47.20 53.73 12.06
O MEN F 71 46.95 52.66 11.48
CB MEN F 71 49.35 53.48 12.97
CG MEN F 71 49.32 52.01 12.61
OD1 MEN F 71 48.90 51.18 13.42
ND2 MEN F 71 49.76 51.68 11.40
CE2 MEN F 71 49.57 50.37 10.76
N MET F 72 46.31 54.38 12.78
CA MET F 72 44.87 54.17 12.70
C MET F 72 44.18 55.29 11.94
N TYR F 73 44.95 56.32 11.59
CA TYR F 73 44.40 57.46 10.84
C TYR F 73 44.12 56.99 9.44
N THR F 74 42.88 57.25 9.02
CA THR F 74 42.37 56.88 7.70
C THR F 74 41.14 56.00 7.87
N THR F 75 40.11 56.30 7.10
CA THR F 75 38.88 55.51 7.17
C THR F 75 39.09 54.04 6.84
N ARG F 76 40.22 53.72 6.21
CA ARG F 76 40.52 52.33 5.89
C ARG F 76 41.26 51.69 7.07
N ARG F 77 42.12 52.48 7.70
CA ARG F 77 42.90 52.02 8.84
C ARG F 77 41.99 51.71 10.02
N TYR F 78 41.17 52.68 10.41
CA TYR F 78 40.24 52.51 11.53
C TYR F 78 39.46 51.18 11.41
N ALA F 79 38.82 50.98 10.27
CA ALA F 79 38.03 49.78 10.03
C ALA F 79 38.87 48.52 10.11
N ALA F 80 40.15 48.65 9.77
CA ALA F 80 41.07 47.51 9.80
C ALA F 80 41.48 47.14 11.22
N CYS F 81 41.49 48.11 12.12
CA CYS F 81 41.89 47.83 13.49
C CYS F 81 40.74 47.22 14.29
N ILE F 82 39.51 47.63 13.99
CA ILE F 82 38.36 47.06 14.67
C ILE F 82 38.26 45.64 14.17
N ARG F 83 38.47 45.46 12.86
CA ARG F 83 38.43 44.16 12.19
C ARG F 83 39.33 43.14 12.91
N ASP F 84 40.50 43.61 13.33
CA ASP F 84 41.46 42.78 14.04
C ASP F 84 40.98 42.46 15.44
N LEU F 85 40.56 43.50 16.16
CA LEU F 85 40.05 43.33 17.51
C LEU F 85 38.94 42.31 17.45
N ASP F 86 38.06 42.44 16.46
CA ASP F 86 36.95 41.50 16.31
C ASP F 86 37.47 40.07 16.22
N TYR F 87 38.60 39.91 15.53
CA TYR F 87 39.22 38.60 15.37
C TYR F 87 39.62 38.08 16.74
N TYR F 88 40.44 38.87 17.42
CA TYR F 88 40.95 38.51 18.74
C TYR F 88 39.88 38.04 19.75
N LEU F 89 38.67 38.57 19.64
CA LEU F 89 37.61 38.18 20.56
C LEU F 89 36.96 36.89 20.09
N ARG F 90 36.85 36.73 18.78
CA ARG F 90 36.26 35.52 18.23
C ARG F 90 37.17 34.32 18.42
N TYR F 91 38.48 34.55 18.44
CA TYR F 91 39.40 33.43 18.63
C TYR F 91 39.64 33.20 20.10
N ALA F 92 39.73 34.27 20.87
CA ALA F 92 39.92 34.10 22.29
C ALA F 92 38.78 33.19 22.75
N THR F 93 37.55 33.57 22.40
CA THR F 93 36.36 32.83 22.78
C THR F 93 36.37 31.33 22.36
N TYR F 94 36.94 31.01 21.20
CA TYR F 94 37.02 29.61 20.77
C TYR F 94 37.95 28.88 21.73
N ALA F 95 39.18 29.38 21.81
CA ALA F 95 40.22 28.83 22.68
C ALA F 95 39.65 28.51 24.04
N MET F 96 38.80 29.40 24.53
CA MET F 96 38.15 29.23 25.83
C MET F 96 37.22 28.02 25.80
N LEU F 97 36.39 27.93 24.76
CA LEU F 97 35.47 26.80 24.62
C LEU F 97 36.24 25.48 24.51
N ALA F 98 37.34 25.50 23.75
CA ALA F 98 38.16 24.31 23.56
C ALA F 98 39.02 23.94 24.75
N GLY F 99 39.26 24.89 25.65
CA GLY F 99 40.10 24.63 26.80
C GLY F 99 41.46 24.23 26.26
N ASP F 100 41.99 25.05 25.35
CA ASP F 100 43.28 24.77 24.73
C ASP F 100 43.71 25.90 23.80
N PRO F 101 44.91 26.46 24.00
CA PRO F 101 45.37 27.54 23.13
C PRO F 101 45.65 27.16 21.66
N SER F 102 45.45 25.88 21.33
CA SER F 102 45.68 25.36 19.97
C SER F 102 45.29 26.24 18.76
N ILE F 103 44.04 26.65 18.63
CA ILE F 103 43.63 27.49 17.49
C ILE F 103 44.47 28.75 17.43
N LEU F 104 44.65 29.40 18.58
CA LEU F 104 45.43 30.63 18.64
C LEU F 104 46.80 30.49 17.96
N ASP F 105 47.59 29.50 18.37
CA ASP F 105 48.91 29.27 17.77
C ASP F 105 48.80 28.76 16.35
N GLU F 106 47.66 28.18 16.01
CA GLU F 106 47.46 27.64 14.68
C GLU F 106 47.00 28.68 13.66
N ARG F 107 45.81 29.26 13.90
CA ARG F 107 45.23 30.24 12.98
C ARG F 107 45.23 31.67 13.45
N VAL F 108 46.28 32.10 14.15
CA VAL F 108 46.32 33.48 14.62
C VAL F 108 47.72 34.06 14.69
N LEU F 109 48.46 33.64 15.69
CA LEU F 109 49.79 34.12 15.96
C LEU F 109 50.94 33.82 15.00
N ASN F 110 50.78 32.84 14.12
CA ASN F 110 51.86 32.50 13.18
C ASN F 110 52.29 33.68 12.31
N GLY F 111 53.48 34.19 12.56
CA GLY F 111 54.02 35.32 11.80
C GLY F 111 53.27 36.64 11.96
N LEU F 112 52.28 36.67 12.86
CA LEU F 112 51.51 37.88 13.06
C LEU F 112 52.49 39.00 13.39
N LYS F 113 53.42 38.72 14.28
CA LYS F 113 54.41 39.71 14.66
C LYS F 113 55.11 40.28 13.42
N GLU F 114 55.43 39.40 12.47
CA GLU F 114 56.09 39.81 11.22
C GLU F 114 55.45 40.87 10.34
N THR F 115 54.29 40.52 9.81
CA THR F 115 53.48 41.43 9.04
C THR F 115 53.35 42.73 9.82
N TYR F 116 53.05 42.63 11.12
CA TYR F 116 52.93 43.85 11.93
C TYR F 116 54.18 44.73 11.91
N ASN F 117 55.34 44.21 12.36
CA ASN F 117 56.57 45.00 12.33
C ASN F 117 56.72 45.51 10.90
N SER F 118 56.26 44.68 9.96
CA SER F 118 56.32 44.95 8.53
C SER F 118 55.44 46.08 7.97
N LEU F 119 54.19 46.15 8.40
CA LEU F 119 53.27 47.18 7.95
C LEU F 119 53.40 48.44 8.80
N GLY F 120 53.85 48.26 10.05
CA GLY F 120 53.99 49.40 10.93
C GLY F 120 52.94 49.41 12.02
N VAL F 121 52.05 48.42 12.00
CA VAL F 121 51.01 48.32 13.00
C VAL F 121 51.72 48.36 14.35
N PRO F 122 51.34 49.30 15.23
CA PRO F 122 51.95 49.43 16.55
C PRO F 122 51.60 48.28 17.49
N ILE F 123 52.57 47.43 17.78
CA ILE F 123 52.38 46.28 18.67
C ILE F 123 51.82 46.67 20.04
N ALA F 124 52.58 47.48 20.77
CA ALA F 124 52.21 47.95 22.11
C ALA F 124 50.78 48.43 22.26
N ALA F 125 50.28 49.13 21.25
CA ALA F 125 48.92 49.66 21.27
C ALA F 125 47.86 48.59 21.03
N THR F 126 48.11 47.68 20.09
CA THR F 126 47.13 46.64 19.84
C THR F 126 47.01 45.73 21.06
N VAL F 127 48.11 45.58 21.80
CA VAL F 127 48.05 44.75 22.99
C VAL F 127 47.23 45.45 24.06
N GLN F 128 47.39 46.77 24.18
CA GLN F 128 46.64 47.56 25.15
C GLN F 128 45.16 47.52 24.81
N ALA F 129 44.88 47.46 23.52
CA ALA F 129 43.51 47.42 23.07
C ALA F 129 42.86 46.12 23.51
N ILE F 130 43.55 45.00 23.33
CA ILE F 130 42.99 43.71 23.71
C ILE F 130 42.97 43.57 25.21
N GLN F 131 43.99 44.10 25.86
CA GLN F 131 44.08 44.04 27.32
C GLN F 131 42.83 44.69 27.87
N ALA F 132 42.35 45.70 27.16
CA ALA F 132 41.13 46.44 27.53
C ALA F 132 39.87 45.62 27.29
N MET F 133 39.94 44.66 26.37
CA MET F 133 38.81 43.79 26.08
C MET F 133 38.62 42.80 27.23
N LYS F 134 39.71 42.45 27.88
CA LYS F 134 39.71 41.53 29.02
C LYS F 134 38.84 42.13 30.12
N GLU F 135 39.13 43.38 30.46
CA GLU F 135 38.40 44.09 31.49
C GLU F 135 36.94 44.14 31.07
N VAL F 136 36.66 44.79 29.95
CA VAL F 136 35.28 44.89 29.47
C VAL F 136 34.57 43.54 29.39
N THR F 137 35.29 42.48 29.02
CA THR F 137 34.65 41.18 28.94
C THR F 137 34.44 40.57 30.31
N ALA F 138 35.46 40.67 31.16
CA ALA F 138 35.36 40.10 32.50
C ALA F 138 34.16 40.67 33.26
N SER F 139 33.66 41.81 32.80
CA SER F 139 32.54 42.46 33.48
C SER F 139 31.18 41.88 33.17
N LEU F 140 31.01 41.25 32.00
CA LEU F 140 29.71 40.67 31.63
C LEU F 140 29.61 39.17 31.75
N VAL F 141 30.73 38.46 31.62
CA VAL F 141 30.69 37.01 31.72
C VAL F 141 30.91 36.48 33.12
N GLY F 142 31.55 37.30 33.96
CA GLY F 142 31.82 36.87 35.31
C GLY F 142 33.29 36.76 35.62
N ALA F 143 33.62 36.54 36.89
CA ALA F 143 35.01 36.41 37.29
C ALA F 143 35.54 35.03 36.92
N ASP F 144 34.72 34.00 37.13
CA ASP F 144 35.11 32.63 36.81
C ASP F 144 35.55 32.40 35.37
N ALA F 145 34.67 32.78 34.42
CA ALA F 145 34.93 32.62 33.00
C ALA F 145 35.88 33.72 32.53
N GLY F 146 35.86 34.84 33.24
CA GLY F 146 36.72 35.96 32.90
C GLY F 146 38.18 35.61 33.09
N LYS F 147 38.46 34.84 34.14
CA LYS F 147 39.83 34.42 34.41
C LYS F 147 40.19 33.40 33.34
N GLU F 148 39.18 32.70 32.84
CA GLU F 148 39.38 31.71 31.79
C GLU F 148 39.52 32.43 30.47
N MET F 149 38.75 33.51 30.27
CA MET F 149 38.87 34.26 29.04
C MET F 149 40.18 35.04 29.12
N GLY F 150 40.51 35.50 30.31
CA GLY F 150 41.74 36.23 30.52
C GLY F 150 42.96 35.48 29.99
N ILE F 151 43.24 34.31 30.54
CA ILE F 151 44.40 33.56 30.10
C ILE F 151 44.55 33.47 28.59
N TYR F 152 43.48 33.15 27.86
CA TYR F 152 43.63 33.07 26.41
C TYR F 152 43.81 34.47 25.84
N PHE F 153 43.25 35.47 26.52
CA PHE F 153 43.42 36.85 26.07
C PHE F 153 44.90 37.19 26.20
N ASP F 154 45.49 36.85 27.35
CA ASP F 154 46.91 37.13 27.59
C ASP F 154 47.79 36.27 26.71
N TYR F 155 47.22 35.21 26.15
CA TYR F 155 47.99 34.33 25.29
C TYR F 155 48.21 35.03 23.96
N ILE F 156 47.14 35.63 23.45
CA ILE F 156 47.21 36.35 22.19
C ILE F 156 48.20 37.50 22.30
N CYS F 157 48.33 38.05 23.51
CA CYS F 157 49.27 39.13 23.74
C CYS F 157 50.71 38.66 23.71
N SER F 158 51.04 37.70 24.56
CA SER F 158 52.42 37.20 24.61
C SER F 158 52.89 36.70 23.24
N GLY F 159 51.93 36.44 22.35
CA GLY F 159 52.26 35.98 21.02
C GLY F 159 52.46 37.11 20.06
N LEU F 160 53.12 38.17 20.52
CA LEU F 160 53.37 39.34 19.69
C LEU F 160 54.68 39.93 20.14
N SER F 161 55.41 39.17 20.93
CA SER F 161 56.70 39.59 21.47
C SER F 161 57.64 38.38 21.58
N SER G 2 -19.66 -21.11 -1.65
CA SER G 2 -20.66 -20.03 -1.94
C SER G 2 -21.06 -20.01 -3.42
N VAL G 3 -21.71 -18.94 -3.85
CA VAL G 3 -22.10 -18.79 -5.25
C VAL G 3 -20.98 -18.00 -5.95
N VAL G 4 -20.21 -17.27 -5.14
CA VAL G 4 -19.08 -16.48 -5.64
C VAL G 4 -18.14 -17.52 -6.23
N THR G 5 -17.84 -18.53 -5.43
CA THR G 5 -16.96 -19.61 -5.82
C THR G 5 -17.55 -20.44 -6.98
N LYS G 6 -18.85 -20.74 -6.92
CA LYS G 6 -19.48 -21.52 -7.99
C LYS G 6 -19.62 -20.75 -9.30
N SER G 7 -19.59 -19.43 -9.23
CA SER G 7 -19.70 -18.60 -10.43
C SER G 7 -18.35 -18.53 -11.13
N ILE G 8 -17.31 -18.17 -10.37
CA ILE G 8 -15.96 -18.05 -10.91
C ILE G 8 -15.63 -19.30 -11.73
N VAL G 9 -15.83 -20.46 -11.12
CA VAL G 9 -15.57 -21.73 -11.79
C VAL G 9 -16.26 -21.82 -13.14
N ASN G 10 -17.57 -21.65 -13.14
CA ASN G 10 -18.36 -21.72 -14.37
C ASN G 10 -17.84 -20.72 -15.38
N ALA G 11 -17.52 -19.52 -14.89
CA ALA G 11 -17.02 -18.46 -15.77
C ALA G 11 -15.67 -18.75 -16.40
N ASP G 12 -14.77 -19.35 -15.63
CA ASP G 12 -13.43 -19.69 -16.14
C ASP G 12 -13.53 -20.80 -17.18
N ALA G 13 -14.63 -21.55 -17.15
CA ALA G 13 -14.86 -22.63 -18.09
C ALA G 13 -15.23 -22.07 -19.46
N GLU G 14 -15.82 -20.88 -19.48
CA GLU G 14 -16.17 -20.28 -20.75
C GLU G 14 -15.15 -19.17 -21.04
N ALA G 15 -14.11 -19.13 -20.21
CA ALA G 15 -13.03 -18.16 -20.31
C ALA G 15 -13.51 -16.72 -20.43
N ARG G 16 -14.36 -16.29 -19.51
CA ARG G 16 -14.88 -14.93 -19.57
C ARG G 16 -15.18 -14.29 -18.21
N TYR G 17 -15.27 -12.95 -18.20
CA TYR G 17 -15.58 -12.22 -16.98
C TYR G 17 -17.00 -12.60 -16.55
N LEU G 18 -17.26 -12.62 -15.24
CA LEU G 18 -18.57 -12.99 -14.75
C LEU G 18 -19.66 -12.20 -15.46
N SER G 19 -20.73 -12.89 -15.88
CA SER G 19 -21.85 -12.26 -16.58
C SER G 19 -22.59 -11.37 -15.60
N PRO G 20 -23.31 -10.35 -16.11
CA PRO G 20 -24.02 -9.49 -15.15
C PRO G 20 -24.96 -10.29 -14.21
N GLY G 21 -25.59 -11.32 -14.76
CA GLY G 21 -26.50 -12.15 -13.97
C GLY G 21 -25.85 -12.84 -12.78
N GLU G 22 -24.63 -13.33 -13.00
CA GLU G 22 -23.90 -13.98 -11.93
C GLU G 22 -23.64 -12.93 -10.84
N LEU G 23 -23.09 -11.79 -11.23
CA LEU G 23 -22.81 -10.71 -10.29
C LEU G 23 -24.07 -10.30 -9.55
N ASP G 24 -25.18 -10.29 -10.27
CA ASP G 24 -26.45 -9.93 -9.66
C ASP G 24 -26.68 -10.92 -8.51
N ARG G 25 -26.21 -12.15 -8.69
CA ARG G 25 -26.39 -13.18 -7.67
C ARG G 25 -25.47 -13.00 -6.47
N ILE G 26 -24.16 -12.95 -6.70
CA ILE G 26 -23.23 -12.79 -5.59
C ILE G 26 -23.58 -11.51 -4.85
N LYS G 27 -24.25 -10.59 -5.53
CA LYS G 27 -24.63 -9.32 -4.91
C LYS G 27 -25.77 -9.55 -3.92
N ASN G 28 -26.83 -10.19 -4.37
CA ASN G 28 -27.97 -10.46 -3.51
C ASN G 28 -27.73 -11.61 -2.55
N PHE G 29 -26.54 -12.19 -2.60
CA PHE G 29 -26.22 -13.29 -1.70
C PHE G 29 -25.43 -12.76 -0.52
N VAL G 30 -24.65 -11.72 -0.77
CA VAL G 30 -23.85 -11.11 0.29
C VAL G 30 -24.78 -10.30 1.17
N SER G 31 -25.95 -9.98 0.64
CA SER G 31 -26.93 -9.18 1.36
C SER G 31 -27.74 -10.07 2.28
N THR G 32 -27.62 -11.37 2.09
CA THR G 32 -28.37 -12.31 2.90
C THR G 32 -27.49 -12.81 4.04
N GLY G 33 -26.22 -12.42 3.98
CA GLY G 33 -25.24 -12.84 4.97
C GLY G 33 -25.56 -12.69 6.45
N GLU G 34 -25.75 -11.44 6.88
CA GLU G 34 -26.03 -11.17 8.30
C GLU G 34 -26.96 -12.23 8.88
N ARG G 35 -28.06 -12.47 8.17
CA ARG G 35 -29.05 -13.45 8.57
C ARG G 35 -28.44 -14.84 8.67
N ARG G 36 -27.92 -15.32 7.54
CA ARG G 36 -27.30 -16.64 7.49
C ARG G 36 -26.47 -16.94 8.76
N LEU G 37 -25.56 -16.03 9.07
CA LEU G 37 -24.72 -16.19 10.24
C LEU G 37 -25.54 -16.28 11.52
N ARG G 38 -26.65 -15.55 11.58
CA ARG G 38 -27.52 -15.58 12.75
C ARG G 38 -28.02 -17.00 12.96
N ILE G 39 -28.48 -17.62 11.87
CA ILE G 39 -29.00 -18.98 11.88
C ILE G 39 -27.94 -19.97 12.34
N ALA G 40 -26.73 -19.85 11.79
CA ALA G 40 -25.65 -20.75 12.17
C ALA G 40 -25.33 -20.57 13.64
N GLN G 41 -25.25 -19.30 14.06
CA GLN G 41 -24.94 -18.97 15.44
C GLN G 41 -25.95 -19.58 16.42
N THR G 42 -27.22 -19.50 16.08
CA THR G 42 -28.23 -20.05 16.97
C THR G 42 -28.14 -21.57 17.07
N LEU G 43 -27.87 -22.25 15.97
CA LEU G 43 -27.77 -23.71 16.03
C LEU G 43 -26.53 -24.11 16.81
N THR G 44 -25.46 -23.35 16.62
CA THR G 44 -24.22 -23.67 17.31
C THR G 44 -24.21 -23.37 18.81
N GLU G 45 -25.25 -22.69 19.31
CA GLU G 45 -25.33 -22.39 20.76
C GLU G 45 -26.19 -23.46 21.42
N ASN G 46 -27.00 -24.13 20.61
CA ASN G 46 -27.89 -25.16 21.10
C ASN G 46 -27.49 -26.54 20.57
N ARG G 47 -26.35 -26.60 19.89
CA ARG G 47 -25.84 -27.85 19.33
C ARG G 47 -25.90 -28.98 20.35
N GLU G 48 -25.59 -28.63 21.60
CA GLU G 48 -25.57 -29.56 22.73
C GLU G 48 -26.91 -30.29 22.92
N ARG G 49 -27.97 -29.52 23.09
CA ARG G 49 -29.30 -30.08 23.28
C ARG G 49 -29.85 -30.69 21.99
N ILE G 50 -29.85 -29.92 20.90
CA ILE G 50 -30.36 -30.38 19.62
C ILE G 50 -29.94 -31.80 19.26
N VAL G 51 -28.74 -32.20 19.68
CA VAL G 51 -28.24 -33.54 19.39
C VAL G 51 -28.78 -34.56 20.39
N LYS G 52 -28.86 -34.15 21.66
CA LYS G 52 -29.33 -35.06 22.71
C LYS G 52 -30.75 -35.58 22.52
N GLN G 53 -31.74 -34.70 22.57
CA GLN G 53 -33.10 -35.15 22.40
C GLN G 53 -33.29 -35.77 21.03
N ALA G 54 -32.68 -35.18 20.02
CA ALA G 54 -32.77 -35.72 18.67
C ALA G 54 -32.17 -37.10 18.75
N GLY G 55 -31.26 -37.28 19.70
CA GLY G 55 -30.62 -38.57 19.89
C GLY G 55 -31.60 -39.55 20.52
N ASP G 56 -32.42 -39.07 21.44
CA ASP G 56 -33.41 -39.93 22.09
C ASP G 56 -34.49 -40.27 21.06
N GLN G 57 -35.05 -39.24 20.44
CA GLN G 57 -36.08 -39.43 19.44
C GLN G 57 -35.74 -40.54 18.45
N LEU G 58 -34.45 -40.71 18.16
CA LEU G 58 -34.04 -41.76 17.22
C LEU G 58 -34.03 -43.13 17.86
N PHE G 59 -33.42 -43.23 19.04
CA PHE G 59 -33.32 -44.49 19.76
C PHE G 59 -34.69 -45.04 20.11
N GLN G 60 -35.70 -44.17 20.06
CA GLN G 60 -37.04 -44.62 20.36
C GLN G 60 -37.63 -45.26 19.11
N LYS G 61 -37.49 -44.59 17.97
CA LYS G 61 -38.02 -45.08 16.71
C LYS G 61 -37.29 -46.31 16.17
N ARG G 62 -36.03 -46.47 16.57
CA ARG G 62 -35.22 -47.61 16.13
C ARG G 62 -34.46 -48.28 17.26
N PRO G 63 -35.17 -48.87 18.24
CA PRO G 63 -34.54 -49.55 19.38
C PRO G 63 -33.56 -50.66 19.01
N ASP G 64 -33.61 -51.11 17.77
CA ASP G 64 -32.66 -52.10 17.27
C ASP G 64 -31.25 -51.53 17.19
N VAL G 65 -31.16 -50.21 17.01
CA VAL G 65 -29.87 -49.54 16.96
C VAL G 65 -29.14 -49.62 18.30
N VAL G 66 -29.91 -49.52 19.38
CA VAL G 66 -29.33 -49.37 20.72
C VAL G 66 -29.48 -50.58 21.65
N SER G 67 -29.83 -51.73 21.09
CA SER G 67 -29.99 -52.94 21.89
C SER G 67 -28.99 -54.02 21.44
N PRO G 68 -29.08 -55.24 21.99
CA PRO G 68 -28.12 -56.27 21.57
C PRO G 68 -28.11 -56.54 20.07
N GLY G 69 -26.91 -56.55 19.49
CA GLY G 69 -26.77 -56.79 18.06
C GLY G 69 -26.85 -55.68 17.03
N GLY G 70 -27.14 -54.47 17.50
CA GLY G 70 -27.25 -53.33 16.60
C GLY G 70 -26.02 -52.49 16.84
N ASN G 71 -25.63 -51.71 15.83
CA ASN G 71 -24.37 -50.98 15.88
C ASN G 71 -24.13 -50.33 17.23
N ALA G 72 -24.88 -49.28 17.53
CA ALA G 72 -24.61 -48.44 18.69
C ALA G 72 -25.10 -49.10 19.98
N TYR G 73 -24.20 -49.82 20.65
CA TYR G 73 -24.59 -50.68 21.77
C TYR G 73 -23.66 -50.47 22.95
N GLY G 74 -24.24 -50.19 24.12
CA GLY G 74 -23.48 -49.89 25.31
C GLY G 74 -23.05 -48.44 25.20
N GLU G 75 -22.82 -47.76 26.33
CA GLU G 75 -22.40 -46.37 26.26
C GLU G 75 -21.26 -46.21 25.26
N GLU G 76 -20.49 -47.27 25.10
CA GLU G 76 -19.37 -47.29 24.17
C GLU G 76 -19.61 -46.90 22.72
N MET G 77 -20.38 -47.74 22.04
CA MET G 77 -20.80 -47.48 20.68
C MET G 77 -21.81 -46.34 20.54
N THR G 78 -22.77 -46.28 21.44
CA THR G 78 -23.78 -45.23 21.36
C THR G 78 -23.16 -43.83 21.45
N ALA G 79 -22.15 -43.70 22.32
CA ALA G 79 -21.49 -42.41 22.51
C ALA G 79 -20.95 -41.87 21.20
N THR G 80 -20.43 -42.77 20.36
CA THR G 80 -19.87 -42.37 19.07
C THR G 80 -21.00 -42.08 18.08
N CYS G 81 -22.09 -42.84 18.17
CA CYS G 81 -23.21 -42.61 17.26
C CYS G 81 -23.63 -41.16 17.38
N LEU G 82 -23.79 -40.69 18.61
CA LEU G 82 -24.17 -39.31 18.80
C LEU G 82 -23.08 -38.42 18.18
N ARG G 83 -21.83 -38.74 18.46
CA ARG G 83 -20.71 -38.02 17.87
C ARG G 83 -20.91 -37.83 16.37
N ASP G 84 -21.24 -38.91 15.68
CA ASP G 84 -21.51 -38.85 14.24
C ASP G 84 -22.57 -37.80 13.93
N LEU G 85 -23.56 -37.69 14.81
CA LEU G 85 -24.67 -36.76 14.61
C LEU G 85 -24.25 -35.31 14.82
N ASP G 86 -23.31 -35.10 15.74
CA ASP G 86 -22.83 -33.75 16.00
C ASP G 86 -21.96 -33.34 14.82
N TYR G 87 -21.29 -34.33 14.22
CA TYR G 87 -20.43 -34.08 13.06
C TYR G 87 -21.28 -33.40 12.01
N TYR G 88 -22.41 -34.02 11.68
CA TYR G 88 -23.30 -33.47 10.68
C TYR G 88 -23.94 -32.14 11.06
N LEU G 89 -24.19 -31.88 12.34
CA LEU G 89 -24.79 -30.58 12.66
C LEU G 89 -23.78 -29.52 12.23
N ARG G 90 -22.52 -29.72 12.62
CA ARG G 90 -21.44 -28.80 12.29
C ARG G 90 -21.35 -28.55 10.78
N LEU G 91 -21.53 -29.60 9.98
CA LEU G 91 -21.48 -29.44 8.54
C LEU G 91 -22.70 -28.69 8.01
N VAL G 92 -23.80 -28.69 8.76
CA VAL G 92 -24.99 -27.97 8.33
C VAL G 92 -24.72 -26.47 8.49
N THR G 93 -24.19 -26.05 9.63
CA THR G 93 -23.92 -24.64 9.82
C THR G 93 -22.98 -24.15 8.72
N TYR G 94 -22.10 -25.04 8.25
CA TYR G 94 -21.16 -24.69 7.19
C TYR G 94 -21.90 -24.38 5.90
N GLY G 95 -22.71 -25.35 5.44
CA GLY G 95 -23.46 -25.15 4.22
C GLY G 95 -24.27 -23.87 4.27
N ILE G 96 -24.90 -23.62 5.41
CA ILE G 96 -25.71 -22.44 5.63
C ILE G 96 -24.91 -21.17 5.41
N VAL G 97 -23.80 -21.01 6.14
CA VAL G 97 -22.97 -19.82 6.01
C VAL G 97 -22.49 -19.59 4.57
N ALA G 98 -22.23 -20.68 3.86
CA ALA G 98 -21.77 -20.67 2.48
C ALA G 98 -22.88 -20.36 1.47
N GLY G 99 -24.10 -20.78 1.80
CA GLY G 99 -25.21 -20.58 0.89
C GLY G 99 -25.07 -21.62 -0.19
N ASP G 100 -24.25 -22.62 0.12
CA ASP G 100 -23.98 -23.73 -0.79
C ASP G 100 -24.06 -25.02 -0.02
N VAL G 101 -24.06 -26.14 -0.74
CA VAL G 101 -24.13 -27.44 -0.08
C VAL G 101 -22.81 -28.19 -0.22
N THR G 102 -21.96 -27.70 -1.12
CA THR G 102 -20.67 -28.33 -1.35
C THR G 102 -19.92 -28.71 -0.07
N PRO G 103 -19.68 -27.74 0.83
CA PRO G 103 -18.95 -28.12 2.05
C PRO G 103 -19.45 -29.44 2.70
N ILE G 104 -20.76 -29.65 2.68
CA ILE G 104 -21.30 -30.87 3.25
C ILE G 104 -20.86 -32.05 2.37
N GLU G 105 -21.02 -31.90 1.05
CA GLU G 105 -20.64 -32.96 0.11
C GLU G 105 -19.20 -33.40 0.31
N GLU G 106 -18.28 -32.48 0.13
CA GLU G 106 -16.87 -32.80 0.25
C GLU G 106 -16.42 -33.26 1.63
N ILE G 107 -17.02 -32.72 2.67
CA ILE G 107 -16.60 -33.12 4.01
C ILE G 107 -17.20 -34.41 4.55
N GLY G 108 -18.49 -34.66 4.26
CA GLY G 108 -19.12 -35.86 4.77
C GLY G 108 -20.20 -36.55 3.95
N LEU G 109 -20.05 -36.61 2.62
CA LEU G 109 -21.04 -37.29 1.77
C LEU G 109 -20.42 -38.10 0.63
N VAL G 110 -19.24 -37.68 0.17
CA VAL G 110 -18.52 -38.40 -0.86
C VAL G 110 -18.07 -39.77 -0.38
N GLY G 111 -18.99 -40.72 -0.35
CA GLY G 111 -18.68 -42.08 0.03
C GLY G 111 -19.04 -42.38 1.47
N VAL G 112 -20.11 -41.75 1.96
CA VAL G 112 -20.60 -42.00 3.31
C VAL G 112 -20.91 -43.48 3.39
N ARG G 113 -21.60 -43.97 2.35
CA ARG G 113 -22.00 -45.35 2.27
C ARG G 113 -20.83 -46.31 2.30
N GLU G 114 -19.79 -46.03 1.51
CA GLU G 114 -18.62 -46.90 1.48
C GLU G 114 -18.08 -47.04 2.92
N MET G 115 -18.03 -45.92 3.64
CA MET G 115 -17.56 -45.90 5.02
C MET G 115 -18.43 -46.67 5.97
N TYR G 116 -19.71 -46.30 6.01
CA TYR G 116 -20.64 -46.95 6.92
C TYR G 116 -20.83 -48.45 6.67
N ASN G 117 -20.84 -48.87 5.40
CA ASN G 117 -21.01 -50.30 5.06
C ASN G 117 -19.91 -51.14 5.70
N SER G 118 -18.70 -50.59 5.69
CA SER G 118 -17.52 -51.21 6.28
C SER G 118 -17.73 -51.38 7.78
N LEU G 119 -18.46 -50.44 8.40
CA LEU G 119 -18.71 -50.45 9.83
C LEU G 119 -20.00 -51.18 10.18
N GLY G 120 -20.74 -51.58 9.15
CA GLY G 120 -21.99 -52.30 9.34
C GLY G 120 -23.13 -51.52 9.98
N THR G 121 -23.10 -50.20 9.87
CA THR G 121 -24.14 -49.38 10.46
C THR G 121 -25.22 -49.06 9.43
N PRO G 122 -26.50 -49.18 9.85
CA PRO G 122 -27.63 -48.88 8.97
C PRO G 122 -27.66 -47.43 8.57
N ILE G 123 -27.67 -47.16 7.26
CA ILE G 123 -27.72 -45.79 6.76
C ILE G 123 -29.10 -45.19 6.96
N PRO G 124 -30.17 -45.97 6.69
CA PRO G 124 -31.51 -45.41 6.88
C PRO G 124 -31.70 -44.98 8.33
N ALA G 125 -30.99 -45.65 9.23
CA ALA G 125 -31.07 -45.33 10.63
C ALA G 125 -30.38 -44.00 10.87
N VAL G 126 -29.26 -43.80 10.19
CA VAL G 126 -28.50 -42.57 10.33
C VAL G 126 -29.34 -41.43 9.79
N ALA G 127 -30.01 -41.70 8.67
CA ALA G 127 -30.89 -40.72 8.01
C ALA G 127 -31.97 -40.22 8.97
N GLU G 128 -32.50 -41.11 9.78
CA GLU G 128 -33.51 -40.73 10.74
C GLU G 128 -32.88 -39.93 11.87
N GLY G 129 -31.57 -40.12 12.09
CA GLY G 129 -30.87 -39.40 13.14
C GLY G 129 -30.65 -37.95 12.76
N ILE G 130 -30.52 -37.70 11.47
CA ILE G 130 -30.32 -36.35 10.97
C ILE G 130 -31.67 -35.67 10.84
N ARG G 131 -32.69 -36.45 10.48
CA ARG G 131 -34.06 -35.93 10.35
C ARG G 131 -34.47 -35.37 11.69
N ALA G 132 -34.42 -36.20 12.72
CA ALA G 132 -34.78 -35.76 14.05
C ALA G 132 -34.15 -34.40 14.37
N MET G 133 -32.86 -34.25 14.10
CA MET G 133 -32.14 -33.00 14.36
C MET G 133 -32.82 -31.82 13.67
N LYS G 134 -33.07 -31.97 12.37
CA LYS G 134 -33.71 -30.94 11.58
C LYS G 134 -34.98 -30.42 12.25
N ASN G 135 -35.58 -31.22 13.11
CA ASN G 135 -36.79 -30.78 13.79
C ASN G 135 -36.46 -30.08 15.10
N VAL G 136 -35.50 -30.61 15.85
CA VAL G 136 -35.09 -29.99 17.10
C VAL G 136 -34.56 -28.57 16.81
N ALA G 137 -33.64 -28.48 15.83
CA ALA G 137 -33.03 -27.21 15.45
C ALA G 137 -34.05 -26.24 14.83
N CYS G 138 -34.88 -26.74 13.94
CA CYS G 138 -35.88 -25.89 13.30
C CYS G 138 -36.85 -25.27 14.30
N SER G 139 -37.03 -25.93 15.45
CA SER G 139 -37.94 -25.43 16.47
C SER G 139 -37.40 -24.16 17.12
N LEU G 140 -36.09 -23.95 16.99
CA LEU G 140 -35.42 -22.79 17.57
C LEU G 140 -35.34 -21.63 16.59
N LEU G 141 -35.86 -21.83 15.39
CA LEU G 141 -35.79 -20.79 14.37
C LEU G 141 -37.14 -20.18 13.97
N SER G 142 -37.06 -19.02 13.35
CA SER G 142 -38.24 -18.31 12.90
C SER G 142 -38.82 -19.05 11.72
N ALA G 143 -40.05 -18.70 11.35
CA ALA G 143 -40.74 -19.35 10.23
C ALA G 143 -39.87 -19.49 8.98
N GLU G 144 -39.14 -18.43 8.64
CA GLU G 144 -38.28 -18.44 7.45
C GLU G 144 -36.89 -19.01 7.71
N ASP G 145 -36.23 -18.56 8.76
CA ASP G 145 -34.91 -19.07 9.10
C ASP G 145 -34.96 -20.59 9.22
N ALA G 146 -36.18 -21.12 9.30
CA ALA G 146 -36.37 -22.54 9.43
C ALA G 146 -36.49 -23.23 8.08
N ALA G 147 -37.19 -22.58 7.14
CA ALA G 147 -37.37 -23.15 5.81
C ALA G 147 -36.03 -23.33 5.14
N GLU G 148 -35.26 -22.25 5.07
CA GLU G 148 -33.94 -22.29 4.46
C GLU G 148 -33.00 -23.26 5.17
N ALA G 149 -32.92 -23.15 6.49
CA ALA G 149 -32.05 -24.04 7.26
C ALA G 149 -32.52 -25.47 7.03
N GLY G 150 -33.80 -25.62 6.69
CA GLY G 150 -34.36 -26.93 6.46
C GLY G 150 -33.73 -27.66 5.29
N SER G 151 -33.48 -26.93 4.21
CA SER G 151 -32.87 -27.49 3.02
C SER G 151 -31.65 -28.35 3.36
N TYR G 152 -30.63 -27.70 3.92
CA TYR G 152 -29.39 -28.39 4.29
C TYR G 152 -29.56 -29.69 5.06
N PHE G 153 -30.67 -29.85 5.77
CA PHE G 153 -30.88 -31.08 6.50
C PHE G 153 -31.46 -32.11 5.55
N ASP G 154 -32.38 -31.67 4.68
CA ASP G 154 -32.99 -32.58 3.71
C ASP G 154 -32.00 -33.11 2.68
N PHE G 155 -31.10 -32.25 2.23
CA PHE G 155 -30.11 -32.67 1.24
C PHE G 155 -29.29 -33.82 1.77
N VAL G 156 -28.94 -33.77 3.06
CA VAL G 156 -28.17 -34.85 3.64
C VAL G 156 -28.97 -36.15 3.62
N ILE G 157 -30.02 -36.22 4.43
CA ILE G 157 -30.87 -37.41 4.50
C ILE G 157 -31.10 -38.05 3.12
N GLY G 158 -31.32 -37.21 2.11
CA GLY G 158 -31.57 -37.70 0.77
C GLY G 158 -30.40 -38.42 0.15
N ALA G 159 -29.21 -38.20 0.69
CA ALA G 159 -28.01 -38.84 0.18
C ALA G 159 -27.75 -40.08 1.01
N MET G 160 -28.38 -40.14 2.17
CA MET G 160 -28.20 -41.28 3.07
C MET G 160 -29.07 -42.46 2.65
N GLN G 161 -29.27 -42.60 1.35
CA GLN G 161 -30.11 -43.67 0.81
C GLN G 161 -29.45 -44.34 -0.39
N MET H 1 -11.61 -24.78 -5.83
CA MET H 1 -11.23 -23.36 -5.58
C MET H 1 -11.74 -22.89 -4.22
N GLN H 2 -11.08 -21.90 -3.64
CA GLN H 2 -11.52 -21.38 -2.36
C GLN H 2 -11.76 -19.89 -2.43
N ASP H 3 -12.64 -19.43 -1.56
CA ASP H 3 -12.94 -18.01 -1.46
C ASP H 3 -12.80 -17.68 0.02
N ALA H 4 -12.87 -16.39 0.34
CA ALA H 4 -12.73 -15.95 1.72
C ALA H 4 -13.57 -16.79 2.70
N ILE H 5 -14.79 -17.12 2.32
CA ILE H 5 -15.66 -17.90 3.21
C ILE H 5 -15.26 -19.38 3.30
N THR H 6 -15.31 -20.09 2.17
CA THR H 6 -14.96 -21.51 2.12
C THR H 6 -13.61 -21.66 2.79
N ALA H 7 -12.83 -20.59 2.77
CA ALA H 7 -11.52 -20.57 3.38
C ALA H 7 -11.68 -20.66 4.91
N VAL H 8 -12.58 -19.83 5.46
CA VAL H 8 -12.84 -19.78 6.90
C VAL H 8 -13.33 -21.10 7.46
N ILE H 9 -14.32 -21.70 6.81
CA ILE H 9 -14.89 -22.96 7.27
C ILE H 9 -13.89 -24.12 7.20
N ASN H 10 -13.15 -24.22 6.11
CA ASN H 10 -12.16 -25.28 5.98
C ASN H 10 -11.17 -25.28 7.14
N ALA H 11 -10.71 -24.09 7.54
CA ALA H 11 -9.75 -23.97 8.64
C ALA H 11 -10.34 -24.33 9.98
N SER H 12 -11.66 -24.17 10.12
CA SER H 12 -12.36 -24.53 11.36
C SER H 12 -12.72 -26.01 11.36
N ASP H 13 -12.90 -26.57 10.16
CA ASP H 13 -13.25 -27.98 10.03
C ASP H 13 -12.05 -28.90 10.28
N VAL H 14 -10.85 -28.38 10.06
CA VAL H 14 -9.64 -29.16 10.27
C VAL H 14 -9.45 -29.39 11.76
N GLN H 15 -10.00 -28.48 12.56
CA GLN H 15 -9.88 -28.59 14.01
C GLN H 15 -11.12 -29.21 14.62
N GLY H 16 -12.18 -29.30 13.82
CA GLY H 16 -13.40 -29.90 14.32
C GLY H 16 -14.35 -28.95 15.01
N LYS H 17 -13.92 -27.71 15.23
CA LYS H 17 -14.73 -26.70 15.91
C LYS H 17 -15.89 -26.13 15.05
N TYR H 18 -16.94 -25.69 15.74
CA TYR H 18 -18.07 -25.07 15.08
C TYR H 18 -17.54 -23.68 14.75
N LEU H 19 -18.24 -22.93 13.92
CA LEU H 19 -17.76 -21.61 13.55
C LEU H 19 -17.41 -20.78 14.77
N ASP H 20 -16.11 -20.53 14.95
CA ASP H 20 -15.62 -19.83 16.13
C ASP H 20 -16.06 -18.36 16.10
N THR H 21 -15.68 -17.62 17.13
CA THR H 21 -16.09 -16.22 17.27
C THR H 21 -15.36 -15.35 16.25
N ALA H 22 -14.05 -15.55 16.12
CA ALA H 22 -13.24 -14.76 15.22
C ALA H 22 -13.67 -15.15 13.80
N ALA H 23 -14.05 -16.42 13.65
CA ALA H 23 -14.48 -16.96 12.35
C ALA H 23 -15.75 -16.26 11.88
N MET H 24 -16.69 -16.09 12.80
CA MET H 24 -17.95 -15.43 12.47
C MET H 24 -17.72 -14.02 11.90
N GLU H 25 -16.64 -13.37 12.32
CA GLU H 25 -16.34 -12.01 11.85
C GLU H 25 -15.74 -11.99 10.45
N LYS H 26 -14.77 -12.88 10.18
CA LYS H 26 -14.17 -12.91 8.87
C LYS H 26 -15.30 -12.99 7.85
N LEU H 27 -16.28 -13.85 8.15
CA LEU H 27 -17.44 -14.02 7.28
C LEU H 27 -18.23 -12.72 7.18
N LYS H 28 -18.27 -11.98 8.26
CA LYS H 28 -18.98 -10.70 8.27
C LYS H 28 -18.18 -9.69 7.45
N ALA H 29 -16.90 -9.56 7.78
CA ALA H 29 -16.01 -8.66 7.07
C ALA H 29 -16.23 -8.86 5.56
N TYR H 30 -16.08 -10.11 5.12
CA TYR H 30 -16.27 -10.39 3.71
C TYR H 30 -17.64 -9.90 3.26
N PHE H 31 -18.69 -10.35 3.93
CA PHE H 31 -20.05 -9.93 3.55
C PHE H 31 -20.18 -8.42 3.45
N ALA H 32 -19.55 -7.69 4.36
CA ALA H 32 -19.64 -6.23 4.35
C ALA H 32 -18.98 -5.60 3.12
N THR H 33 -17.92 -6.24 2.64
CA THR H 33 -17.19 -5.75 1.48
C THR H 33 -17.71 -6.27 0.15
N GLY H 34 -18.63 -7.23 0.21
CA GLY H 34 -19.20 -7.81 -1.00
C GLY H 34 -19.50 -6.88 -2.17
N GLU H 35 -20.46 -5.98 -2.00
CA GLU H 35 -20.85 -5.06 -3.07
C GLU H 35 -19.68 -4.43 -3.82
N LEU H 36 -18.88 -3.63 -3.11
CA LEU H 36 -17.75 -2.94 -3.72
C LEU H 36 -16.89 -3.85 -4.60
N ARG H 37 -16.89 -5.15 -4.29
CA ARG H 37 -16.15 -6.12 -5.08
C ARG H 37 -16.87 -6.30 -6.39
N VAL H 38 -18.16 -6.62 -6.28
CA VAL H 38 -18.99 -6.82 -7.46
C VAL H 38 -18.97 -5.53 -8.28
N ARG H 39 -19.09 -4.39 -7.60
CA ARG H 39 -19.07 -3.12 -8.29
C ARG H 39 -17.78 -2.94 -9.07
N ALA H 40 -16.65 -3.11 -8.40
CA ALA H 40 -15.35 -2.96 -9.04
C ALA H 40 -15.20 -3.95 -10.20
N ALA H 41 -15.63 -5.19 -9.97
CA ALA H 41 -15.52 -6.22 -11.00
C ALA H 41 -16.21 -5.80 -12.29
N SER H 42 -17.42 -5.26 -12.20
CA SER H 42 -18.16 -4.83 -13.38
C SER H 42 -17.36 -3.81 -14.20
N VAL H 43 -16.75 -2.85 -13.50
CA VAL H 43 -15.93 -1.82 -14.15
C VAL H 43 -14.76 -2.41 -14.93
N ILE H 44 -13.94 -3.24 -14.27
CA ILE H 44 -12.80 -3.83 -14.95
C ILE H 44 -13.22 -4.84 -15.99
N SER H 45 -14.52 -5.04 -16.14
CA SER H 45 -15.01 -5.98 -17.15
C SER H 45 -15.35 -5.15 -18.38
N ALA H 46 -15.76 -3.92 -18.14
CA ALA H 46 -16.14 -2.99 -19.18
C ALA H 46 -14.93 -2.42 -19.91
N ASN H 47 -13.83 -2.23 -19.19
CA ASN H 47 -12.63 -1.65 -19.78
C ASN H 47 -11.57 -2.68 -20.12
N ALA H 48 -11.87 -3.95 -19.88
CA ALA H 48 -10.84 -4.97 -19.73
C ALA H 48 -9.76 -4.85 -20.80
N ALA H 49 -10.18 -4.48 -22.00
CA ALA H 49 -9.30 -4.51 -23.17
C ALA H 49 -8.40 -3.28 -23.20
N ASN H 50 -8.98 -2.12 -22.92
CA ASN H 50 -8.21 -0.90 -22.73
C ASN H 50 -7.27 -0.93 -21.53
N ILE H 51 -7.68 -1.62 -20.47
CA ILE H 51 -6.84 -1.71 -19.28
C ILE H 51 -5.58 -2.52 -19.58
N VAL H 52 -5.48 -3.00 -20.81
CA VAL H 52 -4.32 -3.76 -21.24
C VAL H 52 -3.57 -2.91 -22.24
N LYS H 53 -4.32 -2.27 -23.14
CA LYS H 53 -3.75 -1.40 -24.16
C LYS H 53 -2.76 -0.42 -23.53
N GLU H 54 -3.28 0.44 -22.66
CA GLU H 54 -2.48 1.44 -21.97
C GLU H 54 -1.26 0.88 -21.29
N ALA H 55 -1.43 -0.20 -20.54
CA ALA H 55 -0.32 -0.83 -19.83
C ALA H 55 0.80 -1.19 -20.80
N VAL H 56 0.43 -1.83 -21.91
CA VAL H 56 1.41 -2.21 -22.91
C VAL H 56 2.19 -0.98 -23.39
N ALA H 57 1.46 0.07 -23.75
CA ALA H 57 2.05 1.32 -24.23
C ALA H 57 2.99 1.95 -23.21
N LYS H 58 2.65 1.83 -21.94
CA LYS H 58 3.47 2.42 -20.91
C LYS H 58 4.75 1.64 -20.61
N SER H 59 4.74 0.33 -20.86
CA SER H 59 5.91 -0.47 -20.52
C SER H 59 6.55 -1.36 -21.56
N LEU H 60 5.76 -1.88 -22.49
CA LEU H 60 6.33 -2.79 -23.48
C LEU H 60 6.61 -2.25 -24.88
N LEU H 61 5.80 -1.31 -25.34
CA LEU H 61 5.99 -0.79 -26.69
C LEU H 61 7.22 0.10 -26.93
N TYR H 62 7.52 0.31 -28.21
CA TYR H 62 8.64 1.13 -28.67
C TYR H 62 9.93 0.91 -27.90
N SER H 63 10.25 -0.35 -27.64
CA SER H 63 11.46 -0.68 -26.90
C SER H 63 12.18 -1.85 -27.56
N ASP H 64 13.33 -2.24 -27.00
CA ASP H 64 14.12 -3.34 -27.53
C ASP H 64 13.39 -4.69 -27.58
N ILE H 65 12.45 -4.92 -26.67
CA ILE H 65 11.76 -6.21 -26.66
C ILE H 65 10.50 -6.28 -27.52
N THR H 66 10.50 -5.53 -28.61
CA THR H 66 9.37 -5.52 -29.55
C THR H 66 9.93 -5.30 -30.95
N ARG H 67 11.25 -5.10 -30.98
CA ARG H 67 12.01 -4.91 -32.20
C ARG H 67 12.67 -6.26 -32.48
N PRO H 68 13.06 -6.53 -33.74
CA PRO H 68 13.69 -7.82 -34.04
C PRO H 68 14.65 -8.30 -32.96
N GLY H 69 14.33 -9.46 -32.37
CA GLY H 69 15.17 -10.04 -31.33
C GLY H 69 14.70 -9.99 -29.89
N GLY H 70 13.58 -9.32 -29.64
CA GLY H 70 13.19 -8.94 -28.30
C GLY H 70 12.03 -9.68 -27.68
N MEN H 71 11.70 -10.84 -28.24
CA MEN H 71 10.83 -11.79 -27.58
C MEN H 71 9.33 -11.50 -27.63
O MEN H 71 8.51 -12.39 -27.41
CB MEN H 71 11.05 -11.78 -26.07
CG MEN H 71 10.11 -12.71 -25.32
OD1 MEN H 71 9.37 -12.27 -24.45
ND2 MEN H 71 10.15 -13.98 -25.66
CE2 MEN H 71 9.46 -15.33 -25.59
N MET H 72 8.99 -10.26 -27.94
CA MET H 72 7.65 -9.87 -28.39
C MET H 72 7.63 -9.59 -29.89
N TYR H 73 8.80 -9.65 -30.51
CA TYR H 73 8.92 -9.43 -31.95
C TYR H 73 8.34 -10.62 -32.65
N THR H 74 7.42 -10.34 -33.57
CA THR H 74 6.69 -11.34 -34.35
C THR H 74 5.20 -11.18 -34.14
N THR H 75 4.44 -11.22 -35.22
CA THR H 75 3.00 -11.10 -35.11
C THR H 75 2.36 -12.20 -34.27
N ARG H 76 3.10 -13.28 -34.02
CA ARG H 76 2.58 -14.36 -33.19
C ARG H 76 2.94 -14.07 -31.73
N ARG H 77 4.13 -13.52 -31.52
CA ARG H 77 4.60 -13.19 -30.19
C ARG H 77 3.74 -12.09 -29.58
N TYR H 78 3.59 -10.98 -30.29
CA TYR H 78 2.79 -9.85 -29.81
C TYR H 78 1.43 -10.33 -29.29
N ALA H 79 0.70 -11.06 -30.14
CA ALA H 79 -0.63 -11.56 -29.78
C ALA H 79 -0.60 -12.46 -28.56
N ALA H 80 0.53 -13.16 -28.39
CA ALA H 80 0.69 -14.07 -27.27
C ALA H 80 0.93 -13.35 -25.94
N CYS H 81 1.52 -12.16 -26.01
CA CYS H 81 1.78 -11.41 -24.80
C CYS H 81 0.54 -10.66 -24.31
N ILE H 82 -0.29 -10.21 -25.24
CA ILE H 82 -1.52 -9.54 -24.87
C ILE H 82 -2.40 -10.63 -24.27
N ARG H 83 -2.40 -11.79 -24.92
CA ARG H 83 -3.18 -12.96 -24.50
C ARG H 83 -2.92 -13.29 -23.03
N ASP H 84 -1.67 -13.17 -22.62
CA ASP H 84 -1.25 -13.44 -21.25
C ASP H 84 -1.75 -12.34 -20.31
N LEU H 85 -1.50 -11.10 -20.70
CA LEU H 85 -1.92 -9.96 -19.90
C LEU H 85 -3.43 -10.10 -19.68
N ASP H 86 -4.15 -10.44 -20.75
CA ASP H 86 -5.59 -10.62 -20.64
C ASP H 86 -5.92 -11.63 -19.55
N TYR H 87 -5.12 -12.68 -19.46
CA TYR H 87 -5.32 -13.71 -18.45
C TYR H 87 -5.17 -13.10 -17.08
N TYR H 88 -4.01 -12.48 -16.85
CA TYR H 88 -3.69 -11.86 -15.57
C TYR H 88 -4.79 -10.92 -15.01
N LEU H 89 -5.52 -10.26 -15.90
CA LEU H 89 -6.58 -9.35 -15.44
C LEU H 89 -7.84 -10.12 -15.14
N ARG H 90 -8.10 -11.16 -15.91
CA ARG H 90 -9.28 -11.97 -15.69
C ARG H 90 -9.15 -12.81 -14.42
N TYR H 91 -7.92 -13.19 -14.06
CA TYR H 91 -7.73 -13.98 -12.85
C TYR H 91 -7.57 -13.05 -11.66
N ALA H 92 -6.87 -11.95 -11.85
CA ALA H 92 -6.73 -11.03 -10.75
C ALA H 92 -8.14 -10.71 -10.28
N THR H 93 -8.98 -10.30 -11.23
CA THR H 93 -10.36 -9.94 -10.94
C THR H 93 -11.18 -11.03 -10.21
N TYR H 94 -10.96 -12.30 -10.51
CA TYR H 94 -11.67 -13.39 -9.83
C TYR H 94 -11.21 -13.39 -8.37
N ALA H 95 -9.90 -13.55 -8.19
CA ALA H 95 -9.28 -13.58 -6.88
C ALA H 95 -9.85 -12.50 -6.00
N MET H 96 -10.05 -11.32 -6.60
CA MET H 96 -10.59 -10.16 -5.89
C MET H 96 -12.05 -10.45 -5.46
N LEU H 97 -12.86 -10.97 -6.38
CA LEU H 97 -14.25 -11.32 -6.06
C LEU H 97 -14.31 -12.37 -4.97
N ALA H 98 -13.43 -13.37 -5.05
CA ALA H 98 -13.39 -14.46 -4.08
C ALA H 98 -12.79 -14.06 -2.73
N GLY H 99 -12.02 -12.97 -2.71
CA GLY H 99 -11.38 -12.55 -1.47
C GLY H 99 -10.48 -13.70 -1.04
N ASP H 100 -9.66 -14.18 -1.96
CA ASP H 100 -8.77 -15.29 -1.70
C ASP H 100 -7.85 -15.59 -2.89
N PRO H 101 -6.52 -15.60 -2.67
CA PRO H 101 -5.61 -15.89 -3.78
C PRO H 101 -5.68 -17.31 -4.36
N SER H 102 -6.55 -18.16 -3.80
CA SER H 102 -6.73 -19.56 -4.23
C SER H 102 -6.65 -19.87 -5.74
N ILE H 103 -7.49 -19.27 -6.59
CA ILE H 103 -7.44 -19.55 -8.03
C ILE H 103 -6.06 -19.27 -8.59
N LEU H 104 -5.50 -18.12 -8.21
CA LEU H 104 -4.18 -17.75 -8.69
C LEU H 104 -3.14 -18.86 -8.52
N ASP H 105 -2.99 -19.37 -7.29
CA ASP H 105 -2.03 -20.46 -7.04
C ASP H 105 -2.49 -21.77 -7.64
N GLU H 106 -3.77 -21.88 -7.91
CA GLU H 106 -4.33 -23.10 -8.49
C GLU H 106 -4.22 -23.16 -10.00
N ARG H 107 -4.88 -22.23 -10.69
CA ARG H 107 -4.92 -22.20 -12.14
C ARG H 107 -4.11 -21.09 -12.80
N VAL H 108 -2.95 -20.74 -12.24
CA VAL H 108 -2.15 -19.68 -12.84
C VAL H 108 -0.66 -19.87 -12.65
N LEU H 109 -0.20 -19.62 -11.43
CA LEU H 109 1.21 -19.68 -11.09
C LEU H 109 1.95 -21.00 -11.07
N ASN H 110 1.24 -22.12 -11.04
CA ASN H 110 1.89 -23.44 -11.01
C ASN H 110 2.84 -23.67 -12.20
N GLY H 111 4.14 -23.66 -11.92
CA GLY H 111 5.14 -23.87 -12.95
C GLY H 111 5.23 -22.78 -14.02
N LEU H 112 4.48 -21.70 -13.85
CA LEU H 112 4.49 -20.61 -14.81
C LEU H 112 5.93 -20.15 -14.97
N LYS H 113 6.62 -19.98 -13.86
CA LYS H 113 8.02 -19.56 -13.89
C LYS H 113 8.82 -20.50 -14.81
N GLU H 114 8.56 -21.79 -14.72
CA GLU H 114 9.26 -22.78 -15.53
C GLU H 114 9.23 -22.66 -17.04
N THR H 115 8.04 -22.80 -17.58
CA THR H 115 7.80 -22.60 -18.99
C THR H 115 8.44 -21.30 -19.42
N TYR H 116 8.23 -20.24 -18.64
CA TYR H 116 8.82 -18.94 -18.96
C TYR H 116 10.35 -18.99 -19.08
N ASN H 117 11.06 -19.35 -18.02
CA ASN H 117 12.52 -19.44 -18.09
C ASN H 117 12.84 -20.33 -19.30
N SER H 118 11.95 -21.29 -19.53
CA SER H 118 12.05 -22.28 -20.60
C SER H 118 11.89 -21.78 -22.04
N LEU H 119 10.90 -20.93 -22.29
CA LEU H 119 10.67 -20.39 -23.62
C LEU H 119 11.50 -19.13 -23.85
N GLY H 120 11.86 -18.45 -22.78
CA GLY H 120 12.64 -17.25 -22.91
C GLY H 120 11.83 -16.00 -22.61
N VAL H 121 10.55 -16.18 -22.30
CA VAL H 121 9.69 -15.05 -21.98
C VAL H 121 10.38 -14.29 -20.86
N PRO H 122 10.63 -12.99 -21.08
CA PRO H 122 11.30 -12.14 -20.08
C PRO H 122 10.43 -11.88 -18.84
N ILE H 123 10.81 -12.48 -17.72
CA ILE H 123 10.09 -12.32 -16.46
C ILE H 123 9.90 -10.86 -16.06
N ALA H 124 11.04 -10.18 -15.83
CA ALA H 124 11.07 -8.77 -15.43
C ALA H 124 10.13 -7.84 -16.19
N ALA H 125 10.02 -8.06 -17.51
CA ALA H 125 9.17 -7.25 -18.35
C ALA H 125 7.68 -7.58 -18.19
N THR H 126 7.34 -8.87 -18.10
CA THR H 126 5.93 -9.21 -17.94
C THR H 126 5.43 -8.70 -16.59
N VAL H 127 6.30 -8.64 -15.60
CA VAL H 127 5.89 -8.14 -14.30
C VAL H 127 5.65 -6.63 -14.39
N GLN H 128 6.50 -5.93 -15.13
CA GLN H 128 6.34 -4.49 -15.31
C GLN H 128 5.07 -4.20 -16.07
N ALA H 129 4.72 -5.10 -16.97
CA ALA H 129 3.51 -4.94 -17.76
C ALA H 129 2.29 -5.02 -16.84
N ILE H 130 2.27 -6.01 -15.95
CA ILE H 130 1.12 -6.17 -15.08
C ILE H 130 1.12 -5.10 -14.01
N GLN H 131 2.32 -4.71 -13.56
CA GLN H 131 2.44 -3.67 -12.55
C GLN H 131 1.78 -2.42 -13.11
N ALA H 132 1.87 -2.25 -14.42
CA ALA H 132 1.28 -1.12 -15.13
C ALA H 132 -0.25 -1.23 -15.21
N MET H 133 -0.75 -2.47 -15.15
CA MET H 133 -2.20 -2.69 -15.18
C MET H 133 -2.83 -2.25 -13.85
N LYS H 134 -2.05 -2.36 -12.78
CA LYS H 134 -2.47 -1.97 -11.44
C LYS H 134 -2.82 -0.48 -11.47
N GLU H 135 -1.88 0.31 -11.97
CA GLU H 135 -2.05 1.75 -12.06
C GLU H 135 -3.28 2.00 -12.91
N VAL H 136 -3.23 1.59 -14.17
CA VAL H 136 -4.37 1.82 -15.06
C VAL H 136 -5.70 1.34 -14.49
N THR H 137 -5.69 0.24 -13.75
CA THR H 137 -6.93 -0.26 -13.17
C THR H 137 -7.34 0.55 -11.96
N ALA H 138 -6.39 0.86 -11.09
CA ALA H 138 -6.70 1.63 -9.90
C ALA H 138 -7.34 2.97 -10.25
N SER H 139 -7.18 3.41 -11.49
CA SER H 139 -7.73 4.69 -11.90
C SER H 139 -9.21 4.68 -12.24
N LEU H 140 -9.75 3.53 -12.64
CA LEU H 140 -11.17 3.45 -12.98
C LEU H 140 -12.07 2.80 -11.95
N VAL H 141 -11.52 1.91 -11.12
CA VAL H 141 -12.33 1.24 -10.12
C VAL H 141 -12.33 1.96 -8.78
N GLY H 142 -11.31 2.76 -8.54
CA GLY H 142 -11.23 3.49 -7.28
C GLY H 142 -10.04 3.08 -6.46
N ALA H 143 -9.80 3.81 -5.37
CA ALA H 143 -8.68 3.51 -4.49
C ALA H 143 -9.00 2.31 -3.62
N ASP H 144 -10.22 2.26 -3.10
CA ASP H 144 -10.65 1.15 -2.24
C ASP H 144 -10.49 -0.24 -2.87
N ALA H 145 -11.08 -0.41 -4.05
CA ALA H 145 -11.04 -1.69 -4.77
C ALA H 145 -9.69 -1.85 -5.44
N GLY H 146 -9.06 -0.73 -5.73
CA GLY H 146 -7.76 -0.73 -6.37
C GLY H 146 -6.71 -1.33 -5.47
N LYS H 147 -6.81 -1.04 -4.17
CA LYS H 147 -5.87 -1.58 -3.21
C LYS H 147 -6.19 -3.07 -3.08
N GLU H 148 -7.44 -3.41 -3.31
CA GLU H 148 -7.86 -4.80 -3.25
C GLU H 148 -7.44 -5.50 -4.54
N MET H 149 -7.52 -4.80 -5.66
CA MET H 149 -7.10 -5.38 -6.92
C MET H 149 -5.56 -5.44 -6.89
N GLY H 150 -4.97 -4.42 -6.28
CA GLY H 150 -3.53 -4.36 -6.18
C GLY H 150 -2.94 -5.62 -5.56
N ILE H 151 -3.31 -5.91 -4.32
CA ILE H 151 -2.76 -7.09 -3.66
C ILE H 151 -2.78 -8.34 -4.53
N TYR H 152 -3.89 -8.65 -5.18
CA TYR H 152 -3.89 -9.85 -6.00
C TYR H 152 -3.02 -9.62 -7.23
N PHE H 153 -2.92 -8.38 -7.67
CA PHE H 153 -2.06 -8.07 -8.81
C PHE H 153 -0.62 -8.37 -8.40
N ASP H 154 -0.24 -7.90 -7.21
CA ASP H 154 1.12 -8.12 -6.71
C ASP H 154 1.34 -9.59 -6.37
N TYR H 155 0.25 -10.34 -6.23
CA TYR H 155 0.38 -11.75 -5.90
C TYR H 155 0.86 -12.48 -7.14
N ILE H 156 0.24 -12.16 -8.28
CA ILE H 156 0.61 -12.77 -9.55
C ILE H 156 2.07 -12.47 -9.85
N CYS H 157 2.55 -11.32 -9.40
CA CYS H 157 3.94 -10.94 -9.62
C CYS H 157 4.90 -11.77 -8.77
N SER H 158 4.71 -11.74 -7.46
CA SER H 158 5.60 -12.50 -6.58
C SER H 158 5.65 -13.98 -6.95
N GLY H 159 4.64 -14.42 -7.71
CA GLY H 159 4.59 -15.81 -8.13
C GLY H 159 5.31 -16.03 -9.44
N LEU H 160 6.46 -15.38 -9.60
CA LEU H 160 7.24 -15.51 -10.81
C LEU H 160 8.69 -15.37 -10.42
N SER H 161 8.94 -15.45 -9.11
CA SER H 161 10.29 -15.31 -8.56
C SER H 161 10.44 -16.22 -7.34
CHA CYC I . 25.43 7.54 -11.99
NA CYC I . 24.92 6.44 -9.84
C1A CYC I . 24.98 6.50 -11.21
C2A CYC I . 24.45 5.22 -11.75
C3A CYC I . 24.11 4.47 -10.57
C4A CYC I . 24.40 5.28 -9.38
CMA CYC I . 23.52 3.10 -10.64
CAA CYC I . 24.31 4.81 -13.19
CBA CYC I . 23.26 5.50 -13.95
CGA CYC I . 21.93 4.92 -13.56
O1A CYC I . 21.43 4.18 -14.41
O2A CYC I . 21.37 5.20 -12.48
CHB CYC I . 24.27 5.08 -7.90
NB CYC I . 23.12 2.99 -7.61
C1B CYC I . 23.70 4.07 -7.12
C2B CYC I . 23.65 4.05 -5.68
C3B CYC I . 22.99 2.88 -5.28
C4B CYC I . 22.70 2.31 -6.55
CMB CYC I . 24.18 5.07 -4.81
CAB CYC I . 22.66 2.33 -3.92
CBB CYC I . 21.13 2.49 -3.60
OB CYC I . 22.04 1.13 -6.62
NC CYC I . 28.89 12.66 -9.58
C1C CYC I . 29.63 13.54 -8.97
C2C CYC I . 29.26 13.86 -7.53
C3C CYC I . 28.13 12.91 -7.32
C4C CYC I . 27.95 12.26 -8.70
CMC CYC I . 30.45 13.81 -6.54
CAC CYC I . 26.86 13.50 -6.66
CBC CYC I . 26.99 13.85 -5.26
OC CYC I . 30.65 14.15 -9.50
CHD CYC I . 26.99 11.33 -9.07
ND CYC I . 26.16 9.31 -10.28
C1D CYC I . 26.69 10.61 -10.35
C2D CYC I . 26.86 10.97 -11.69
C3D CYC I . 26.39 9.83 -12.53
C4D CYC I . 25.98 8.83 -11.57
CMD CYC I . 27.40 12.28 -12.23
CAD CYC I . 26.38 9.75 -14.01
CBD CYC I . 27.60 9.40 -14.67
CGD CYC I . 27.42 9.39 -16.17
O1D CYC I . 26.66 8.65 -16.73
O2D CYC I . 28.06 10.23 -16.96
CHA CYC J . 16.53 -37.12 11.81
NA CYC J . 15.97 -34.73 11.72
C1A CYC J . 16.71 -35.83 11.40
C2A CYC J . 17.83 -35.42 10.52
C3A CYC J . 17.63 -33.99 10.38
C4A CYC J . 16.46 -33.60 11.15
CMA CYC J . 18.53 -33.09 9.56
CAA CYC J . 18.92 -36.28 9.92
CBA CYC J . 20.29 -35.96 10.30
CGA CYC J . 20.43 -36.28 11.77
O1A CYC J . 20.53 -35.28 12.51
O2A CYC J . 20.44 -37.47 12.18
CHB CYC J . 15.83 -32.27 11.37
NB CYC J . 17.83 -31.00 11.69
C1B CYC J . 16.51 -31.07 11.63
C2B CYC J . 15.93 -29.78 11.87
C3B CYC J . 16.99 -28.86 12.10
C4B CYC J . 18.10 -29.74 11.95
CMB CYC J . 14.50 -29.49 11.90
CAB CYC J . 16.99 -27.38 12.42
CBB CYC J . 17.63 -26.55 11.27
OB CYC J . 19.36 -29.23 12.09
NC CYC J . 10.88 -39.33 14.92
C1C CYC J . 9.69 -39.53 15.40
C2C CYC J . 8.91 -38.29 15.77
C3C CYC J . 9.89 -37.24 15.46
C4C CYC J . 11.09 -38.00 14.90
CMC CYC J . 7.53 -38.22 15.12
CAC CYC J . 10.19 -36.25 16.61
CBC CYC J . 9.13 -35.26 16.83
OC CYC J . 9.10 -40.68 15.59
CHD CYC J . 12.26 -37.44 14.42
ND CYC J . 14.32 -37.05 13.10
C1D CYC J . 13.53 -37.97 13.81
C2D CYC J . 14.17 -39.25 13.79
C3D CYC J . 15.43 -39.10 12.99
C4D CYC J . 15.45 -37.69 12.61
CMD CYC J . 13.69 -40.51 14.42
CAD CYC J . 16.47 -40.16 12.67
CBD CYC J . 16.37 -40.93 11.47
CGD CYC J . 17.52 -41.92 11.37
O1D CYC J . 17.44 -43.07 11.77
O2D CYC J . 18.70 -41.59 10.86
CHA CYC K . -47.06 38.15 -31.11
NA CYC K . -46.26 35.88 -30.60
C1A CYC K . -46.75 36.85 -31.44
C2A CYC K . -46.90 36.27 -32.79
C3A CYC K . -46.47 34.91 -32.61
C4A CYC K . -46.06 34.70 -31.23
CMA CYC K . -46.44 33.92 -33.76
CAA CYC K . -47.41 36.93 -34.04
CBA CYC K . -48.84 37.23 -34.05
CGA CYC K . -49.60 35.95 -34.33
O1A CYC K . -50.04 35.87 -35.48
O2A CYC K . -49.75 35.08 -33.45
CHB CYC K . -45.55 33.53 -30.43
NB CYC K . -45.60 31.64 -31.91
C1B CYC K . -45.33 32.18 -30.74
C2B CYC K . -44.82 31.18 -29.83
C3B CYC K . -44.77 29.95 -30.51
C4B CYC K . -45.27 30.35 -31.78
CMB CYC K . -44.44 31.43 -28.45
CAB CYC K . -44.33 28.58 -30.07
CBB CYC K . -45.55 27.64 -29.84
OB CYC K . -45.40 29.43 -32.76
NC CYC K . -45.23 41.05 -25.44
C1C CYC K . -44.70 41.50 -24.34
C2C CYC K . -44.59 40.50 -23.18
C3C CYC K . -45.09 39.27 -23.84
C4C CYC K . -45.51 39.75 -25.24
CMC CYC K . -43.21 40.46 -22.51
CAC CYC K . -46.14 38.46 -23.04
CBC CYC K . -45.63 37.78 -21.87
OC CYC K . -44.28 42.72 -24.14
CHD CYC K . -46.11 38.99 -26.24
ND CYC K . -46.48 38.32 -28.61
C1D CYC K . -46.56 39.32 -27.64
C2D CYC K . -47.07 40.50 -28.21
C3D CYC K . -47.34 40.21 -29.65
C4D CYC K . -46.94 38.84 -29.82
CMD CYC K . -47.32 41.82 -27.52
CAD CYC K . -47.88 41.15 -30.66
CBD CYC K . -46.98 42.05 -31.28
CGD CYC K . -47.70 42.96 -32.26
O1D CYC K . -48.25 42.54 -33.23
O2D CYC K . -47.78 44.26 -32.09
CHA CYC L . -28.28 -5.58 -50.48
NA CYC L . -29.71 -4.58 -48.74
C1A CYC L . -28.79 -4.54 -49.75
C2A CYC L . -28.34 -3.13 -49.92
C3A CYC L . -29.11 -2.41 -48.94
C4A CYC L . -29.96 -3.36 -48.22
CMA CYC L . -29.02 -0.93 -48.72
CAA CYC L . -27.31 -2.61 -50.90
CBA CYC L . -26.15 -1.96 -50.33
CGA CYC L . -25.34 -3.03 -49.63
O1A CYC L . -25.36 -2.94 -48.39
O2A CYC L . -24.73 -3.90 -50.28
CHB CYC L . -30.91 -3.16 -47.10
NB CYC L . -29.59 -1.64 -45.80
C1B CYC L . -30.71 -2.35 -45.97
C2B CYC L . -31.60 -2.15 -44.86
C3B CYC L . -30.98 -1.25 -43.95
C4B CYC L . -29.75 -1.01 -44.64
CMB CYC L . -32.91 -2.77 -44.72
CAB CYC L . -31.43 -0.70 -42.62
CBB CYC L . -31.64 0.84 -42.69
OB CYC L . -28.83 -0.17 -44.10
NC CYC L . -30.99 -11.83 -50.52
C1C CYC L . -31.74 -12.90 -50.43
C2C CYC L . -32.73 -12.92 -49.29
C3C CYC L . -32.44 -11.64 -48.63
C4C CYC L . -31.34 -11.02 -49.50
CMC CYC L . -34.17 -13.20 -49.75
CAC CYC L . -32.13 -11.73 -47.12
CBC CYC L . -33.32 -11.94 -46.29
OC CYC L . -31.71 -13.94 -51.22
CHD CYC L . -30.77 -9.78 -49.31
ND CYC L . -29.67 -7.59 -49.73
C1D CYC L . -29.71 -8.96 -50.02
C2D CYC L . -28.70 -9.26 -50.98
C3D CYC L . -27.99 -7.99 -51.29
C4D CYC L . -28.68 -6.99 -50.47
CMD CYC L . -28.37 -10.60 -51.57
CAD CYC L . -26.84 -7.76 -52.24
CBD CYC L . -27.08 -7.42 -53.61
CGD CYC L . -25.75 -7.24 -54.37
O1D CYC L . -25.24 -8.15 -54.99
O2D CYC L . -25.08 -6.09 -54.37
CHA CYC M . 52.69 -5.93 11.35
NA CYC M . 51.26 -4.05 11.96
C1A CYC M . 52.43 -4.60 11.58
C2A CYC M . 53.44 -3.53 11.44
C3A CYC M . 52.71 -2.33 11.79
C4A CYC M . 51.32 -2.69 12.10
CMA CYC M . 53.34 -0.97 11.78
CAA CYC M . 54.90 -3.64 11.06
CBA CYC M . 55.77 -4.26 12.05
CGA CYC M . 56.06 -3.26 13.12
O1A CYC M . 57.18 -2.78 13.07
O2A CYC M . 55.21 -2.96 14.00
CHB CYC M . 50.11 -1.92 12.54
NB CYC M . 50.81 0.34 12.88
C1B CYC M . 49.87 -0.60 12.88
C2B CYC M . 48.61 -0.03 13.29
C3B CYC M . 48.80 1.34 13.54
C4B CYC M . 50.19 1.44 13.26
CMB CYC M . 47.36 -0.77 13.41
CAB CYC M . 47.84 2.40 13.99
CBB CYC M . 48.07 2.78 15.50
OB CYC M . 50.80 2.65 13.40
NC CYC M . 47.95 -10.53 10.76
C1C CYC M . 46.92 -11.28 10.57
C2C CYC M . 45.67 -10.93 11.40
C3C CYC M . 46.14 -9.72 12.11
C4C CYC M . 47.61 -9.59 11.68
CMC CYC M . 44.38 -10.84 10.57
CAC CYC M . 45.86 -9.68 13.63
CBC CYC M . 44.46 -9.51 14.00
OC CYC M . 46.85 -12.28 9.76
CHD CYC M . 48.53 -8.64 12.11
ND CYC M . 50.44 -7.08 11.79
C1D CYC M . 49.97 -8.40 11.76
C2D CYC M . 51.02 -9.26 11.41
C3D CYC M . 52.22 -8.43 11.19
C4D CYC M . 51.79 -7.08 11.45
CMD CYC M . 50.96 -10.76 11.27
CAD CYC M . 53.59 -8.90 10.79
CBD CYC M . 53.82 -9.14 9.42
CGD CYC M . 55.24 -9.64 9.19
O1D CYC M . 56.20 -8.98 9.44
O2D CYC M . 55.48 -10.85 8.72
CHA CYC N . 46.31 45.00 9.02
NA CYC N . 45.98 42.98 10.36
C1A CYC N . 46.28 43.65 9.21
C2A CYC N . 46.55 42.66 8.14
C3A CYC N . 46.37 41.39 8.81
C4A CYC N . 46.00 41.63 10.20
CMA CYC N . 46.55 40.05 8.14
CAA CYC N . 46.91 42.93 6.70
CBA CYC N . 45.99 42.43 5.70
CGA CYC N . 44.72 43.21 5.82
O1A CYC N . 43.76 42.56 6.29
O2A CYC N . 44.66 44.42 5.47
CHB CYC N . 45.69 40.69 11.31
NB CYC N . 44.36 39.15 10.06
C1B CYC N . 44.90 39.54 11.20
C2B CYC N . 44.56 38.62 12.26
C3B CYC N . 43.73 37.60 11.70
C4B CYC N . 43.69 38.04 10.36
CMB CYC N . 44.98 38.74 13.64
CAB CYC N . 43.07 36.40 12.33
CBB CYC N . 43.64 35.07 11.77
OB CYC N . 42.97 37.32 9.44
NC CYC N . 46.16 49.59 14.04
C1C CYC N . 46.21 50.25 15.16
C2C CYC N . 45.84 49.49 16.41
C3C CYC N . 45.49 48.17 15.83
C4C CYC N . 45.76 48.34 14.34
CMC CYC N . 46.91 49.55 17.50
CAC CYC N . 44.10 47.64 16.23
CBC CYC N . 44.03 47.11 17.60
OC CYC N . 46.55 51.51 15.31
CHD CYC N . 45.62 47.35 13.38
ND CYC N . 45.94 45.99 11.34
C1D CYC N . 45.83 47.27 11.90
C2D CYC N . 45.96 48.23 10.85
C3D CYC N . 46.17 47.49 9.57
C4D CYC N . 46.15 46.09 9.97
CMD CYC N . 45.89 49.73 10.97
CAD CYC N . 46.36 48.04 8.17
CBD CYC N . 47.67 48.32 7.67
CGD CYC N . 47.59 48.87 6.24
O1D CYC N . 47.57 50.05 6.01
O2D CYC N . 47.54 48.08 5.19
CHA CYC O . -18.19 -45.03 13.72
NA CYC O . -18.36 -43.02 12.30
C1A CYC O . -17.68 -44.07 12.87
C2A CYC O . -16.27 -44.01 12.45
C3A CYC O . -16.22 -42.85 11.59
C4A CYC O . -17.56 -42.24 11.51
CMA CYC O . -14.96 -42.39 10.91
CAA CYC O . -15.14 -44.93 12.82
CBA CYC O . -14.69 -44.83 14.22
CGA CYC O . -13.82 -43.59 14.34
O1A CYC O . -12.61 -43.81 14.42
O2A CYC O . -14.32 -42.45 14.39
CHB CYC O . -18.14 -41.04 10.82
NB CYC O . -16.31 -39.90 9.80
C1B CYC O . -17.61 -40.02 10.07
C2B CYC O . -18.34 -38.93 9.48
C3B CYC O . -17.43 -38.10 8.81
C4B CYC O . -16.22 -38.78 9.08
CMB CYC O . -19.77 -38.73 9.58
CAB CYC O . -17.63 -36.82 8.02
CBB CYC O . -17.14 -35.57 8.82
OB CYC O . -15.04 -38.28 8.60
NC CYC O . -24.69 -46.02 14.59
C1C CYC O . -25.98 -46.15 14.57
C2C CYC O . -26.80 -44.86 14.40
C3C CYC O . -25.70 -43.86 14.23
C4C CYC O . -24.43 -44.71 14.43
CMC CYC O . -27.89 -44.94 13.32
CAC CYC O . -25.82 -42.59 15.08
CBC CYC O . -26.88 -41.68 14.67
OC CYC O . -26.63 -47.27 14.69
CHD CYC O . -23.11 -44.24 14.42
ND CYC O . -20.68 -44.41 13.90
C1D CYC O . -21.79 -44.92 14.58
C2D CYC O . -21.40 -46.06 15.33
C3D CYC O . -19.95 -46.26 15.09
C4D CYC O . -19.57 -45.20 14.19
CMD CYC O . -22.27 -46.91 16.21
CAD CYC O . -19.09 -47.33 15.66
CBD CYC O . -19.10 -48.60 15.02
CGD CYC O . -18.19 -49.57 15.74
O1D CYC O . -17.01 -49.41 15.83
O2D CYC O . -18.67 -50.66 16.35
CHA CYC P . 3.70 -18.00 -24.11
NA CYC P . 2.42 -17.89 -22.03
C1A CYC P . 2.96 -18.54 -23.10
C2A CYC P . 2.59 -19.97 -23.03
C3A CYC P . 1.81 -20.05 -21.82
C4A CYC P . 1.70 -18.72 -21.22
CMA CYC P . 1.19 -21.32 -21.30
CAA CYC P . 2.95 -21.07 -24.00
CBA CYC P . 1.84 -21.75 -24.66
CGA CYC P . 1.20 -20.76 -25.58
O1A CYC P . 0.07 -20.36 -25.22
O2A CYC P . 1.80 -20.37 -26.63
CHB CYC P . 1.00 -18.24 -20.01
NB CYC P . -1.03 -19.47 -20.30
C1B CYC P . -0.29 -18.61 -19.60
C2B CYC P . -1.01 -18.14 -18.45
C3B CYC P . -2.28 -18.77 -18.45
C4B CYC P . -2.18 -19.56 -19.62
CMB CYC P . -0.50 -17.19 -17.48
CAB CYC P . -3.46 -18.66 -17.50
CBB CYC P . -3.72 -19.99 -16.76
OB CYC P . -3.22 -20.35 -20.00
NC CYC P . 6.36 -11.73 -24.00
C1C CYC P . 6.82 -10.55 -23.70
C2C CYC P . 6.17 -9.85 -22.53
C3C CYC P . 5.17 -10.86 -22.13
C4C CYC P . 5.37 -11.99 -23.12
CMC CYC P . 7.17 -9.39 -21.46
CAC CYC P . 3.73 -10.38 -21.94
CBC CYC P . 3.47 -9.47 -20.84
OC CYC P . 7.79 -9.92 -24.31
CHD CYC P . 4.65 -13.19 -23.14
ND CYC P . 4.07 -15.57 -23.41
C1D CYC P . 4.69 -14.44 -23.96
C2D CYC P . 5.26 -14.79 -25.23
C3D CYC P . 4.95 -16.24 -25.47
C4D CYC P . 4.20 -16.65 -24.28
CMD CYC P . 6.02 -13.90 -26.17
CAD CYC P . 5.32 -17.09 -26.67
CBD CYC P . 6.55 -17.85 -26.67
CGD CYC P . 6.69 -18.62 -27.98
O1D CYC P . 7.30 -18.17 -28.94
O2D CYC P . 6.15 -19.81 -28.15
#